data_9B6T
#
_entry.id   9B6T
#
_cell.length_a   1.00
_cell.length_b   1.00
_cell.length_c   1.00
_cell.angle_alpha   90.00
_cell.angle_beta   90.00
_cell.angle_gamma   90.00
#
_symmetry.space_group_name_H-M   'P 1'
#
loop_
_entity.id
_entity.type
_entity.pdbx_description
1 polymer 'Capsid protein VP1'
2 polymer 'Fab1-7 heavy chain'
3 polymer 'Fab1-7 light chain'
#
loop_
_entity_poly.entity_id
_entity_poly.type
_entity_poly.pdbx_seq_one_letter_code
_entity_poly.pdbx_strand_id
1 'polypeptide(L)'
;MASGGGAPVADNNEGADGVGSSSGNWHCDSQWLGDRVITTSTRTWALPTYNNHLYKQISNSTSGGSSNDNAYFGYSTPWG
YFDFNRFHCHFSPRDWQRLINNNWGFRPKRLNFKLFNIQVKEVTDNNGVKTIANNLTSTVQVFTDSDYQLPYVLGSAHEG
CLPPFPADVFMIPQYGYLTLNDGSQAVGRSSFYCLEYFPSQMLRTGNNFQFSYEFENVPFHSSYAHSQSLDRLMNPLIDQ
YLYYLSKTINGSGQNQQTLKFSVAGPSNMAVQGRNYIPGPSYRQQRVSTTVTQNNNSEFAWPGASSWALNGRNSLMNPGP
AMASHKEGEDRFFPLSGSLIFGKQGTGRDNVDADKVMITNEEEIKTTNPVATESYGQVATNHQSAQAQAQTGWVQNQGIL
PGMVWQDRDVYLQGPIWAKIPHTDGNFHPSPLMGGFGMKHPPPQILIKNTPVPADPPTAFNKDKLNSFITQYSTGQVSVE
IEWELQKENSKRWNPEIQYTSNYYKSNNVEFAVNTEGVYSEPRPIGTRYLTRNL
;
A,B,C,D,E,F
2 'polypeptide(L)'
;QVQLQESGPGLVKPSETLSLTCTVSGDSIRSYYWSWIRQPPGKGLEWIGHIYYSGSTNYKPSLKSRATILVDTSKNQFSL
KLRSVTAADTAVYYCAREMTGVAGRGWDHWGQGTLVTVSS
;
H
3 'polypeptide(L)'
;ALTQPPSASGTPGQRVTISCSGSSSNIGSNTVNWYQQLPGTAPKLLIFINNQRPSGVPDRFSGSKSGTSASLAISGLQSE
DEADYYCTTWDGSLNGYVFGTRTEVTVL
;
L
#
# COMPACT_ATOMS: atom_id res chain seq x y z
N LEU A 47 19.03 -19.20 37.60
CA LEU A 47 18.40 -19.05 36.29
C LEU A 47 17.34 -20.11 36.03
N PRO A 48 16.08 -19.76 36.19
CA PRO A 48 14.98 -20.69 35.96
C PRO A 48 14.63 -20.73 34.48
N THR A 49 13.54 -21.43 34.20
CA THR A 49 12.97 -21.46 32.86
C THR A 49 11.71 -20.60 32.83
N TYR A 50 11.74 -19.55 32.01
CA TYR A 50 10.61 -18.64 31.91
C TYR A 50 9.71 -19.05 30.76
N ASN A 51 8.41 -18.82 30.94
CA ASN A 51 7.41 -18.93 29.89
C ASN A 51 7.37 -20.30 29.26
N ASN A 52 7.91 -21.32 29.93
CA ASN A 52 7.94 -22.67 29.38
C ASN A 52 8.57 -22.70 27.99
N HIS A 53 9.66 -21.94 27.82
CA HIS A 53 10.41 -21.88 26.57
C HIS A 53 9.57 -21.28 25.45
N LEU A 54 8.87 -20.19 25.77
CA LEU A 54 7.96 -19.58 24.79
C LEU A 54 8.16 -18.08 24.76
N TYR A 55 7.98 -17.52 23.56
CA TYR A 55 7.78 -16.10 23.39
C TYR A 55 6.29 -15.83 23.50
N LYS A 56 5.91 -14.83 24.28
CA LYS A 56 4.51 -14.54 24.50
C LYS A 56 4.31 -13.03 24.50
N GLN A 57 3.35 -12.55 23.72
CA GLN A 57 3.11 -11.11 23.67
C GLN A 57 2.33 -10.73 24.92
N ILE A 58 2.53 -9.50 25.35
CA ILE A 58 1.77 -9.01 26.49
C ILE A 58 1.24 -7.62 26.18
N SER A 59 0.12 -7.29 26.79
CA SER A 59 -0.46 -5.97 26.66
C SER A 59 -1.11 -5.60 27.97
N ASN A 60 -1.47 -4.33 28.11
CA ASN A 60 -2.21 -3.90 29.28
C ASN A 60 -3.49 -4.71 29.41
N SER A 61 -4.01 -5.17 28.27
CA SER A 61 -5.18 -6.04 28.29
C SER A 61 -4.88 -7.35 29.02
N THR A 62 -3.70 -7.92 28.78
CA THR A 62 -3.30 -9.10 29.54
C THR A 62 -3.05 -8.75 31.00
N SER A 63 -2.97 -7.46 31.33
CA SER A 63 -2.78 -6.99 32.69
C SER A 63 -4.08 -6.57 33.36
N GLY A 64 -5.23 -6.75 32.69
CA GLY A 64 -6.49 -6.29 33.21
C GLY A 64 -7.09 -5.11 32.51
N GLY A 65 -6.37 -4.50 31.56
CA GLY A 65 -6.88 -3.41 30.77
C GLY A 65 -6.37 -2.04 31.16
N SER A 66 -5.94 -1.85 32.40
CA SER A 66 -5.17 -0.67 32.85
C SER A 66 -5.90 0.60 32.41
N SER A 67 -5.19 1.61 31.92
CA SER A 67 -5.83 2.84 31.44
C SER A 67 -4.92 3.53 30.43
N ASN A 68 -5.38 4.64 29.88
CA ASN A 68 -4.74 5.26 28.71
C ASN A 68 -3.27 5.56 28.93
N ASP A 69 -2.92 6.34 29.95
CA ASP A 69 -1.51 6.67 30.13
C ASP A 69 -0.67 5.44 30.43
N ASN A 70 -1.25 4.38 30.95
CA ASN A 70 -0.52 3.16 31.25
C ASN A 70 -0.60 2.10 30.17
N ALA A 71 -1.21 2.40 29.02
CA ALA A 71 -1.32 1.42 27.96
C ALA A 71 0.04 1.01 27.43
N TYR A 72 0.18 -0.27 27.08
CA TYR A 72 1.43 -0.76 26.54
C TYR A 72 1.19 -2.03 25.73
N PHE A 73 2.16 -2.37 24.90
CA PHE A 73 2.14 -3.58 24.09
C PHE A 73 3.56 -4.07 23.91
N GLY A 74 3.75 -5.37 23.94
CA GLY A 74 5.08 -5.92 23.76
C GLY A 74 5.11 -7.41 23.99
N TYR A 75 6.31 -7.94 24.13
CA TYR A 75 6.52 -9.37 24.18
C TYR A 75 7.30 -9.75 25.44
N SER A 76 7.12 -10.99 25.86
CA SER A 76 7.91 -11.59 26.93
C SER A 76 8.65 -12.79 26.39
N THR A 77 9.94 -12.87 26.67
CA THR A 77 10.84 -13.82 26.05
C THR A 77 11.32 -14.85 27.06
N PRO A 78 11.70 -16.04 26.60
CA PRO A 78 12.25 -17.04 27.51
C PRO A 78 13.61 -16.67 28.06
N TRP A 79 14.28 -15.69 27.48
CA TRP A 79 15.65 -15.37 27.84
C TRP A 79 15.72 -14.51 29.08
N GLY A 80 16.78 -14.72 29.87
CA GLY A 80 17.11 -13.87 30.98
C GLY A 80 18.32 -13.01 30.63
N TYR A 81 18.66 -12.11 31.55
CA TYR A 81 19.82 -11.27 31.32
C TYR A 81 20.46 -10.80 32.61
N PHE A 143 24.91 -15.35 24.48
CA PHE A 143 25.57 -14.43 23.56
C PHE A 143 25.46 -12.99 24.07
N THR A 144 26.17 -12.09 23.41
CA THR A 144 26.03 -10.66 23.66
C THR A 144 25.50 -9.98 22.41
N ASP A 145 24.77 -8.89 22.60
CA ASP A 145 24.39 -8.05 21.47
C ASP A 145 25.35 -6.87 21.48
N SER A 146 26.30 -6.92 20.56
CA SER A 146 27.29 -5.86 20.45
C SER A 146 26.94 -4.85 19.37
N ASP A 147 25.90 -5.10 18.59
CA ASP A 147 25.42 -4.15 17.60
C ASP A 147 24.21 -3.36 18.08
N TYR A 148 23.73 -3.61 19.28
CA TYR A 148 22.61 -2.87 19.85
C TYR A 148 21.38 -3.02 18.96
N GLN A 149 21.20 -4.20 18.41
CA GLN A 149 20.09 -4.49 17.52
C GLN A 149 18.81 -4.79 18.27
N LEU A 150 18.91 -5.18 19.51
CA LEU A 150 17.77 -5.46 20.37
C LEU A 150 17.35 -4.21 21.12
N PRO A 151 16.11 -4.15 21.59
CA PRO A 151 15.73 -3.10 22.53
C PRO A 151 16.62 -3.14 23.76
N TYR A 152 17.05 -1.97 24.22
CA TYR A 152 18.00 -1.87 25.33
C TYR A 152 17.25 -1.42 26.57
N VAL A 153 17.02 -2.35 27.49
CA VAL A 153 16.21 -2.08 28.68
C VAL A 153 17.03 -1.81 29.93
N LEU A 154 18.36 -1.81 29.83
CA LEU A 154 19.15 -1.66 31.04
C LEU A 154 19.07 -0.29 31.67
N GLY A 155 18.87 0.75 30.87
CA GLY A 155 18.88 2.10 31.40
C GLY A 155 17.61 2.52 32.09
N SER A 156 16.71 1.57 32.38
CA SER A 156 15.43 1.88 33.00
C SER A 156 15.42 1.68 34.50
N ALA A 157 16.56 1.34 35.11
CA ALA A 157 16.70 1.25 36.56
C ALA A 157 15.85 0.13 37.15
N HIS A 158 15.74 -0.98 36.42
CA HIS A 158 15.03 -2.14 36.91
C HIS A 158 15.85 -2.92 37.92
N GLU A 159 15.16 -3.77 38.66
CA GLU A 159 15.76 -4.59 39.69
C GLU A 159 16.64 -5.66 39.04
N GLY A 160 17.29 -6.47 39.86
CA GLY A 160 18.19 -7.49 39.35
C GLY A 160 19.44 -6.93 38.70
N MET A 171 18.99 -13.55 41.73
CA MET A 171 18.21 -14.21 40.68
C MET A 171 18.31 -13.47 39.36
N ILE A 172 18.28 -14.20 38.26
CA ILE A 172 18.37 -13.58 36.92
C ILE A 172 16.98 -13.19 36.46
N PRO A 173 16.74 -11.93 36.15
CA PRO A 173 15.41 -11.49 35.73
C PRO A 173 15.10 -11.87 34.30
N GLN A 174 13.83 -11.83 33.97
CA GLN A 174 13.36 -12.17 32.63
C GLN A 174 13.56 -10.98 31.69
N TYR A 175 13.77 -11.29 30.41
CA TYR A 175 13.92 -10.27 29.40
C TYR A 175 12.63 -10.13 28.59
N GLY A 176 12.32 -8.90 28.21
CA GLY A 176 11.14 -8.62 27.42
C GLY A 176 11.15 -7.14 27.06
N TYR A 177 10.39 -6.79 26.01
CA TYR A 177 10.51 -5.45 25.47
C TYR A 177 9.18 -4.95 24.94
N LEU A 178 8.94 -3.66 25.14
CA LEU A 178 7.78 -2.98 24.57
C LEU A 178 8.08 -2.47 23.17
N THR A 179 7.04 -2.43 22.34
CA THR A 179 7.12 -1.80 21.03
C THR A 179 6.00 -0.77 20.90
N LEU A 180 5.85 -0.26 19.68
CA LEU A 180 4.77 0.68 19.40
C LEU A 180 3.42 0.02 19.64
N ASN A 181 2.43 0.82 19.99
CA ASN A 181 1.10 0.30 20.21
C ASN A 181 0.04 1.35 19.93
N ASP A 182 -1.21 0.91 19.98
CA ASP A 182 -2.35 1.80 20.09
C ASP A 182 -3.32 1.17 21.06
N GLY A 183 -3.59 1.84 22.18
CA GLY A 183 -4.28 1.15 23.25
C GLY A 183 -3.49 -0.09 23.57
N SER A 184 -4.18 -1.23 23.61
CA SER A 184 -3.50 -2.50 23.74
C SER A 184 -3.11 -3.11 22.41
N GLN A 185 -3.63 -2.59 21.30
CA GLN A 185 -3.35 -3.14 19.99
C GLN A 185 -2.03 -2.66 19.44
N ALA A 186 -1.48 -3.44 18.52
CA ALA A 186 -0.22 -3.14 17.87
C ALA A 186 -0.45 -2.49 16.52
N VAL A 187 0.30 -1.44 16.23
CA VAL A 187 0.32 -0.91 14.89
C VAL A 187 1.22 -1.77 14.02
N GLY A 188 1.01 -1.69 12.71
CA GLY A 188 1.78 -2.51 11.79
C GLY A 188 3.25 -2.18 11.83
N ARG A 189 3.61 -1.08 12.48
CA ARG A 189 5.02 -0.69 12.52
C ARG A 189 5.74 -1.37 13.67
N SER A 190 5.01 -2.09 14.50
CA SER A 190 5.63 -2.77 15.63
C SER A 190 6.66 -3.78 15.17
N SER A 191 7.66 -4.01 16.00
CA SER A 191 8.72 -4.95 15.69
C SER A 191 8.66 -6.15 16.62
N PHE A 192 9.11 -7.27 16.11
CA PHE A 192 9.22 -8.50 16.88
C PHE A 192 10.59 -9.09 16.67
N TYR A 193 11.23 -9.48 17.76
CA TYR A 193 12.59 -10.01 17.73
C TYR A 193 12.59 -11.41 18.32
N CYS A 194 13.16 -12.35 17.58
CA CYS A 194 13.40 -13.69 18.09
C CYS A 194 14.86 -13.79 18.47
N LEU A 195 15.13 -13.86 19.77
CA LEU A 195 16.50 -13.92 20.23
C LEU A 195 17.22 -15.17 19.75
N GLU A 196 16.48 -16.26 19.54
CA GLU A 196 17.04 -17.45 18.93
C GLU A 196 17.70 -17.18 17.60
N TYR A 197 17.39 -16.07 16.97
CA TYR A 197 17.84 -15.81 15.61
C TYR A 197 19.24 -15.21 15.59
N PHE A 198 19.83 -15.04 16.71
CA PHE A 198 21.23 -14.67 16.94
C PHE A 198 22.08 -15.92 17.13
N PRO A 199 23.37 -15.85 16.78
CA PRO A 199 24.28 -16.97 17.00
C PRO A 199 24.69 -17.15 18.46
N PRO A 280 17.72 27.02 33.39
CA PRO A 280 16.98 25.85 32.93
C PRO A 280 16.19 25.18 34.06
N SER A 281 14.89 25.40 34.09
CA SER A 281 14.06 24.87 35.16
C SER A 281 12.65 24.62 34.67
N TYR A 282 12.03 23.60 35.25
CA TYR A 282 10.62 23.27 35.04
C TYR A 282 10.08 23.00 36.44
N ARG A 283 9.19 23.85 36.95
CA ARG A 283 8.94 23.82 38.39
C ARG A 283 8.24 22.54 38.80
N GLN A 284 8.62 22.03 39.95
CA GLN A 284 7.97 20.92 40.61
C GLN A 284 7.09 21.47 41.74
N GLN A 285 5.98 20.78 42.01
CA GLN A 285 5.21 21.09 43.20
C GLN A 285 6.00 20.73 44.46
N ARG A 286 5.84 21.55 45.49
CA ARG A 286 6.62 21.41 46.71
C ARG A 286 5.88 20.59 47.75
N VAL A 287 6.40 19.41 48.05
CA VAL A 287 5.84 18.52 49.06
C VAL A 287 6.67 18.65 50.33
N SER A 288 6.02 19.06 51.41
CA SER A 288 6.68 19.18 52.70
C SER A 288 6.49 17.92 53.51
N THR A 289 7.53 17.53 54.23
CA THR A 289 7.48 16.35 55.09
C THR A 289 6.65 16.57 56.34
N THR A 290 6.19 17.79 56.58
CA THR A 290 5.30 18.06 57.70
C THR A 290 3.87 17.93 57.20
N VAL A 291 3.17 16.91 57.66
CA VAL A 291 1.93 16.51 57.01
C VAL A 291 0.88 17.60 57.09
N THR A 292 0.67 18.19 58.26
CA THR A 292 -0.38 19.19 58.39
C THR A 292 -0.10 20.41 57.53
N GLN A 293 1.17 20.71 57.23
CA GLN A 293 1.47 21.77 56.29
C GLN A 293 0.99 21.42 54.88
N ASN A 294 0.95 20.15 54.53
CA ASN A 294 0.41 19.76 53.24
C ASN A 294 -1.10 19.91 53.25
N ASN A 295 -1.66 20.16 52.06
CA ASN A 295 -3.10 20.36 51.91
C ASN A 295 -3.90 19.08 52.04
N ASN A 296 -5.11 19.19 52.58
CA ASN A 296 -5.97 18.03 52.76
C ASN A 296 -6.78 17.73 51.51
N SER A 297 -6.10 17.30 50.46
CA SER A 297 -6.73 16.96 49.19
C SER A 297 -5.78 16.04 48.43
N GLU A 298 -6.30 15.28 47.48
CA GLU A 298 -5.45 14.36 46.72
C GLU A 298 -4.84 15.05 45.51
N PHE A 299 -3.62 15.56 45.69
CA PHE A 299 -2.91 16.25 44.64
C PHE A 299 -1.69 15.48 44.15
N ALA A 300 -1.58 14.22 44.54
CA ALA A 300 -0.40 13.45 44.17
C ALA A 300 -0.21 13.31 42.66
N TRP A 301 -1.28 13.01 41.94
CA TRP A 301 -1.17 12.89 40.49
C TRP A 301 -1.65 14.14 39.78
N PRO A 302 -2.72 14.76 40.30
CA PRO A 302 -3.30 15.95 39.71
C PRO A 302 -2.37 17.16 39.68
N GLY A 303 -1.64 17.38 40.78
CA GLY A 303 -0.73 18.50 40.86
C GLY A 303 0.66 18.27 40.31
N ALA A 304 0.99 17.02 40.01
CA ALA A 304 2.31 16.69 39.51
C ALA A 304 2.62 17.29 38.14
N SER A 305 3.85 17.74 37.97
CA SER A 305 4.29 18.30 36.72
C SER A 305 4.55 17.12 35.79
N SER A 306 4.00 17.17 34.58
CA SER A 306 4.14 16.05 33.68
C SER A 306 4.43 16.57 32.27
N TRP A 307 4.83 15.66 31.41
CA TRP A 307 4.91 15.94 29.99
C TRP A 307 4.13 14.90 29.22
N ALA A 308 3.40 15.36 28.22
CA ALA A 308 2.53 14.51 27.41
C ALA A 308 3.18 14.23 26.07
N LEU A 309 3.06 12.98 25.62
CA LEU A 309 3.62 12.55 24.36
C LEU A 309 2.61 11.68 23.65
N ASN A 310 2.23 12.08 22.44
CA ASN A 310 1.27 11.32 21.64
C ASN A 310 0.00 11.03 22.42
N GLY A 311 -0.47 12.01 23.16
CA GLY A 311 -1.71 11.87 23.88
C GLY A 311 -1.61 11.15 25.21
N ARG A 312 -0.43 10.70 25.60
CA ARG A 312 -0.25 10.09 26.91
C ARG A 312 0.52 11.04 27.82
N ASN A 313 0.06 11.13 29.06
CA ASN A 313 0.69 11.99 30.05
C ASN A 313 1.67 11.19 30.88
N SER A 314 2.93 11.62 30.88
CA SER A 314 3.98 10.99 31.66
C SER A 314 4.48 11.97 32.70
N LEU A 315 4.47 11.53 33.97
CA LEU A 315 5.03 12.32 35.04
C LEU A 315 6.48 12.68 34.73
N MET A 316 6.90 13.86 35.16
CA MET A 316 8.27 14.31 34.91
C MET A 316 9.12 13.80 36.05
N ASN A 317 9.95 12.81 35.75
CA ASN A 317 10.70 12.14 36.78
C ASN A 317 12.05 11.67 36.26
N PRO A 318 13.12 11.89 37.03
CA PRO A 318 13.24 12.81 38.15
C PRO A 318 13.17 14.25 37.69
N GLY A 319 13.35 14.46 36.39
CA GLY A 319 13.26 15.77 35.82
C GLY A 319 14.62 16.40 35.62
N PRO A 320 14.65 17.71 35.36
CA PRO A 320 15.92 18.40 35.27
C PRO A 320 16.58 18.52 36.63
N ALA A 321 17.88 18.83 36.62
CA ALA A 321 18.64 18.92 37.86
C ALA A 321 18.35 20.25 38.54
N MET A 322 17.81 20.19 39.75
CA MET A 322 17.47 21.40 40.51
C MET A 322 17.66 21.18 42.01
N PRO A 334 9.87 18.93 46.57
CA PRO A 334 9.73 18.52 45.17
C PRO A 334 9.04 17.18 45.07
N LEU A 335 7.84 17.15 44.48
CA LEU A 335 7.07 15.92 44.43
C LEU A 335 7.84 14.82 43.71
N SER A 336 8.02 14.97 42.39
CA SER A 336 8.67 13.95 41.59
C SER A 336 10.14 14.26 41.33
N GLY A 337 10.64 15.38 41.82
CA GLY A 337 11.97 15.85 41.44
C GLY A 337 13.13 14.97 41.85
N SER A 338 13.06 14.27 42.97
CA SER A 338 14.22 13.59 43.51
C SER A 338 14.00 12.09 43.54
N LEU A 339 15.11 11.36 43.49
CA LEU A 339 15.06 9.90 43.51
C LEU A 339 14.59 9.43 44.89
N ILE A 340 14.10 8.19 44.94
CA ILE A 340 13.65 7.56 46.18
C ILE A 340 14.06 6.10 46.13
N PHE A 341 14.49 5.56 47.25
CA PHE A 341 14.95 4.18 47.32
C PHE A 341 14.20 3.45 48.42
N GLY A 342 14.34 2.13 48.41
CA GLY A 342 13.70 1.30 49.43
C GLY A 342 14.66 0.81 50.50
N SER A 374 10.19 29.32 41.20
CA SER A 374 10.24 29.93 39.87
C SER A 374 11.66 30.29 39.49
N TYR A 375 11.85 30.66 38.22
CA TYR A 375 13.19 30.99 37.75
C TYR A 375 13.45 32.48 37.87
N GLY A 376 12.42 33.26 38.17
CA GLY A 376 12.58 34.70 38.20
C GLY A 376 11.27 35.37 37.87
N GLN A 377 11.38 36.60 37.38
CA GLN A 377 10.23 37.33 36.86
C GLN A 377 10.62 37.98 35.54
N VAL A 378 9.60 38.44 34.81
CA VAL A 378 9.80 39.10 33.52
C VAL A 378 8.84 40.27 33.41
N ALA A 379 9.20 41.20 32.53
CA ALA A 379 8.30 42.30 32.19
C ALA A 379 7.18 41.79 31.31
N THR A 380 5.93 42.03 31.72
CA THR A 380 4.78 41.58 30.95
C THR A 380 4.14 42.67 30.10
N ASN A 381 4.62 43.90 30.17
CA ASN A 381 3.95 44.99 29.46
C ASN A 381 4.90 46.17 29.31
N HIS A 382 4.42 47.20 28.65
CA HIS A 382 5.12 48.47 28.56
C HIS A 382 4.68 49.38 29.69
N GLN A 383 5.64 49.88 30.45
CA GLN A 383 5.39 50.98 31.36
C GLN A 383 5.00 52.22 30.57
N SER A 384 4.28 53.11 31.23
CA SER A 384 3.84 54.36 30.62
C SER A 384 3.34 55.27 31.72
N ALA A 385 2.77 56.41 31.31
CA ALA A 385 2.04 57.23 32.27
C ALA A 385 0.91 56.44 32.91
N GLN A 386 0.03 55.88 32.11
CA GLN A 386 -1.15 55.17 32.58
C GLN A 386 -0.81 53.81 33.17
N ALA A 387 0.04 53.03 32.52
CA ALA A 387 0.23 51.63 32.86
C ALA A 387 1.44 51.47 33.77
N GLN A 388 1.22 50.92 34.95
CA GLN A 388 2.33 50.57 35.81
C GLN A 388 3.18 49.49 35.15
N ALA A 389 4.43 49.42 35.57
CA ALA A 389 5.27 48.31 35.13
C ALA A 389 4.82 47.04 35.83
N GLN A 390 4.52 46.02 35.04
CA GLN A 390 3.99 44.77 35.54
C GLN A 390 4.99 43.66 35.31
N THR A 391 4.99 42.67 36.20
CA THR A 391 5.87 41.53 36.10
C THR A 391 5.07 40.26 36.29
N GLY A 392 5.69 39.14 35.94
CA GLY A 392 5.06 37.85 36.12
C GLY A 392 6.11 36.79 36.31
N TRP A 393 5.70 35.72 36.96
CA TRP A 393 6.62 34.66 37.35
C TRP A 393 7.00 33.81 36.16
N VAL A 394 8.16 33.19 36.23
CA VAL A 394 8.63 32.28 35.18
C VAL A 394 8.63 30.88 35.75
N GLN A 395 7.68 30.06 35.30
CA GLN A 395 7.57 28.70 35.81
C GLN A 395 8.53 27.75 35.12
N ASN A 396 8.73 27.91 33.81
CA ASN A 396 9.63 27.05 33.06
C ASN A 396 10.57 27.91 32.24
N GLN A 397 11.79 27.44 32.05
CA GLN A 397 12.78 28.17 31.27
C GLN A 397 13.74 27.18 30.61
N GLY A 398 14.12 27.48 29.37
CA GLY A 398 15.09 26.68 28.66
C GLY A 398 16.45 27.33 28.56
N ILE A 399 17.35 26.62 27.90
CA ILE A 399 18.74 27.07 27.81
C ILE A 399 18.81 28.42 27.14
N LEU A 400 19.83 29.20 27.48
CA LEU A 400 20.06 30.49 26.86
C LEU A 400 21.52 30.67 26.45
N ALA A 418 23.16 4.11 31.03
CA ALA A 418 22.04 4.77 30.37
C ALA A 418 22.35 5.07 28.91
N LYS A 419 21.72 4.35 28.00
CA LYS A 419 22.03 4.43 26.57
C LYS A 419 21.43 5.69 25.98
N ILE A 420 22.23 6.44 25.24
CA ILE A 420 21.70 7.58 24.51
C ILE A 420 20.82 7.06 23.37
N PRO A 421 19.54 7.42 23.32
CA PRO A 421 18.70 6.97 22.20
C PRO A 421 19.25 7.49 20.89
N HIS A 422 18.96 6.76 19.82
CA HIS A 422 19.51 7.10 18.52
C HIS A 422 18.51 8.02 17.84
N THR A 423 18.86 9.30 17.73
CA THR A 423 17.96 10.30 17.20
C THR A 423 18.74 11.34 16.43
N ASP A 424 18.02 12.19 15.71
CA ASP A 424 18.67 13.26 14.98
C ASP A 424 19.29 14.29 15.92
N GLY A 425 18.71 14.46 17.10
CA GLY A 425 19.19 15.51 17.98
C GLY A 425 18.99 15.21 19.43
N ASN A 426 19.84 15.84 20.23
CA ASN A 426 19.80 15.75 21.68
C ASN A 426 20.55 16.95 22.23
N PHE A 427 20.35 17.22 23.50
CA PHE A 427 21.13 18.25 24.18
C PHE A 427 21.51 17.77 25.57
N HIS A 428 22.79 17.87 25.88
CA HIS A 428 23.37 17.41 27.14
C HIS A 428 22.91 15.98 27.38
N PRO A 429 23.42 15.05 26.61
CA PRO A 429 22.90 13.68 26.64
C PRO A 429 23.00 12.98 27.98
N SER A 430 23.71 13.56 28.93
CA SER A 430 23.83 12.96 30.25
C SER A 430 22.45 12.60 30.80
N PRO A 431 22.22 11.33 31.17
CA PRO A 431 20.88 10.92 31.57
C PRO A 431 20.37 11.73 32.74
N LEU A 432 19.04 11.73 32.90
CA LEU A 432 18.44 12.52 33.96
C LEU A 432 18.52 11.82 35.30
N MET A 433 18.71 10.52 35.32
CA MET A 433 18.93 9.84 36.59
C MET A 433 20.40 9.67 36.90
N GLY A 434 21.30 10.23 36.11
CA GLY A 434 22.71 10.21 36.36
C GLY A 434 23.40 9.06 35.66
N GLY A 435 24.70 9.23 35.45
CA GLY A 435 25.51 8.16 34.86
C GLY A 435 26.20 8.55 33.57
N GLY A 437 25.93 8.34 30.07
CA GLY A 437 25.32 8.55 28.77
C GLY A 437 26.24 8.22 27.62
N MET A 438 25.93 7.15 26.90
CA MET A 438 26.80 6.66 25.84
C MET A 438 25.97 6.24 24.65
N LYS A 439 26.47 6.54 23.45
CA LYS A 439 25.85 6.00 22.25
C LYS A 439 26.07 4.51 22.11
N HIS A 440 27.06 3.95 22.80
CA HIS A 440 27.34 2.52 22.78
C HIS A 440 27.63 2.10 24.21
N PRO A 441 26.60 1.95 25.03
CA PRO A 441 26.81 1.57 26.42
C PRO A 441 27.39 0.17 26.50
N PRO A 442 27.66 -0.34 27.69
CA PRO A 442 27.98 -1.73 27.83
C PRO A 442 26.91 -2.59 27.18
N PRO A 443 27.29 -3.53 26.33
CA PRO A 443 26.29 -4.30 25.58
C PRO A 443 25.47 -5.18 26.50
N GLN A 444 24.33 -5.61 25.99
CA GLN A 444 23.50 -6.56 26.72
C GLN A 444 24.04 -7.97 26.59
N ILE A 445 23.73 -8.81 27.57
CA ILE A 445 24.19 -10.19 27.62
C ILE A 445 22.98 -11.04 27.97
N LEU A 446 22.64 -11.96 27.07
CA LEU A 446 21.42 -12.74 27.18
C LEU A 446 21.76 -14.22 27.36
N ILE A 447 20.96 -14.91 28.17
CA ILE A 447 21.19 -16.32 28.44
C ILE A 447 19.86 -17.01 28.72
N LYS A 448 19.75 -18.27 28.30
CA LYS A 448 18.64 -19.11 28.67
C LYS A 448 19.09 -20.56 28.65
N ASN A 449 18.32 -21.41 29.31
CA ASN A 449 18.60 -22.83 29.34
C ASN A 449 18.07 -23.48 28.07
N THR A 450 18.94 -24.11 27.32
CA THR A 450 18.51 -24.82 26.13
C THR A 450 17.47 -25.86 26.51
N PRO A 451 16.27 -25.79 25.95
CA PRO A 451 15.21 -26.73 26.35
C PRO A 451 15.53 -28.15 25.90
N VAL A 452 15.29 -29.10 26.79
CA VAL A 452 15.41 -30.52 26.47
C VAL A 452 14.03 -31.14 26.61
N PRO A 453 13.46 -31.69 25.55
CA PRO A 453 12.09 -32.20 25.63
C PRO A 453 12.05 -33.53 26.36
N ALA A 454 10.88 -33.85 26.90
CA ALA A 454 10.66 -35.16 27.49
C ALA A 454 10.47 -36.19 26.38
N ASP A 455 10.06 -37.39 26.76
CA ASP A 455 9.90 -38.46 25.79
C ASP A 455 8.85 -38.09 24.75
N PRO A 456 9.22 -38.03 23.47
CA PRO A 456 8.23 -37.77 22.43
C PRO A 456 7.33 -38.96 22.24
N PRO A 457 6.20 -38.79 21.56
CA PRO A 457 5.37 -39.95 21.20
C PRO A 457 6.11 -40.87 20.24
N THR A 458 5.59 -42.10 20.13
CA THR A 458 6.26 -43.13 19.35
C THR A 458 5.85 -43.14 17.88
N ALA A 459 4.83 -42.38 17.50
CA ALA A 459 4.46 -42.21 16.11
C ALA A 459 4.56 -40.73 15.76
N PHE A 460 4.92 -40.42 14.53
CA PHE A 460 5.25 -39.05 14.18
C PHE A 460 4.05 -38.13 14.32
N ASN A 461 4.32 -36.93 14.81
CA ASN A 461 3.32 -35.87 14.92
C ASN A 461 4.00 -34.54 14.63
N LYS A 462 3.34 -33.71 13.84
CA LYS A 462 3.96 -32.49 13.33
C LYS A 462 3.94 -31.34 14.32
N ASP A 463 3.10 -31.38 15.33
CA ASP A 463 3.01 -30.27 16.28
C ASP A 463 4.32 -30.10 17.01
N LYS A 464 4.58 -28.87 17.45
CA LYS A 464 5.80 -28.66 18.22
C LYS A 464 5.67 -29.34 19.57
N LEU A 465 6.81 -29.70 20.15
CA LEU A 465 6.82 -30.44 21.40
C LEU A 465 6.58 -29.48 22.55
N ASN A 466 5.52 -29.73 23.31
CA ASN A 466 5.21 -28.95 24.50
C ASN A 466 5.67 -29.61 25.79
N SER A 467 6.22 -30.82 25.72
CA SER A 467 6.58 -31.61 26.89
C SER A 467 8.06 -31.43 27.19
N PHE A 468 8.38 -30.99 28.41
CA PHE A 468 9.75 -30.65 28.74
C PHE A 468 10.10 -31.06 30.16
N ILE A 469 11.39 -31.30 30.35
CA ILE A 469 11.95 -31.63 31.66
C ILE A 469 12.15 -30.34 32.43
N THR A 470 11.61 -30.28 33.64
CA THR A 470 11.83 -29.13 34.50
C THR A 470 13.31 -28.96 34.74
N GLN A 471 13.77 -27.71 34.79
CA GLN A 471 15.20 -27.46 34.84
C GLN A 471 15.53 -25.98 35.08
N GLN B 228 21.24 42.48 5.74
CA GLN B 228 20.09 41.59 5.67
C GLN B 228 19.51 41.30 7.04
N SER B 229 18.20 41.11 7.07
CA SER B 229 17.48 40.74 8.27
C SER B 229 17.02 39.30 8.15
N LEU B 230 16.86 38.65 9.30
CA LEU B 230 16.57 37.22 9.32
C LEU B 230 15.40 36.86 8.42
N ASP B 231 14.28 37.56 8.55
CA ASP B 231 13.06 37.23 7.84
C ASP B 231 13.13 37.51 6.34
N ARG B 232 14.03 38.37 5.90
CA ARG B 232 14.07 38.83 4.51
C ARG B 232 15.03 38.07 3.62
N LEU B 233 15.61 36.97 4.09
CA LEU B 233 16.60 36.20 3.33
C LEU B 233 16.09 35.68 1.99
N MET B 234 14.79 35.74 1.74
CA MET B 234 14.18 35.21 0.53
C MET B 234 14.62 36.00 -0.71
N ASN B 235 14.41 35.40 -1.86
CA ASN B 235 14.43 36.15 -3.11
C ASN B 235 13.14 36.96 -3.22
N PRO B 236 13.23 38.28 -3.37
CA PRO B 236 12.01 39.10 -3.45
C PRO B 236 11.21 38.90 -4.71
N LEU B 237 11.77 38.29 -5.75
CA LEU B 237 11.07 38.24 -7.04
C LEU B 237 10.22 37.00 -7.26
N ILE B 238 10.36 35.97 -6.42
CA ILE B 238 9.87 34.65 -6.78
C ILE B 238 9.00 34.08 -5.67
N ASP B 239 8.03 33.27 -6.05
CA ASP B 239 7.16 32.56 -5.12
C ASP B 239 7.87 31.36 -4.52
N GLN B 240 7.48 31.01 -3.30
CA GLN B 240 7.75 29.67 -2.82
C GLN B 240 6.76 28.69 -3.44
N TYR B 241 7.17 27.45 -3.55
CA TYR B 241 6.24 26.40 -3.93
C TYR B 241 5.44 25.86 -2.76
N LEU B 242 5.67 26.37 -1.55
CA LEU B 242 4.85 26.00 -0.42
C LEU B 242 3.57 26.82 -0.39
N TYR B 243 2.56 26.27 0.27
CA TYR B 243 1.27 26.92 0.44
C TYR B 243 1.02 27.23 1.90
N TYR B 244 0.14 28.20 2.12
CA TYR B 244 -0.30 28.52 3.46
C TYR B 244 -1.82 28.64 3.45
N LEU B 245 -2.41 28.73 4.63
CA LEU B 245 -3.86 28.84 4.76
C LEU B 245 -4.36 30.28 4.72
N SER B 246 -4.56 30.80 3.51
CA SER B 246 -5.00 32.18 3.33
C SER B 246 -6.37 32.58 3.88
N LYS B 247 -7.40 31.77 3.67
CA LYS B 247 -8.73 32.13 4.14
C LYS B 247 -9.52 30.98 4.76
N THR B 248 -10.24 31.26 5.83
CA THR B 248 -11.05 30.22 6.49
C THR B 248 -12.56 30.47 6.49
N ILE B 249 -12.99 31.58 5.92
CA ILE B 249 -14.43 31.90 5.83
C ILE B 249 -14.82 32.52 4.48
N ASN B 250 -14.90 31.67 3.47
CA ASN B 250 -15.21 32.07 2.08
C ASN B 250 -16.58 32.70 1.82
N GLY B 251 -17.60 32.21 2.52
CA GLY B 251 -18.95 32.70 2.35
C GLY B 251 -19.18 34.19 2.54
N SER B 252 -20.23 34.70 1.91
CA SER B 252 -20.60 36.10 2.02
C SER B 252 -21.82 36.18 2.91
N GLY B 253 -21.74 37.01 3.95
CA GLY B 253 -22.79 37.19 4.94
C GLY B 253 -22.91 36.06 5.96
N GLN B 254 -23.20 34.84 5.51
CA GLN B 254 -23.27 33.67 6.38
C GLN B 254 -21.90 33.38 6.98
N ASN B 255 -20.91 33.69 6.13
CA ASN B 255 -19.50 33.57 6.35
C ASN B 255 -19.10 32.17 6.68
N GLN B 256 -19.79 31.17 6.13
CA GLN B 256 -19.48 29.75 6.38
C GLN B 256 -17.98 29.34 6.29
N GLN B 257 -17.57 28.49 7.23
CA GLN B 257 -16.19 27.99 7.36
C GLN B 257 -15.69 27.12 6.21
N THR B 258 -14.65 27.58 5.53
CA THR B 258 -14.09 26.92 4.37
C THR B 258 -12.59 26.94 4.48
N LEU B 259 -11.92 26.06 3.75
CA LEU B 259 -10.46 26.04 3.75
C LEU B 259 -9.97 26.55 2.41
N LYS B 260 -9.05 27.49 2.46
CA LYS B 260 -8.51 28.11 1.25
C LYS B 260 -7.00 28.21 1.41
N PHE B 261 -6.26 28.02 0.32
CA PHE B 261 -4.82 28.06 0.41
C PHE B 261 -4.26 28.95 -0.69
N SER B 262 -3.05 29.46 -0.45
CA SER B 262 -2.47 30.40 -1.38
C SER B 262 -0.97 30.18 -1.43
N VAL B 263 -0.39 30.45 -2.59
CA VAL B 263 1.05 30.38 -2.74
C VAL B 263 1.69 31.52 -1.97
N ALA B 264 2.62 31.18 -1.08
CA ALA B 264 3.36 32.20 -0.36
C ALA B 264 4.40 32.83 -1.28
N GLY B 265 4.33 34.14 -1.46
CA GLY B 265 5.17 34.78 -2.44
C GLY B 265 5.46 36.24 -2.13
N PRO B 266 6.18 36.90 -3.05
CA PRO B 266 6.53 38.31 -2.84
C PRO B 266 5.37 39.19 -2.47
N SER B 267 4.16 38.84 -2.92
CA SER B 267 2.98 39.58 -2.49
C SER B 267 2.88 39.63 -0.98
N ASN B 268 2.91 38.47 -0.33
CA ASN B 268 2.86 38.39 1.13
C ASN B 268 4.11 37.68 1.61
N MET B 269 5.05 38.41 2.21
CA MET B 269 6.28 37.82 2.68
C MET B 269 6.22 37.39 4.13
N ALA B 270 5.20 37.79 4.87
CA ALA B 270 5.18 37.47 6.28
C ALA B 270 4.99 35.98 6.51
N VAL B 271 4.34 35.29 5.57
CA VAL B 271 3.87 33.94 5.81
C VAL B 271 4.81 32.88 5.29
N GLN B 272 5.89 33.25 4.61
CA GLN B 272 6.72 32.24 3.97
C GLN B 272 7.41 31.36 5.00
N GLY B 273 7.55 30.08 4.65
CA GLY B 273 8.25 29.17 5.53
C GLY B 273 9.73 29.44 5.53
N ARG B 274 10.31 29.52 6.73
CA ARG B 274 11.69 29.91 6.88
C ARG B 274 12.49 28.81 7.56
N ASN B 275 13.71 28.63 7.09
CA ASN B 275 14.60 27.61 7.61
C ASN B 275 15.15 27.93 8.99
N TYR B 276 15.24 29.20 9.36
CA TYR B 276 15.87 29.58 10.61
C TYR B 276 15.03 30.63 11.32
N ILE B 277 15.11 30.66 12.64
CA ILE B 277 14.28 31.53 13.46
C ILE B 277 15.20 32.35 14.35
N PRO B 278 14.73 33.49 14.85
CA PRO B 278 15.58 34.35 15.69
C PRO B 278 15.86 33.73 17.05
N GLY B 279 17.01 34.10 17.60
CA GLY B 279 17.52 33.52 18.82
C GLY B 279 16.64 33.80 20.02
N PRO B 280 17.02 33.27 21.17
CA PRO B 280 16.16 33.36 22.35
C PRO B 280 15.99 34.80 22.82
N SER B 281 14.96 34.99 23.63
CA SER B 281 14.63 36.31 24.14
C SER B 281 14.08 36.19 25.55
N TYR B 282 14.54 37.08 26.42
CA TYR B 282 14.04 37.20 27.78
C TYR B 282 13.73 38.67 27.97
N ARG B 283 12.46 39.01 28.14
CA ARG B 283 12.11 40.42 28.19
C ARG B 283 12.53 41.05 29.52
N PRO B 369 16.22 39.83 18.44
CA PRO B 369 14.91 40.08 19.04
C PRO B 369 14.92 41.23 20.05
N VAL B 370 14.09 42.24 19.82
CA VAL B 370 14.06 43.42 20.67
C VAL B 370 13.61 43.06 22.08
N ALA B 371 14.39 43.48 23.08
CA ALA B 371 14.15 43.02 24.43
C ALA B 371 13.05 43.82 25.11
N THR B 372 12.52 44.85 24.46
CA THR B 372 11.39 45.62 24.98
C THR B 372 10.07 45.08 24.46
N GLU B 373 10.08 43.97 23.74
CA GLU B 373 8.92 43.44 23.04
C GLU B 373 8.73 41.97 23.38
N SER B 374 7.59 41.44 22.96
CA SER B 374 7.35 40.01 23.08
C SER B 374 7.94 39.27 21.88
N TYR B 375 8.49 38.08 22.14
CA TYR B 375 9.08 37.28 21.08
C TYR B 375 8.06 36.89 20.03
N GLY B 376 6.82 36.67 20.45
CA GLY B 376 5.76 36.32 19.53
C GLY B 376 4.55 35.83 20.28
N GLN B 377 3.61 35.25 19.54
CA GLN B 377 2.42 34.65 20.12
C GLN B 377 2.39 33.17 19.82
N VAL B 378 1.66 32.43 20.65
CA VAL B 378 1.36 31.03 20.40
C VAL B 378 -0.11 30.80 20.64
N ALA B 379 -0.62 29.71 20.09
CA ALA B 379 -2.02 29.35 20.29
C ALA B 379 -2.19 28.75 21.68
N THR B 380 -3.18 29.24 22.41
CA THR B 380 -3.47 28.74 23.75
C THR B 380 -4.34 27.50 23.76
N ASN B 381 -5.39 27.44 22.94
CA ASN B 381 -6.38 26.38 23.06
C ASN B 381 -6.73 25.83 21.68
N HIS B 382 -7.44 24.71 21.71
CA HIS B 382 -8.04 24.17 20.49
C HIS B 382 -9.25 24.99 20.08
N GLN B 383 -9.25 25.46 18.85
CA GLN B 383 -10.46 26.06 18.33
C GLN B 383 -11.52 25.00 18.16
N SER B 384 -12.77 25.44 18.12
CA SER B 384 -13.89 24.55 17.85
C SER B 384 -15.04 25.42 17.40
N ALA B 385 -16.07 24.79 16.85
CA ALA B 385 -17.25 25.55 16.47
C ALA B 385 -17.71 26.46 17.60
N GLN B 386 -17.53 26.01 18.84
CA GLN B 386 -17.91 26.83 19.99
C GLN B 386 -16.86 27.86 20.35
N ALA B 387 -15.59 27.48 20.32
CA ALA B 387 -14.52 28.27 20.92
C ALA B 387 -13.71 29.01 19.87
N GLN B 388 -13.31 30.23 20.18
CA GLN B 388 -12.43 30.99 19.30
C GLN B 388 -10.98 30.59 19.48
N ALA B 389 -10.20 30.76 18.43
CA ALA B 389 -8.76 30.55 18.52
C ALA B 389 -8.13 31.66 19.35
N GLN B 390 -7.43 31.28 20.40
CA GLN B 390 -6.91 32.24 21.36
C GLN B 390 -5.39 32.12 21.44
N THR B 391 -4.72 33.26 21.36
CA THR B 391 -3.27 33.31 21.39
C THR B 391 -2.80 34.00 22.66
N GLY B 392 -1.69 33.53 23.19
CA GLY B 392 -1.05 34.19 24.32
C GLY B 392 0.20 34.93 23.87
N TRP B 393 0.89 35.56 24.81
CA TRP B 393 2.13 36.26 24.50
C TRP B 393 3.33 35.52 25.05
N VAL B 394 4.39 35.46 24.24
CA VAL B 394 5.63 34.83 24.65
C VAL B 394 6.52 35.92 25.24
N GLN B 395 6.69 35.89 26.55
CA GLN B 395 7.58 36.84 27.20
C GLN B 395 9.03 36.36 27.15
N ASN B 396 9.24 35.07 27.38
CA ASN B 396 10.57 34.47 27.41
C ASN B 396 10.56 33.22 26.54
N GLN B 397 11.63 33.01 25.80
CA GLN B 397 11.75 31.82 24.96
C GLN B 397 13.16 31.27 25.02
N GLY B 398 13.30 30.00 25.41
CA GLY B 398 14.58 29.35 25.44
C GLY B 398 15.07 28.97 24.05
N ILE B 399 16.13 28.18 24.02
CA ILE B 399 16.71 27.75 22.75
C ILE B 399 15.74 26.82 22.03
N LEU B 400 15.68 26.94 20.71
CA LEU B 400 14.99 26.02 19.83
C LEU B 400 15.88 25.72 18.64
N PRO B 401 15.85 24.49 18.13
CA PRO B 401 16.67 24.18 16.95
C PRO B 401 16.30 25.08 15.79
N GLY B 402 17.32 25.65 15.16
CA GLY B 402 17.12 26.62 14.10
C GLY B 402 17.19 28.07 14.53
N MET B 403 17.39 28.34 15.81
CA MET B 403 17.59 29.71 16.25
C MET B 403 18.99 30.18 15.88
N VAL B 404 19.14 31.49 15.68
CA VAL B 404 20.43 32.09 15.45
C VAL B 404 20.59 33.34 16.30
N CYS C 28 21.92 11.67 -18.03
CA CYS C 28 21.03 11.21 -16.97
C CYS C 28 21.08 9.71 -16.78
N ASP C 29 21.30 9.29 -15.53
CA ASP C 29 21.11 7.92 -15.08
C ASP C 29 21.49 7.82 -13.61
N SER C 30 21.35 6.64 -13.03
CA SER C 30 21.80 6.40 -11.67
C SER C 30 22.62 5.13 -11.61
N GLN C 31 23.62 5.12 -10.74
CA GLN C 31 24.42 3.93 -10.50
C GLN C 31 24.31 3.58 -9.02
N TRP C 32 24.10 2.31 -8.74
CA TRP C 32 23.96 1.82 -7.38
C TRP C 32 25.15 0.92 -7.10
N LEU C 33 26.06 1.40 -6.27
CA LEU C 33 27.29 0.68 -5.94
C LEU C 33 27.38 0.66 -4.43
N GLY C 34 27.16 -0.50 -3.82
CA GLY C 34 27.36 -0.64 -2.41
C GLY C 34 26.63 0.41 -1.60
N ASP C 35 27.40 1.17 -0.83
CA ASP C 35 26.91 2.26 0.00
C ASP C 35 26.92 3.61 -0.72
N ARG C 36 27.19 3.63 -2.02
CA ARG C 36 27.22 4.88 -2.76
C ARG C 36 26.17 4.86 -3.86
N VAL C 37 25.69 6.06 -4.22
CA VAL C 37 24.74 6.24 -5.31
C VAL C 37 25.16 7.48 -6.10
N ILE C 38 25.23 7.34 -7.42
CA ILE C 38 25.63 8.43 -8.29
C ILE C 38 24.42 8.83 -9.11
N THR C 39 23.91 10.03 -8.89
CA THR C 39 22.73 10.53 -9.58
C THR C 39 23.13 11.62 -10.56
N THR C 40 22.82 11.39 -11.82
CA THR C 40 23.15 12.31 -12.90
C THR C 40 21.87 12.88 -13.48
N SER C 41 21.79 14.20 -13.58
CA SER C 41 20.58 14.86 -14.05
C SER C 41 20.93 15.90 -15.09
N THR C 42 20.37 15.77 -16.28
CA THR C 42 20.60 16.68 -17.38
C THR C 42 19.28 17.30 -17.82
N ARG C 43 19.27 18.62 -17.94
CA ARG C 43 18.06 19.33 -18.37
C ARG C 43 18.42 20.33 -19.46
N THR C 44 17.39 20.82 -20.13
CA THR C 44 17.51 21.87 -21.14
C THR C 44 16.82 23.12 -20.66
N TRP C 45 17.49 24.25 -20.80
CA TRP C 45 17.06 25.51 -20.19
C TRP C 45 16.98 26.60 -21.23
N ALA C 46 16.30 27.68 -20.88
CA ALA C 46 16.19 28.84 -21.73
C ALA C 46 16.29 30.09 -20.87
N LEU C 47 17.12 31.03 -21.29
CA LEU C 47 17.38 32.23 -20.51
C LEU C 47 16.82 33.46 -21.23
N PRO C 48 15.94 34.24 -20.63
CA PRO C 48 15.45 35.49 -21.21
C PRO C 48 16.51 36.59 -21.24
N GLY C 80 20.07 35.99 -13.17
CA GLY C 80 19.81 34.59 -13.41
C GLY C 80 20.66 33.64 -12.59
N TYR C 81 20.11 32.47 -12.26
CA TYR C 81 20.86 31.47 -11.52
C TYR C 81 20.24 30.11 -11.73
N PHE C 82 21.01 29.08 -11.45
CA PHE C 82 20.51 27.71 -11.44
C PHE C 82 20.26 27.28 -10.01
N ASP C 83 19.11 26.64 -9.79
CA ASP C 83 18.76 26.09 -8.49
C ASP C 83 18.34 24.64 -8.70
N PHE C 84 19.16 23.70 -8.24
CA PHE C 84 18.80 22.29 -8.24
C PHE C 84 18.41 21.76 -6.86
N ASN C 85 18.21 22.63 -5.88
CA ASN C 85 18.13 22.27 -4.47
C ASN C 85 16.94 21.37 -4.11
N ARG C 86 16.03 21.00 -5.01
CA ARG C 86 14.97 20.06 -4.65
C ARG C 86 15.35 18.64 -5.08
N PHE C 87 14.92 17.66 -4.28
CA PHE C 87 15.30 16.27 -4.52
C PHE C 87 14.86 15.75 -5.88
N HIS C 88 13.60 15.94 -6.27
CA HIS C 88 13.15 15.29 -7.48
C HIS C 88 13.93 15.73 -8.71
N CYS C 89 14.74 16.78 -8.59
CA CYS C 89 15.72 17.04 -9.63
C CYS C 89 16.62 15.83 -9.84
N HIS C 90 17.15 15.26 -8.77
CA HIS C 90 18.18 14.24 -8.90
C HIS C 90 17.68 12.81 -8.83
N PHE C 91 16.43 12.57 -8.42
CA PHE C 91 15.94 11.22 -8.23
C PHE C 91 14.67 10.99 -9.02
N SER C 92 14.64 9.90 -9.78
CA SER C 92 13.38 9.43 -10.32
C SER C 92 12.57 8.82 -9.18
N PRO C 93 11.27 8.66 -9.37
CA PRO C 93 10.47 8.02 -8.30
C PRO C 93 10.95 6.63 -7.97
N ARG C 94 11.29 5.84 -8.99
CA ARG C 94 11.80 4.50 -8.73
C ARG C 94 13.07 4.54 -7.92
N ASP C 95 14.03 5.37 -8.33
CA ASP C 95 15.25 5.53 -7.55
C ASP C 95 14.93 5.94 -6.12
N TRP C 96 14.07 6.94 -5.95
CA TRP C 96 13.67 7.37 -4.63
C TRP C 96 13.10 6.20 -3.83
N GLN C 97 12.23 5.41 -4.45
CA GLN C 97 11.76 4.21 -3.79
C GLN C 97 12.92 3.29 -3.45
N ARG C 98 13.75 2.99 -4.44
CA ARG C 98 14.88 2.10 -4.21
C ARG C 98 15.75 2.59 -3.07
N LEU C 99 15.76 3.90 -2.84
CA LEU C 99 16.52 4.48 -1.75
C LEU C 99 15.84 4.21 -0.41
N ILE C 100 14.66 4.80 -0.22
CA ILE C 100 14.05 4.83 1.10
C ILE C 100 13.67 3.47 1.64
N ASN C 101 13.50 2.47 0.77
CA ASN C 101 13.13 1.16 1.29
C ASN C 101 14.30 0.37 1.85
N ASN C 102 15.49 0.52 1.29
CA ASN C 102 16.61 -0.29 1.71
C ASN C 102 17.60 0.41 2.61
N ASN C 103 17.42 1.68 2.92
CA ASN C 103 18.49 2.43 3.56
C ASN C 103 18.02 3.14 4.82
N TRP C 104 18.90 3.16 5.82
CA TRP C 104 18.62 3.89 7.05
C TRP C 104 19.06 5.34 7.03
N GLY C 105 19.83 5.76 6.05
CA GLY C 105 20.27 7.15 6.03
C GLY C 105 21.14 7.44 4.84
N PHE C 106 21.25 8.72 4.52
CA PHE C 106 21.99 9.14 3.35
C PHE C 106 22.43 10.60 3.53
N ARG C 107 23.31 11.03 2.65
CA ARG C 107 23.87 12.37 2.69
C ARG C 107 24.73 12.62 1.44
N PRO C 108 24.80 13.85 0.98
CA PRO C 108 25.55 14.14 -0.25
C PRO C 108 27.05 14.14 -0.03
N LYS C 109 27.78 13.95 -1.14
CA LYS C 109 29.24 13.96 -1.08
C LYS C 109 29.84 14.87 -2.16
N TYR C 152 22.29 35.17 -0.72
CA TYR C 152 22.10 33.76 -1.01
C TYR C 152 20.63 33.39 -0.92
N VAL C 153 19.99 33.20 -2.08
CA VAL C 153 18.54 33.05 -2.14
C VAL C 153 18.09 31.61 -2.25
N LEU C 154 19.00 30.65 -2.29
CA LEU C 154 18.60 29.28 -2.58
C LEU C 154 17.76 28.65 -1.49
N GLY C 155 18.09 28.86 -0.23
CA GLY C 155 17.48 28.10 0.85
C GLY C 155 16.09 28.55 1.23
N SER C 156 15.44 29.33 0.38
CA SER C 156 14.11 29.86 0.64
C SER C 156 13.01 29.03 0.03
N ALA C 157 13.32 27.90 -0.58
CA ALA C 157 12.31 26.99 -1.12
C ALA C 157 11.52 27.64 -2.23
N HIS C 158 12.22 28.40 -3.06
CA HIS C 158 11.59 29.08 -4.17
C HIS C 158 11.42 28.16 -5.37
N GLU C 159 10.74 28.68 -6.39
CA GLU C 159 10.49 27.98 -7.64
C GLU C 159 11.66 28.17 -8.61
N GLY C 160 11.52 27.64 -9.82
CA GLY C 160 12.58 27.78 -10.80
C GLY C 160 13.63 26.69 -10.82
N CYS C 161 13.43 25.67 -10.02
CA CYS C 161 14.34 24.52 -9.98
C CYS C 161 14.13 23.64 -11.20
N LEU C 162 15.10 22.79 -11.51
CA LEU C 162 14.97 21.92 -12.67
C LEU C 162 13.75 21.02 -12.52
N PRO C 163 13.00 20.85 -13.61
CA PRO C 163 11.77 20.06 -13.64
C PRO C 163 12.04 18.61 -13.30
N PRO C 164 11.09 17.96 -12.61
CA PRO C 164 11.24 16.56 -12.22
C PRO C 164 11.35 15.66 -13.44
N PHE C 165 10.55 15.92 -14.47
CA PHE C 165 10.61 15.11 -15.67
C PHE C 165 11.75 15.64 -16.52
N PRO C 166 12.65 14.75 -16.94
CA PRO C 166 13.81 15.21 -17.72
C PRO C 166 13.46 15.80 -19.07
N ALA C 167 12.32 15.43 -19.65
CA ALA C 167 12.00 15.94 -20.97
C ALA C 167 11.40 17.34 -20.92
N ASP C 168 11.24 17.89 -19.73
CA ASP C 168 10.70 19.22 -19.61
C ASP C 168 11.78 20.26 -19.87
N VAL C 169 11.46 21.25 -20.69
CA VAL C 169 12.33 22.40 -20.93
C VAL C 169 11.81 23.55 -20.09
N PHE C 170 12.70 24.24 -19.40
CA PHE C 170 12.28 25.18 -18.38
C PHE C 170 12.97 26.52 -18.58
N MET C 171 12.60 27.45 -17.70
CA MET C 171 13.04 28.83 -17.74
C MET C 171 13.89 29.12 -16.52
N ILE C 172 14.96 29.87 -16.71
CA ILE C 172 15.84 30.21 -15.59
C ILE C 172 15.22 31.37 -14.82
N PRO C 173 15.19 31.32 -13.49
CA PRO C 173 14.62 32.42 -12.71
C PRO C 173 15.52 33.65 -12.74
N GLN C 174 14.93 34.78 -12.37
CA GLN C 174 15.68 36.01 -12.22
C GLN C 174 16.19 36.15 -10.80
N TYR C 175 17.44 36.56 -10.67
CA TYR C 175 18.06 36.69 -9.36
C TYR C 175 17.69 38.03 -8.73
N GLY C 176 17.53 38.03 -7.41
CA GLY C 176 17.11 39.23 -6.71
C GLY C 176 17.68 39.35 -5.31
N VAL C 218 28.29 16.82 6.94
CA VAL C 218 26.95 16.81 7.48
C VAL C 218 26.58 15.43 7.96
N PRO C 219 25.69 15.34 8.94
CA PRO C 219 25.25 14.03 9.41
C PRO C 219 24.22 13.43 8.46
N PHE C 220 24.12 12.11 8.50
CA PHE C 220 23.18 11.37 7.67
C PHE C 220 21.77 11.74 8.04
N HIS C 221 20.96 12.15 7.06
CA HIS C 221 19.58 12.46 7.36
C HIS C 221 18.94 11.16 7.77
N SER C 222 18.16 11.17 8.84
CA SER C 222 17.53 9.94 9.28
C SER C 222 16.34 9.61 8.40
N SER C 223 16.29 8.38 7.92
CA SER C 223 15.20 7.95 7.10
C SER C 223 14.70 6.63 7.65
N TYR C 224 14.14 6.70 8.85
CA TYR C 224 13.61 5.54 9.52
C TYR C 224 12.62 5.99 10.56
N ALA C 225 11.77 5.09 11.01
CA ALA C 225 10.78 5.42 12.01
C ALA C 225 11.09 4.60 13.25
N HIS C 226 11.10 5.25 14.40
CA HIS C 226 11.40 4.53 15.62
C HIS C 226 10.33 3.47 15.87
N SER C 227 10.76 2.30 16.31
CA SER C 227 9.84 1.20 16.59
C SER C 227 9.44 1.22 18.05
N GLN C 228 9.98 2.19 18.78
CA GLN C 228 9.68 2.35 20.19
C GLN C 228 9.40 3.81 20.47
N SER C 229 8.57 4.04 21.47
CA SER C 229 8.23 5.39 21.89
C SER C 229 9.01 5.75 23.12
N LEU C 230 9.35 7.03 23.25
CA LEU C 230 10.26 7.48 24.29
C LEU C 230 9.83 7.02 25.67
N ASP C 231 8.53 6.98 25.92
CA ASP C 231 8.05 6.66 27.26
C ASP C 231 8.00 5.18 27.56
N ARG C 232 8.10 4.32 26.55
CA ARG C 232 7.96 2.88 26.74
C ARG C 232 9.28 2.11 26.78
N LEU C 233 10.42 2.79 26.82
CA LEU C 233 11.71 2.13 26.72
C LEU C 233 11.96 1.09 27.81
N MET C 234 11.15 1.04 28.85
CA MET C 234 11.32 0.18 30.00
C MET C 234 11.16 -1.30 29.65
N ASN C 235 11.65 -2.14 30.53
CA ASN C 235 11.30 -3.56 30.51
C ASN C 235 9.94 -3.74 31.14
N PRO C 236 8.96 -4.31 30.42
CA PRO C 236 7.61 -4.43 30.97
C PRO C 236 7.48 -5.45 32.09
N LEU C 237 8.45 -6.32 32.29
CA LEU C 237 8.30 -7.42 33.25
C LEU C 237 8.83 -7.13 34.64
N ILE C 238 9.56 -6.04 34.84
CA ILE C 238 10.34 -5.85 36.06
C ILE C 238 10.03 -4.49 36.67
N ASP C 239 9.89 -4.49 37.99
CA ASP C 239 9.75 -3.24 38.73
C ASP C 239 11.05 -2.45 38.68
N GLN C 240 10.92 -1.14 38.80
CA GLN C 240 12.08 -0.33 39.13
C GLN C 240 12.28 -0.32 40.64
N TYR C 241 13.54 -0.24 41.05
CA TYR C 241 13.81 -0.07 42.47
C TYR C 241 13.40 1.30 43.00
N LEU C 242 13.08 2.23 42.13
CA LEU C 242 12.66 3.56 42.58
C LEU C 242 11.24 3.54 43.11
N TYR C 243 10.89 4.57 43.87
CA TYR C 243 9.57 4.74 44.47
C TYR C 243 8.97 6.06 44.05
N TYR C 244 7.64 6.13 44.09
CA TYR C 244 6.92 7.35 43.77
C TYR C 244 5.89 7.59 44.85
N LEU C 245 5.29 8.77 44.82
CA LEU C 245 4.35 9.18 45.86
C LEU C 245 2.93 8.81 45.41
N SER C 246 2.36 7.80 46.05
CA SER C 246 1.06 7.28 45.65
C SER C 246 -0.13 8.03 46.24
N LYS C 247 -0.10 8.31 47.54
CA LYS C 247 -1.30 8.78 48.25
C LYS C 247 -0.95 9.93 49.17
N THR C 248 -1.69 11.04 49.03
CA THR C 248 -1.57 12.14 49.96
C THR C 248 -2.66 12.15 51.04
N ILE C 249 -3.64 11.26 50.97
CA ILE C 249 -4.67 11.18 52.00
C ILE C 249 -5.01 9.72 52.23
N ASN C 250 -5.67 9.46 53.36
CA ASN C 250 -6.14 8.11 53.65
C ASN C 250 -7.60 7.94 53.25
N GLY C 251 -8.21 9.01 52.75
CA GLY C 251 -9.60 8.94 52.37
C GLY C 251 -10.27 10.27 52.59
N SER C 252 -11.59 10.24 52.59
CA SER C 252 -12.37 11.44 52.88
C SER C 252 -12.43 11.68 54.37
N GLY C 253 -12.30 12.93 54.77
CA GLY C 253 -12.40 13.30 56.16
C GLY C 253 -11.59 14.55 56.44
N GLN C 254 -11.59 14.95 57.71
CA GLN C 254 -10.81 16.08 58.16
C GLN C 254 -9.41 15.63 58.56
N ASN C 255 -8.42 16.45 58.20
CA ASN C 255 -7.02 16.18 58.55
C ASN C 255 -6.60 14.79 58.08
N GLN C 256 -6.77 14.52 56.79
CA GLN C 256 -6.42 13.24 56.21
C GLN C 256 -4.99 13.21 55.68
N GLN C 257 -4.22 14.27 55.90
CA GLN C 257 -2.87 14.35 55.36
C GLN C 257 -2.07 13.11 55.72
N THR C 258 -1.47 12.51 54.70
CA THR C 258 -0.58 11.38 54.88
C THR C 258 0.33 11.32 53.66
N LEU C 259 1.40 10.53 53.78
CA LEU C 259 2.28 10.27 52.66
C LEU C 259 2.47 8.77 52.52
N LYS C 260 2.17 8.25 51.34
CA LYS C 260 2.41 6.86 51.00
C LYS C 260 3.22 6.80 49.73
N PHE C 261 4.11 5.83 49.66
CA PHE C 261 4.96 5.64 48.50
C PHE C 261 4.74 4.24 47.94
N SER C 262 5.08 4.07 46.67
CA SER C 262 4.88 2.80 46.01
C SER C 262 5.98 2.57 44.99
N VAL C 263 6.15 1.33 44.61
CA VAL C 263 7.16 0.95 43.64
C VAL C 263 6.66 1.32 42.24
N ALA C 264 7.56 1.84 41.42
CA ALA C 264 7.24 2.07 40.01
C ALA C 264 7.48 0.79 39.23
N GLY C 265 6.44 0.29 38.57
CA GLY C 265 6.53 -0.99 37.92
C GLY C 265 5.54 -1.16 36.79
N PRO C 266 5.47 -2.38 36.26
CA PRO C 266 4.57 -2.67 35.13
C PRO C 266 3.14 -2.23 35.35
N SER C 267 2.64 -2.31 36.58
CA SER C 267 1.28 -1.91 36.85
C SER C 267 1.03 -0.46 36.43
N ASN C 268 1.86 0.47 36.88
CA ASN C 268 1.73 1.87 36.53
C ASN C 268 3.01 2.29 35.82
N MET C 269 2.94 2.49 34.52
CA MET C 269 4.12 2.90 33.77
C MET C 269 4.21 4.40 33.58
N ALA C 270 3.15 5.14 33.90
CA ALA C 270 3.19 6.58 33.70
C ALA C 270 4.26 7.22 34.56
N VAL C 271 4.52 6.67 35.74
CA VAL C 271 5.26 7.38 36.77
C VAL C 271 6.73 6.98 36.81
N GLN C 272 7.18 6.04 36.00
CA GLN C 272 8.55 5.59 36.14
C GLN C 272 9.53 6.66 35.69
N GLY C 273 10.64 6.75 36.42
CA GLY C 273 11.66 7.72 36.08
C GLY C 273 12.36 7.34 34.80
N ARG C 274 12.49 8.31 33.91
CA ARG C 274 13.05 8.09 32.59
C ARG C 274 14.25 9.00 32.39
N ASN C 275 15.28 8.44 31.78
CA ASN C 275 16.51 9.18 31.55
C ASN C 275 16.39 10.28 30.52
N TYR C 276 15.34 10.26 29.70
CA TYR C 276 15.27 11.24 28.63
C TYR C 276 13.83 11.70 28.44
N ILE C 277 13.68 12.84 27.78
CA ILE C 277 12.40 13.52 27.63
C ILE C 277 12.25 13.98 26.19
N PRO C 278 11.02 14.13 25.72
CA PRO C 278 10.80 14.60 24.36
C PRO C 278 11.27 16.03 24.18
N GLY C 279 11.55 16.37 22.93
CA GLY C 279 12.16 17.63 22.59
C GLY C 279 11.24 18.81 22.77
N PRO C 280 11.66 19.96 22.27
CA PRO C 280 10.93 21.20 22.51
C PRO C 280 9.67 21.30 21.67
N SER C 281 8.82 22.24 22.05
CA SER C 281 7.56 22.47 21.35
C SER C 281 7.18 23.94 21.40
N TYR C 282 6.55 24.41 20.33
CA TYR C 282 5.99 25.75 20.24
C TYR C 282 4.61 25.56 19.62
N ARG C 283 3.54 25.78 20.39
CA ARG C 283 2.26 25.22 19.99
C ARG C 283 1.72 25.87 18.73
N GLN C 284 1.12 25.04 17.88
CA GLN C 284 0.38 25.48 16.71
C GLN C 284 -1.12 25.34 16.98
N GLN C 285 -1.90 26.23 16.37
CA GLN C 285 -3.34 26.09 16.39
C GLN C 285 -3.76 24.86 15.59
N ARG C 286 -4.87 24.25 15.98
CA ARG C 286 -5.34 23.02 15.37
C ARG C 286 -6.52 23.31 14.46
N VAL C 287 -6.40 22.93 13.19
CA VAL C 287 -7.42 23.18 12.18
C VAL C 287 -7.93 21.84 11.71
N SER C 288 -9.25 21.71 11.58
CA SER C 288 -9.83 20.45 11.14
C SER C 288 -10.16 20.48 9.67
N THR C 289 -9.96 19.35 9.00
CA THR C 289 -10.42 19.22 7.61
C THR C 289 -11.87 18.79 7.55
N THR C 290 -12.49 18.61 8.70
CA THR C 290 -13.93 18.67 8.76
C THR C 290 -14.31 20.06 9.20
N VAL C 291 -14.84 20.86 8.29
CA VAL C 291 -14.86 22.30 8.52
C VAL C 291 -15.95 22.69 9.49
N THR C 292 -17.02 21.91 9.54
CA THR C 292 -18.10 22.22 10.47
C THR C 292 -17.53 22.19 11.89
N GLN C 293 -16.48 21.40 12.07
CA GLN C 293 -15.79 21.30 13.36
C GLN C 293 -15.14 22.63 13.71
N ASN C 294 -14.52 23.27 12.72
CA ASN C 294 -13.82 24.53 12.92
C ASN C 294 -14.73 25.68 13.34
N ASN C 295 -14.19 26.58 14.17
CA ASN C 295 -14.93 27.73 14.66
C ASN C 295 -15.27 28.66 13.51
N ASN C 296 -16.47 29.24 13.55
CA ASN C 296 -16.90 30.14 12.48
C ASN C 296 -16.43 31.57 12.66
N SER C 297 -15.14 31.79 12.43
CA SER C 297 -14.54 33.12 12.56
C SER C 297 -13.24 33.13 11.79
N GLU C 298 -12.87 34.29 11.26
CA GLU C 298 -11.63 34.41 10.49
C GLU C 298 -10.41 34.39 11.40
N PHE C 299 -9.95 33.20 11.73
CA PHE C 299 -8.79 33.03 12.60
C PHE C 299 -7.51 32.68 11.86
N ALA C 300 -7.51 32.82 10.54
CA ALA C 300 -6.33 32.44 9.77
C ALA C 300 -5.07 33.23 10.13
N TRP C 301 -5.19 34.54 10.29
CA TRP C 301 -4.02 35.33 10.66
C TRP C 301 -3.96 35.60 12.16
N PRO C 302 -5.12 35.84 12.77
CA PRO C 302 -5.28 36.16 14.19
C PRO C 302 -4.86 35.06 15.15
N GLY C 303 -5.18 33.82 14.84
CA GLY C 303 -4.85 32.70 15.71
C GLY C 303 -3.53 31.99 15.45
N ALA C 304 -2.80 32.44 14.45
CA ALA C 304 -1.55 31.80 14.08
C ALA C 304 -0.31 32.23 14.86
N SER C 305 0.37 31.24 15.43
CA SER C 305 1.62 31.47 16.13
C SER C 305 2.58 32.24 15.23
N SER C 306 3.15 33.31 15.77
CA SER C 306 4.04 34.14 14.98
C SER C 306 5.19 34.59 15.85
N TRP C 307 6.32 34.84 15.21
CA TRP C 307 7.42 35.54 15.86
C TRP C 307 7.58 36.91 15.22
N ALA C 308 7.71 37.92 16.06
CA ALA C 308 7.88 39.30 15.63
C ALA C 308 9.32 39.71 15.78
N LEU C 309 9.86 40.39 14.76
CA LEU C 309 11.25 40.80 14.76
C LEU C 309 11.32 42.26 14.35
N ASN C 310 11.77 43.12 15.25
CA ASN C 310 11.89 44.55 14.98
C ASN C 310 10.57 45.14 14.49
N GLY C 311 9.49 44.77 15.17
CA GLY C 311 8.18 45.33 14.86
C GLY C 311 7.45 44.64 13.74
N ARG C 312 8.14 43.89 12.89
CA ARG C 312 7.50 43.08 11.86
C ARG C 312 7.13 41.74 12.44
N ASN C 313 5.96 41.25 12.06
CA ASN C 313 5.49 39.94 12.51
C ASN C 313 5.70 38.92 11.41
N SER C 314 6.18 37.74 11.79
CA SER C 314 6.38 36.64 10.85
C SER C 314 5.70 35.39 11.37
N LEU C 315 4.86 34.80 10.54
CA LEU C 315 4.26 33.53 10.87
C LEU C 315 5.34 32.49 11.12
N MET C 316 5.07 31.58 12.05
CA MET C 316 6.04 30.52 12.36
C MET C 316 5.75 29.37 11.43
N ASN C 317 6.63 29.18 10.46
CA ASN C 317 6.43 28.14 9.48
C ASN C 317 7.75 27.57 9.03
N PRO C 318 7.85 26.24 8.96
CA PRO C 318 6.96 25.26 9.58
C PRO C 318 7.11 25.22 11.10
N GLY C 319 8.25 25.68 11.59
CA GLY C 319 8.50 25.73 13.02
C GLY C 319 9.37 24.59 13.48
N PRO C 320 9.44 24.40 14.79
CA PRO C 320 10.13 23.22 15.32
C PRO C 320 9.46 21.96 14.81
N ALA C 321 10.25 20.93 14.55
CA ALA C 321 9.71 19.69 14.03
C ALA C 321 8.87 19.05 15.12
N MET C 322 7.59 18.82 14.82
CA MET C 322 6.66 18.31 15.81
C MET C 322 5.67 17.38 15.13
N ALA C 323 5.22 16.40 15.89
CA ALA C 323 4.22 15.47 15.39
C ALA C 323 2.99 16.24 14.95
N SER C 324 2.46 15.88 13.79
CA SER C 324 1.37 16.65 13.21
C SER C 324 0.10 16.52 14.04
N HIS C 325 -0.19 15.33 14.55
CA HIS C 325 -1.48 15.10 15.17
C HIS C 325 -1.37 13.88 16.07
N LYS C 326 -2.29 13.79 17.02
CA LYS C 326 -2.31 12.65 17.90
C LYS C 326 -2.71 11.39 17.14
N GLU C 327 -2.38 10.25 17.73
CA GLU C 327 -2.72 8.97 17.13
C GLU C 327 -4.23 8.84 17.00
N GLY C 328 -4.67 8.48 15.82
CA GLY C 328 -6.09 8.35 15.58
C GLY C 328 -6.78 9.60 15.13
N GLU C 329 -6.18 10.76 15.30
CA GLU C 329 -6.78 12.01 14.82
C GLU C 329 -6.01 12.42 13.58
N ASP C 330 -6.54 12.06 12.42
CA ASP C 330 -5.94 12.47 11.16
C ASP C 330 -6.50 13.78 10.68
N ARG C 331 -7.79 14.01 10.92
CA ARG C 331 -8.50 15.06 10.22
C ARG C 331 -7.93 16.43 10.55
N PHE C 332 -7.29 16.56 11.70
CA PHE C 332 -6.72 17.84 12.08
C PHE C 332 -5.36 18.05 11.42
N PHE C 333 -4.92 19.30 11.39
CA PHE C 333 -3.60 19.63 10.86
C PHE C 333 -3.17 20.98 11.43
N PRO C 334 -1.88 21.10 11.80
CA PRO C 334 -1.36 22.34 12.38
C PRO C 334 -1.48 23.47 11.37
N LEU C 335 -1.82 24.66 11.84
CA LEU C 335 -1.98 25.82 10.97
C LEU C 335 -0.77 26.04 10.08
N SER C 336 0.38 26.35 10.67
CA SER C 336 1.61 26.53 9.91
C SER C 336 2.62 25.41 10.18
N GLY C 337 2.18 24.38 10.88
CA GLY C 337 3.04 23.27 11.26
C GLY C 337 3.66 22.36 10.21
N SER C 338 2.91 22.00 9.17
CA SER C 338 3.42 21.10 8.14
C SER C 338 3.54 21.70 6.76
N LEU C 339 4.48 21.18 5.98
CA LEU C 339 4.68 21.62 4.61
C LEU C 339 3.47 21.25 3.80
N ILE C 340 3.09 22.12 2.86
CA ILE C 340 1.91 21.92 2.03
C ILE C 340 2.33 22.13 0.58
N PHE C 341 2.28 21.06 -0.20
CA PHE C 341 2.63 21.12 -1.61
C PHE C 341 1.37 21.20 -2.44
N GLY C 342 1.44 21.91 -3.55
CA GLY C 342 0.31 21.97 -4.45
C GLY C 342 0.34 20.86 -5.48
N LYS C 343 -0.84 20.42 -5.88
CA LYS C 343 -0.92 19.41 -6.91
C LYS C 343 -0.63 20.01 -8.27
N GLN C 344 -0.29 19.15 -9.22
CA GLN C 344 -0.03 19.60 -10.58
C GLN C 344 -1.23 20.37 -11.13
N GLY C 345 -0.96 21.51 -11.73
CA GLY C 345 -2.02 22.35 -12.25
C GLY C 345 -2.84 23.03 -11.20
N THR C 346 -2.21 23.50 -10.13
CA THR C 346 -2.94 24.17 -9.07
C THR C 346 -2.95 25.68 -9.26
N GLY C 347 -4.09 26.30 -8.98
CA GLY C 347 -4.24 27.74 -9.11
C GLY C 347 -3.40 28.46 -8.08
N ARG C 348 -2.96 29.66 -8.43
CA ARG C 348 -2.11 30.45 -7.53
C ARG C 348 -2.77 30.86 -6.21
N ASP C 349 -4.03 31.26 -6.23
CA ASP C 349 -4.69 31.71 -5.01
C ASP C 349 -6.05 31.12 -4.65
N ASN C 350 -6.31 31.06 -3.35
CA ASN C 350 -7.61 30.64 -2.80
C ASN C 350 -8.04 29.28 -3.34
N VAL C 351 -7.11 28.38 -3.47
CA VAL C 351 -7.44 27.03 -3.91
C VAL C 351 -8.08 26.25 -2.76
N ASP C 352 -8.86 25.25 -3.13
CA ASP C 352 -9.54 24.41 -2.15
C ASP C 352 -8.60 23.37 -1.57
N ALA C 353 -9.13 22.57 -0.65
CA ALA C 353 -8.28 21.64 0.08
C ALA C 353 -7.79 20.51 -0.82
N ASP C 354 -8.62 20.07 -1.77
CA ASP C 354 -8.24 18.91 -2.55
C ASP C 354 -7.17 19.24 -3.57
N LYS C 355 -6.84 20.52 -3.71
CA LYS C 355 -5.85 20.90 -4.72
C LYS C 355 -4.45 20.87 -4.15
N VAL C 356 -4.31 20.74 -2.84
CA VAL C 356 -3.01 20.80 -2.18
C VAL C 356 -2.73 19.47 -1.51
N MET C 357 -1.46 19.18 -1.29
CA MET C 357 -1.06 17.98 -0.59
C MET C 357 -0.44 18.39 0.73
N ILE C 358 -1.03 17.95 1.82
CA ILE C 358 -0.57 18.32 3.16
C ILE C 358 0.22 17.16 3.73
N THR C 359 1.53 17.33 3.83
CA THR C 359 2.35 16.33 4.48
C THR C 359 2.05 16.30 5.97
N ASN C 360 2.43 15.19 6.59
CA ASN C 360 2.36 15.07 8.04
C ASN C 360 3.59 14.36 8.55
N GLU C 361 4.07 14.83 9.70
CA GLU C 361 5.29 14.34 10.33
C GLU C 361 5.01 13.19 11.30
N GLU C 362 3.80 12.64 11.21
CA GLU C 362 3.29 11.70 12.22
C GLU C 362 4.31 10.63 12.61
N GLU C 363 5.25 10.30 11.72
CA GLU C 363 6.22 9.25 12.05
C GLU C 363 7.00 9.57 13.32
N ILE C 364 7.22 10.84 13.60
CA ILE C 364 8.14 11.22 14.67
C ILE C 364 7.39 11.36 15.99
N LYS C 365 6.12 10.98 16.03
CA LYS C 365 5.33 11.21 17.23
C LYS C 365 5.90 10.47 18.42
N THR C 366 6.87 9.58 18.19
CA THR C 366 7.47 8.84 19.29
C THR C 366 8.41 9.70 20.10
N THR C 367 9.31 10.44 19.45
CA THR C 367 10.20 11.30 20.20
C THR C 367 9.77 12.76 20.24
N ASN C 368 8.74 13.15 19.51
CA ASN C 368 8.51 14.57 19.49
C ASN C 368 7.08 14.89 19.90
N PRO C 369 6.87 15.99 20.60
CA PRO C 369 5.52 16.31 21.07
C PRO C 369 4.59 16.61 19.91
N VAL C 370 3.31 16.48 20.19
CA VAL C 370 2.31 16.81 19.18
C VAL C 370 2.23 18.31 19.02
N ALA C 371 2.23 18.76 17.77
CA ALA C 371 2.36 20.20 17.51
C ALA C 371 1.18 20.99 18.02
N THR C 372 0.02 20.36 18.17
CA THR C 372 -1.19 21.06 18.59
C THR C 372 -1.51 20.90 20.07
N GLU C 373 -0.65 20.24 20.83
CA GLU C 373 -0.92 19.95 22.22
C GLU C 373 0.12 20.62 23.11
N SER C 374 -0.22 20.79 24.38
CA SER C 374 0.74 21.37 25.31
C SER C 374 1.82 20.37 25.67
N TYR C 375 3.04 20.86 25.78
CA TYR C 375 4.18 20.02 26.11
C TYR C 375 3.97 19.32 27.44
N GLY C 376 3.20 19.93 28.33
CA GLY C 376 2.95 19.35 29.63
C GLY C 376 2.47 20.39 30.61
N GLN C 377 2.43 20.01 31.88
CA GLN C 377 1.98 20.91 32.93
C GLN C 377 3.11 21.17 33.90
N VAL C 378 3.03 22.31 34.58
CA VAL C 378 3.98 22.72 35.60
C VAL C 378 3.21 22.97 36.88
N ALA C 379 3.95 23.07 37.98
CA ALA C 379 3.38 23.57 39.23
C ALA C 379 3.50 25.08 39.26
N THR C 380 2.38 25.77 39.45
CA THR C 380 2.35 27.22 39.41
C THR C 380 2.40 27.89 40.77
N ASN C 381 2.40 27.13 41.86
CA ASN C 381 2.34 27.75 43.18
C ASN C 381 2.98 26.84 44.19
N HIS C 382 2.78 27.17 45.46
CA HIS C 382 3.18 26.33 46.57
C HIS C 382 1.92 25.92 47.32
N GLN C 383 1.71 24.62 47.46
CA GLN C 383 0.55 24.14 48.19
C GLN C 383 0.67 24.50 49.67
N SER C 384 -0.46 24.46 50.35
CA SER C 384 -0.51 24.61 51.80
C SER C 384 -1.84 24.05 52.27
N ALA C 385 -2.02 24.01 53.60
CA ALA C 385 -3.31 23.64 54.13
C ALA C 385 -4.41 24.56 53.61
N GLN C 386 -4.07 25.83 53.38
CA GLN C 386 -4.99 26.79 52.82
C GLN C 386 -5.14 26.69 51.31
N ALA C 387 -4.03 26.55 50.59
CA ALA C 387 -4.04 26.65 49.14
C ALA C 387 -3.86 25.28 48.51
N GLN C 388 -4.73 24.96 47.56
CA GLN C 388 -4.57 23.75 46.78
C GLN C 388 -3.44 23.89 45.77
N ALA C 389 -2.94 22.75 45.31
CA ALA C 389 -1.96 22.76 44.24
C ALA C 389 -2.57 23.38 42.99
N GLN C 390 -1.75 24.09 42.23
CA GLN C 390 -2.18 24.72 41.00
C GLN C 390 -1.19 24.42 39.90
N THR C 391 -1.71 24.06 38.73
CA THR C 391 -0.88 23.73 37.59
C THR C 391 -1.25 24.64 36.43
N GLY C 392 -0.39 24.65 35.42
CA GLY C 392 -0.64 25.43 34.23
C GLY C 392 -0.04 24.74 33.04
N TRP C 393 -0.56 25.08 31.86
CA TRP C 393 -0.17 24.42 30.64
C TRP C 393 1.06 25.08 30.06
N VAL C 394 1.94 24.26 29.49
CA VAL C 394 3.13 24.77 28.83
C VAL C 394 2.82 24.90 27.35
N GLN C 395 2.67 26.12 26.88
CA GLN C 395 2.37 26.33 25.47
C GLN C 395 3.61 26.31 24.62
N ASN C 396 4.75 26.69 25.19
CA ASN C 396 6.04 26.63 24.51
C ASN C 396 7.10 26.22 25.51
N GLN C 397 8.02 25.37 25.08
CA GLN C 397 9.08 24.89 25.94
C GLN C 397 10.38 24.83 25.16
N GLY C 398 11.42 25.46 25.70
CA GLY C 398 12.72 25.44 25.06
C GLY C 398 13.52 24.22 25.44
N ILE C 399 14.73 24.14 24.87
CA ILE C 399 15.60 22.99 25.09
C ILE C 399 15.86 22.82 26.58
N LEU C 400 15.90 21.57 27.02
CA LEU C 400 16.36 21.22 28.35
C LEU C 400 17.43 20.14 28.23
N PRO C 401 18.30 20.00 29.21
CA PRO C 401 19.18 18.84 29.23
C PRO C 401 18.35 17.57 29.26
N GLY C 402 18.67 16.64 28.37
CA GLY C 402 17.96 15.39 28.30
C GLY C 402 16.86 15.34 27.26
N MET C 403 16.73 16.34 26.41
CA MET C 403 15.78 16.28 25.32
C MET C 403 16.39 15.62 24.10
N VAL C 404 15.65 14.68 23.53
CA VAL C 404 15.99 14.07 22.26
C VAL C 404 14.83 14.30 21.32
N TRP C 405 15.14 14.42 20.03
CA TRP C 405 14.09 14.68 19.07
C TRP C 405 14.55 14.26 17.70
N GLN C 406 13.59 14.15 16.80
CA GLN C 406 13.84 13.94 15.38
C GLN C 406 13.64 15.24 14.63
N ASP C 407 14.40 15.43 13.57
CA ASP C 407 14.19 16.59 12.72
C ASP C 407 13.01 16.36 11.80
N ARG C 408 12.68 17.36 11.00
CA ARG C 408 11.60 17.24 10.05
C ARG C 408 12.03 16.39 8.87
N ASP C 409 11.06 15.72 8.26
CA ASP C 409 11.34 14.79 7.19
C ASP C 409 11.69 15.53 5.91
N VAL C 410 12.32 14.81 4.99
CA VAL C 410 12.58 15.33 3.66
C VAL C 410 11.68 14.58 2.68
N TYR C 411 11.35 15.23 1.58
CA TYR C 411 10.41 14.69 0.61
C TYR C 411 10.96 14.80 -0.79
N LEU C 412 10.43 13.98 -1.68
CA LEU C 412 10.85 14.02 -3.07
C LEU C 412 10.70 15.42 -3.65
N GLN C 413 9.67 16.14 -3.22
CA GLN C 413 9.48 17.53 -3.61
C GLN C 413 10.26 18.50 -2.77
N GLY C 414 10.80 18.06 -1.64
CA GLY C 414 11.35 18.96 -0.67
C GLY C 414 12.70 19.52 -1.07
N PRO C 415 13.12 20.55 -0.36
CA PRO C 415 14.45 21.11 -0.59
C PRO C 415 15.53 20.22 0.00
N ILE C 416 16.74 20.38 -0.50
CA ILE C 416 17.83 19.53 -0.05
C ILE C 416 18.62 20.22 1.05
N TRP C 417 19.26 21.34 0.74
CA TRP C 417 20.09 22.01 1.72
C TRP C 417 19.62 23.45 1.91
N ALA C 418 20.11 24.05 2.99
CA ALA C 418 19.95 25.47 3.25
C ALA C 418 21.26 26.03 3.76
N LYS C 419 21.52 27.29 3.43
CA LYS C 419 22.71 27.97 3.93
C LYS C 419 22.46 28.44 5.36
N ILE C 420 23.36 28.09 6.25
CA ILE C 420 23.28 28.60 7.63
C ILE C 420 23.61 30.08 7.62
N PRO C 421 22.83 30.94 8.29
CA PRO C 421 23.07 32.38 8.31
C PRO C 421 24.51 32.75 8.69
N ASN C 426 24.21 30.24 16.78
CA ASN C 426 23.00 29.47 16.49
C ASN C 426 22.89 28.23 17.36
N PHE C 427 21.88 27.41 17.10
CA PHE C 427 21.80 26.08 17.68
C PHE C 427 21.11 25.13 16.73
N HIS C 428 21.61 23.90 16.71
CA HIS C 428 21.15 22.79 15.87
C HIS C 428 20.86 23.31 14.47
N PRO C 429 21.89 23.55 13.70
CA PRO C 429 21.74 24.28 12.43
C PRO C 429 20.78 23.64 11.43
N SER C 430 20.38 22.40 11.68
CA SER C 430 19.54 21.67 10.74
C SER C 430 18.33 22.50 10.34
N PRO C 431 18.12 22.77 9.05
CA PRO C 431 17.07 23.69 8.64
C PRO C 431 15.69 23.17 8.98
N LEU C 432 14.80 24.10 9.29
CA LEU C 432 13.47 23.73 9.77
C LEU C 432 12.58 23.19 8.67
N MET C 433 12.87 23.52 7.42
CA MET C 433 12.07 22.93 6.36
C MET C 433 12.60 21.56 5.96
N GLY C 434 13.62 21.07 6.62
CA GLY C 434 14.16 19.77 6.34
C GLY C 434 15.40 19.85 5.46
N GLY C 435 16.13 18.75 5.42
CA GLY C 435 17.34 18.68 4.65
C GLY C 435 18.58 18.94 5.47
N PHE C 436 19.62 19.41 4.78
CA PHE C 436 20.94 19.56 5.37
C PHE C 436 21.30 21.04 5.47
N GLY C 437 22.13 21.38 6.43
CA GLY C 437 22.57 22.76 6.60
C GLY C 437 23.67 23.17 5.64
N TYR C 472 17.69 36.06 -26.50
CA TYR C 472 17.67 35.04 -25.45
C TYR C 472 18.70 33.97 -25.76
N SER C 473 18.92 33.07 -24.81
CA SER C 473 19.89 31.99 -24.97
C SER C 473 19.32 30.70 -24.40
N THR C 474 19.99 29.60 -24.72
CA THR C 474 19.58 28.28 -24.27
C THR C 474 20.79 27.36 -24.28
N GLY C 475 20.64 26.21 -23.64
CA GLY C 475 21.68 25.22 -23.68
C GLY C 475 21.30 23.98 -22.91
N GLN C 476 22.30 23.20 -22.54
CA GLN C 476 22.10 22.02 -21.72
C GLN C 476 22.79 22.23 -20.38
N VAL C 477 22.25 21.60 -19.35
CA VAL C 477 22.85 21.62 -18.03
C VAL C 477 22.78 20.21 -17.46
N SER C 478 23.91 19.74 -16.95
CA SER C 478 23.98 18.48 -16.24
C SER C 478 24.42 18.77 -14.82
N VAL C 479 24.10 17.85 -13.93
CA VAL C 479 24.52 17.92 -12.54
C VAL C 479 24.67 16.50 -12.03
N GLU C 480 25.68 16.27 -11.20
CA GLU C 480 25.98 14.95 -10.68
C GLU C 480 26.26 15.09 -9.20
N ILE C 481 25.70 14.18 -8.40
CA ILE C 481 25.89 14.19 -6.97
C ILE C 481 26.14 12.77 -6.50
N GLU C 482 27.16 12.59 -5.68
CA GLU C 482 27.42 11.32 -5.04
C GLU C 482 26.73 11.31 -3.70
N TRP C 483 26.08 10.20 -3.38
CA TRP C 483 25.31 10.06 -2.16
C TRP C 483 25.88 8.89 -1.38
N GLU C 484 26.15 9.10 -0.10
CA GLU C 484 26.61 8.02 0.76
C GLU C 484 25.43 7.45 1.52
N LEU C 485 25.40 6.13 1.64
CA LEU C 485 24.25 5.43 2.19
C LEU C 485 24.61 4.74 3.48
N GLN C 486 23.60 4.53 4.32
CA GLN C 486 23.75 3.76 5.54
C GLN C 486 22.79 2.57 5.47
N LYS C 487 23.36 1.38 5.32
CA LYS C 487 22.55 0.19 5.09
C LYS C 487 21.78 -0.23 6.33
N GLU C 488 20.69 -0.95 6.11
CA GLU C 488 19.84 -1.42 7.18
C GLU C 488 20.31 -2.77 7.71
N ASN C 489 20.69 -2.79 8.98
CA ASN C 489 21.30 -3.96 9.60
C ASN C 489 20.33 -4.77 10.45
N SER C 490 19.05 -4.40 10.45
CA SER C 490 18.11 -4.86 11.48
C SER C 490 18.02 -6.36 11.59
N LYS C 491 17.76 -6.82 12.82
CA LYS C 491 17.42 -8.21 13.12
C LYS C 491 15.93 -8.43 13.24
N ARG C 492 15.11 -7.42 12.97
CA ARG C 492 13.67 -7.54 13.10
C ARG C 492 13.15 -8.75 12.35
N TRP C 493 12.30 -9.54 13.03
CA TRP C 493 11.81 -10.77 12.43
C TRP C 493 10.70 -10.53 11.43
N ASN C 494 9.68 -9.79 11.81
CA ASN C 494 8.52 -9.64 10.95
C ASN C 494 8.82 -8.65 9.84
N PRO C 495 8.04 -8.66 8.77
CA PRO C 495 8.32 -7.78 7.63
C PRO C 495 8.09 -6.32 7.96
N GLU C 496 8.86 -5.47 7.28
CA GLU C 496 8.78 -4.03 7.44
C GLU C 496 7.53 -3.46 6.78
N ILE C 497 7.18 -2.24 7.19
CA ILE C 497 6.33 -1.39 6.36
C ILE C 497 7.19 -0.81 5.25
N GLN C 498 6.80 -1.05 4.02
CA GLN C 498 7.62 -0.69 2.88
C GLN C 498 6.83 0.26 2.02
N TYR C 499 7.52 1.02 1.18
CA TYR C 499 6.79 1.92 0.29
C TYR C 499 6.49 1.25 -1.03
N THR C 500 5.22 1.18 -1.38
CA THR C 500 4.83 0.43 -2.56
C THR C 500 4.02 1.29 -3.50
N SER C 501 3.90 0.82 -4.73
CA SER C 501 3.13 1.50 -5.75
C SER C 501 1.71 0.98 -5.66
N ASN C 502 0.73 1.86 -5.84
CA ASN C 502 -0.67 1.46 -5.77
C ASN C 502 -1.03 0.54 -6.92
N TYR C 503 -1.91 -0.42 -6.69
CA TYR C 503 -2.30 -1.33 -7.74
C TYR C 503 -3.81 -1.43 -7.91
N TYR C 504 -4.33 -0.70 -8.89
CA TYR C 504 -5.74 -0.69 -9.20
C TYR C 504 -5.88 -0.18 -10.62
N LYS C 505 -7.02 -0.44 -11.23
CA LYS C 505 -7.23 0.05 -12.58
C LYS C 505 -7.54 1.54 -12.52
N SER C 506 -6.78 2.34 -13.26
CA SER C 506 -6.87 3.78 -13.19
C SER C 506 -6.75 4.38 -14.58
N ASN C 507 -7.08 5.66 -14.68
CA ASN C 507 -7.02 6.31 -15.98
C ASN C 507 -5.59 6.46 -16.46
N ASN C 508 -4.67 6.72 -15.54
CA ASN C 508 -3.29 6.95 -15.94
C ASN C 508 -2.35 6.58 -14.82
N VAL C 509 -1.12 6.23 -15.21
CA VAL C 509 -0.13 5.75 -14.26
C VAL C 509 0.35 6.90 -13.40
N GLU C 510 0.41 6.67 -12.10
CA GLU C 510 0.97 7.67 -11.22
C GLU C 510 2.44 7.85 -11.49
N PHE C 511 2.90 9.09 -11.39
CA PHE C 511 4.28 9.46 -11.72
C PHE C 511 4.59 9.18 -13.19
N ALA C 512 3.71 9.65 -14.06
CA ALA C 512 3.88 9.51 -15.50
C ALA C 512 3.10 10.64 -16.16
N VAL C 513 2.96 10.57 -17.47
CA VAL C 513 2.32 11.63 -18.24
C VAL C 513 0.89 11.23 -18.55
N ASN C 514 0.02 12.23 -18.61
CA ASN C 514 -1.35 12.02 -19.03
C ASN C 514 -1.40 11.96 -20.55
N THR C 515 -2.60 12.03 -21.13
CA THR C 515 -2.71 12.00 -22.57
C THR C 515 -2.19 13.29 -23.20
N GLU C 516 -2.46 14.42 -22.57
CA GLU C 516 -1.94 15.69 -23.04
C GLU C 516 -0.45 15.84 -22.79
N GLY C 517 0.18 14.89 -22.11
CA GLY C 517 1.61 14.92 -21.94
C GLY C 517 2.11 15.67 -20.73
N VAL C 518 1.29 15.84 -19.71
CA VAL C 518 1.70 16.57 -18.52
C VAL C 518 2.17 15.60 -17.45
N TYR C 519 3.38 15.80 -16.96
CA TYR C 519 3.92 15.02 -15.87
C TYR C 519 3.32 15.52 -14.57
N SER C 520 3.11 14.62 -13.62
CA SER C 520 2.44 14.95 -12.37
C SER C 520 2.96 14.07 -11.26
N GLU C 521 2.98 14.61 -10.05
CA GLU C 521 3.39 13.89 -8.85
C GLU C 521 2.19 13.94 -7.92
N PRO C 522 1.39 12.87 -7.92
CA PRO C 522 0.15 12.68 -7.16
C PRO C 522 0.27 12.69 -5.64
N ARG C 523 1.29 12.06 -5.08
CA ARG C 523 1.45 11.99 -3.63
C ARG C 523 2.80 12.50 -3.14
N PRO C 524 2.80 13.31 -2.07
CA PRO C 524 4.09 13.75 -1.56
C PRO C 524 4.75 12.53 -0.92
N ILE C 525 6.01 12.27 -1.19
CA ILE C 525 6.66 11.08 -0.63
C ILE C 525 7.67 11.42 0.46
N GLY C 526 7.53 10.76 1.60
CA GLY C 526 8.42 10.97 2.72
C GLY C 526 9.65 10.09 2.65
N THR C 527 10.38 10.01 3.77
CA THR C 527 11.59 9.21 3.79
C THR C 527 11.57 8.11 4.86
N ARG C 528 10.55 8.05 5.70
CA ARG C 528 10.60 7.18 6.87
C ARG C 528 9.65 6.01 6.71
N TYR C 529 10.22 4.83 6.49
CA TYR C 529 9.49 3.58 6.37
C TYR C 529 10.12 2.51 7.24
N LEU C 530 11.39 2.23 7.01
CA LEU C 530 12.14 1.28 7.82
C LEU C 530 12.14 1.72 9.26
N THR C 531 12.40 0.78 10.15
CA THR C 531 12.28 1.04 11.58
C THR C 531 13.60 0.81 12.30
N ARG C 532 13.70 1.41 13.47
CA ARG C 532 14.82 1.21 14.37
C ARG C 532 14.31 1.21 15.80
N ASN C 533 15.13 0.67 16.68
CA ASN C 533 14.85 0.77 18.10
C ASN C 533 15.14 2.18 18.59
N LEU C 534 14.57 2.53 19.73
CA LEU C 534 14.84 3.83 20.30
C LEU C 534 15.85 3.70 21.41
N LEU D 47 13.80 12.86 -40.47
CA LEU D 47 13.45 12.80 -39.05
C LEU D 47 12.69 14.04 -38.59
N PRO D 48 11.39 13.91 -38.41
CA PRO D 48 10.59 15.05 -37.95
C PRO D 48 10.65 15.26 -36.45
N THR D 49 9.79 16.14 -35.95
CA THR D 49 9.62 16.35 -34.53
C THR D 49 8.25 15.84 -34.12
N TYR D 50 8.24 14.72 -33.39
CA TYR D 50 7.00 14.06 -33.00
C TYR D 50 6.46 14.64 -31.71
N ASN D 51 5.14 14.58 -31.61
CA ASN D 51 4.36 15.03 -30.46
C ASN D 51 4.80 16.35 -29.90
N ASN D 52 5.45 17.18 -30.71
CA ASN D 52 5.91 18.50 -30.28
C ASN D 52 6.74 18.39 -29.00
N HIS D 53 7.72 17.47 -29.03
CA HIS D 53 8.62 17.19 -27.92
C HIS D 53 7.89 16.78 -26.65
N LEU D 54 6.97 15.83 -26.77
CA LEU D 54 6.22 15.38 -25.61
C LEU D 54 6.12 13.86 -25.57
N TYR D 55 6.23 13.32 -24.38
CA TYR D 55 5.70 11.99 -24.09
C TYR D 55 4.20 12.16 -23.88
N LYS D 56 3.42 11.28 -24.49
CA LYS D 56 1.98 11.35 -24.31
C LYS D 56 1.41 9.94 -24.20
N GLN D 57 0.55 9.77 -23.20
CA GLN D 57 -0.22 8.54 -23.05
C GLN D 57 -1.12 8.32 -24.25
N ILE D 58 -1.17 7.07 -24.71
CA ILE D 58 -2.11 6.66 -25.74
C ILE D 58 -2.80 5.44 -25.17
N SER D 59 -3.98 5.13 -25.68
CA SER D 59 -4.69 3.98 -25.16
C SER D 59 -5.69 3.45 -26.17
N ASN D 60 -6.37 2.38 -25.78
CA ASN D 60 -7.42 1.81 -26.61
C ASN D 60 -8.47 2.85 -26.97
N SER D 61 -8.97 3.57 -25.97
CA SER D 61 -10.08 4.48 -26.19
C SER D 61 -9.65 5.70 -26.99
N THR D 62 -8.36 5.99 -27.02
CA THR D 62 -7.88 7.13 -27.79
C THR D 62 -8.16 6.92 -29.28
N SER D 63 -8.23 5.66 -29.71
CA SER D 63 -8.64 5.36 -31.07
C SER D 63 -10.13 5.05 -31.15
N GLY D 64 -10.84 5.16 -30.03
CA GLY D 64 -12.25 4.84 -29.98
C GLY D 64 -12.53 3.52 -29.29
N GLY D 65 -11.52 2.65 -29.24
CA GLY D 65 -11.61 1.40 -28.50
C GLY D 65 -12.76 0.49 -28.90
N SER D 66 -13.57 0.11 -27.92
CA SER D 66 -14.82 -0.65 -28.07
C SER D 66 -14.58 -2.12 -28.40
N SER D 67 -13.35 -2.55 -28.60
CA SER D 67 -13.06 -3.95 -28.91
C SER D 67 -12.15 -4.52 -27.84
N ASN D 68 -12.62 -5.54 -27.15
CA ASN D 68 -11.82 -6.13 -26.08
C ASN D 68 -10.53 -6.72 -26.64
N ASP D 69 -10.62 -7.51 -27.70
CA ASP D 69 -9.43 -8.11 -28.26
C ASP D 69 -8.45 -7.08 -28.80
N ASN D 70 -8.93 -5.89 -29.16
CA ASN D 70 -8.06 -4.83 -29.65
C ASN D 70 -7.68 -3.81 -28.60
N ALA D 71 -8.04 -4.03 -27.34
CA ALA D 71 -7.72 -3.03 -26.31
C ALA D 71 -6.23 -2.97 -26.05
N TYR D 72 -5.74 -1.76 -25.79
CA TYR D 72 -4.32 -1.58 -25.53
C TYR D 72 -4.11 -0.34 -24.67
N PHE D 73 -2.94 -0.27 -24.06
CA PHE D 73 -2.52 0.87 -23.26
C PHE D 73 -1.02 1.05 -23.42
N GLY D 74 -0.57 2.29 -23.56
CA GLY D 74 0.85 2.53 -23.70
C GLY D 74 1.15 3.98 -23.90
N TYR D 75 2.38 4.25 -24.36
CA TYR D 75 2.87 5.60 -24.47
C TYR D 75 3.51 5.84 -25.82
N SER D 76 3.46 7.07 -26.29
CA SER D 76 4.14 7.50 -27.50
C SER D 76 5.22 8.50 -27.12
N THR D 77 6.38 8.35 -27.72
CA THR D 77 7.56 9.08 -27.33
C THR D 77 7.99 10.03 -28.44
N PRO D 78 8.70 11.12 -28.10
CA PRO D 78 9.26 11.98 -29.14
C PRO D 78 10.38 11.32 -29.93
N TRP D 79 10.89 10.19 -29.46
CA TRP D 79 12.02 9.54 -30.09
C TRP D 79 11.61 8.78 -31.34
N GLY D 80 12.51 8.78 -32.33
CA GLY D 80 12.43 7.88 -33.45
C GLY D 80 13.48 6.79 -33.30
N TYR D 81 13.46 5.83 -34.22
CA TYR D 81 14.43 4.75 -34.13
C TYR D 81 14.84 4.19 -35.49
N PHE D 143 21.21 7.50 -28.87
CA PHE D 143 21.87 6.46 -28.09
C PHE D 143 21.37 5.08 -28.50
N THR D 144 22.02 4.05 -27.98
CA THR D 144 21.57 2.68 -28.16
C THR D 144 21.23 2.08 -26.80
N ASP D 145 20.34 1.09 -26.82
CA ASP D 145 20.06 0.31 -25.62
C ASP D 145 20.80 -1.02 -25.80
N SER D 146 21.93 -1.14 -25.12
CA SER D 146 22.71 -2.37 -25.16
C SER D 146 22.43 -3.28 -23.99
N ASP D 147 21.67 -2.81 -23.01
CA ASP D 147 21.26 -3.63 -21.88
C ASP D 147 19.86 -4.19 -22.06
N TYR D 148 19.20 -3.90 -23.17
CA TYR D 148 17.88 -4.43 -23.47
C TYR D 148 16.87 -4.01 -22.42
N GLN D 149 17.07 -2.82 -21.88
CA GLN D 149 16.22 -2.31 -20.81
C GLN D 149 14.90 -1.74 -21.29
N LEU D 150 14.83 -1.26 -22.50
CA LEU D 150 13.56 -0.77 -23.02
C LEU D 150 12.77 -1.89 -23.66
N PRO D 151 11.46 -1.73 -23.79
CA PRO D 151 10.67 -2.70 -24.58
C PRO D 151 11.23 -2.82 -25.97
N TYR D 152 11.33 -4.05 -26.46
CA TYR D 152 11.96 -4.31 -27.75
C TYR D 152 10.86 -4.49 -28.78
N VAL D 153 10.69 -3.49 -29.64
CA VAL D 153 9.57 -3.47 -30.57
C VAL D 153 9.94 -3.92 -31.97
N LEU D 154 11.21 -4.24 -32.22
CA LEU D 154 11.63 -4.51 -33.58
C LEU D 154 11.07 -5.80 -34.14
N GLY D 155 10.96 -6.84 -33.32
CA GLY D 155 10.62 -8.16 -33.84
C GLY D 155 9.19 -8.31 -34.32
N SER D 156 8.44 -7.21 -34.34
CA SER D 156 7.03 -7.26 -34.68
C SER D 156 6.75 -6.99 -36.15
N ALA D 157 7.79 -6.86 -36.97
CA ALA D 157 7.64 -6.71 -38.43
C ALA D 157 6.92 -5.42 -38.79
N HIS D 158 7.18 -4.37 -38.03
CA HIS D 158 6.62 -3.07 -38.35
C HIS D 158 7.32 -2.45 -39.55
N GLU D 159 6.67 -1.42 -40.10
CA GLU D 159 7.17 -0.79 -41.30
C GLU D 159 8.43 0.00 -40.97
N GLY D 160 9.05 0.59 -42.00
CA GLY D 160 10.28 1.33 -41.81
C GLY D 160 11.53 0.52 -42.05
N MET D 171 12.49 7.89 -44.24
CA MET D 171 11.89 8.51 -43.06
C MET D 171 12.06 7.62 -41.84
N ILE D 172 12.19 8.24 -40.67
CA ILE D 172 12.39 7.48 -39.43
C ILE D 172 11.06 7.43 -38.67
N PRO D 173 10.59 6.25 -38.28
CA PRO D 173 9.31 6.15 -37.57
C PRO D 173 9.44 6.51 -36.10
N GLN D 174 8.29 6.89 -35.53
CA GLN D 174 8.23 7.28 -34.13
C GLN D 174 8.35 6.06 -33.24
N TYR D 175 8.87 6.26 -32.04
CA TYR D 175 8.96 5.19 -31.06
C TYR D 175 7.83 5.29 -30.06
N GLY D 176 7.22 4.15 -29.76
CA GLY D 176 6.16 4.05 -28.77
C GLY D 176 6.06 2.60 -28.37
N TYR D 177 5.50 2.37 -27.19
CA TYR D 177 5.47 1.02 -26.66
C TYR D 177 4.18 0.78 -25.89
N LEU D 178 3.90 -0.48 -25.64
CA LEU D 178 2.72 -0.88 -24.92
C LEU D 178 3.11 -1.56 -23.61
N THR D 179 2.21 -1.51 -22.65
CA THR D 179 2.42 -2.12 -21.35
C THR D 179 1.12 -2.78 -20.93
N LEU D 180 1.09 -3.32 -19.72
CA LEU D 180 -0.07 -4.05 -19.26
C LEU D 180 -1.28 -3.14 -19.21
N ASN D 181 -2.46 -3.70 -19.40
CA ASN D 181 -3.69 -2.93 -19.41
C ASN D 181 -4.84 -3.78 -18.92
N ASP D 182 -5.92 -3.12 -18.54
CA ASP D 182 -7.23 -3.74 -18.41
C ASP D 182 -8.20 -2.86 -19.19
N GLY D 183 -8.73 -3.39 -20.27
CA GLY D 183 -9.47 -2.52 -21.18
C GLY D 183 -8.55 -1.41 -21.62
N SER D 184 -9.03 -0.18 -21.52
CA SER D 184 -8.23 0.98 -21.88
C SER D 184 -7.53 1.59 -20.69
N GLN D 185 -7.64 1.00 -19.51
CA GLN D 185 -7.04 1.56 -18.32
C GLN D 185 -5.77 0.79 -17.96
N ALA D 186 -5.09 1.28 -16.93
CA ALA D 186 -3.76 0.81 -16.57
C ALA D 186 -3.77 0.15 -15.20
N VAL D 187 -3.32 -1.07 -15.15
CA VAL D 187 -3.15 -1.78 -13.90
C VAL D 187 -1.85 -1.35 -13.24
N GLY D 188 -1.78 -1.52 -11.93
CA GLY D 188 -0.67 -1.02 -11.17
C GLY D 188 0.67 -1.53 -11.62
N ARG D 189 0.69 -2.70 -12.22
CA ARG D 189 1.96 -3.29 -12.63
C ARG D 189 2.51 -2.66 -13.90
N SER D 190 1.76 -1.77 -14.54
CA SER D 190 2.21 -1.13 -15.77
C SER D 190 3.46 -0.30 -15.54
N SER D 191 4.23 -0.12 -16.60
CA SER D 191 5.50 0.57 -16.53
C SER D 191 5.53 1.76 -17.48
N PHE D 192 6.26 2.79 -17.09
CA PHE D 192 6.49 3.96 -17.91
C PHE D 192 7.98 4.23 -17.99
N TYR D 193 8.46 4.47 -19.21
CA TYR D 193 9.88 4.66 -19.46
C TYR D 193 10.09 6.03 -20.07
N CYS D 194 10.96 6.83 -19.45
CA CYS D 194 11.40 8.09 -20.03
C CYS D 194 12.76 7.86 -20.67
N LEU D 195 12.81 8.00 -21.99
CA LEU D 195 14.06 7.75 -22.70
C LEU D 195 15.09 8.82 -22.45
N GLU D 196 14.68 10.02 -22.04
CA GLU D 196 15.63 11.04 -21.62
C GLU D 196 16.49 10.57 -20.46
N TYR D 197 16.09 9.52 -19.77
CA TYR D 197 16.75 9.07 -18.56
C TYR D 197 17.90 8.12 -18.86
N PHE D 198 18.15 7.87 -20.09
CA PHE D 198 19.32 7.23 -20.67
C PHE D 198 20.36 8.27 -21.06
N PRO D 199 21.64 7.89 -21.13
CA PRO D 199 22.69 8.81 -21.59
C PRO D 199 22.53 9.21 -23.06
N PRO D 280 4.19 -32.10 -35.59
CA PRO D 280 3.43 -31.15 -34.78
C PRO D 280 2.64 -30.16 -35.61
N SER D 281 1.32 -30.21 -35.53
CA SER D 281 0.48 -29.32 -36.34
C SER D 281 -0.62 -28.71 -35.48
N TYR D 282 -1.02 -27.50 -35.88
CA TYR D 282 -2.18 -26.80 -35.33
C TYR D 282 -2.95 -26.34 -36.55
N ARG D 283 -4.12 -26.93 -36.81
CA ARG D 283 -4.69 -26.83 -38.15
C ARG D 283 -5.24 -25.45 -38.45
N GLN D 284 -5.00 -25.00 -39.69
CA GLN D 284 -5.56 -23.80 -40.26
C GLN D 284 -6.76 -24.16 -41.13
N GLN D 285 -7.73 -23.26 -41.19
CA GLN D 285 -8.82 -23.42 -42.16
C GLN D 285 -8.28 -23.26 -43.57
N ARG D 286 -8.83 -24.04 -44.50
CA ARG D 286 -8.44 -23.99 -45.89
C ARG D 286 -9.27 -22.95 -46.64
N VAL D 287 -8.60 -22.16 -47.48
CA VAL D 287 -9.27 -21.18 -48.31
C VAL D 287 -8.75 -21.32 -49.73
N SER D 288 -9.65 -21.60 -50.66
CA SER D 288 -9.31 -21.72 -52.06
C SER D 288 -9.37 -20.36 -52.74
N THR D 289 -8.39 -20.10 -53.61
CA THR D 289 -8.30 -18.80 -54.24
C THR D 289 -9.40 -18.55 -55.27
N THR D 290 -10.17 -19.58 -55.63
CA THR D 290 -11.30 -19.41 -56.52
C THR D 290 -12.54 -19.13 -55.67
N VAL D 291 -13.14 -17.96 -55.86
CA VAL D 291 -14.13 -17.47 -54.92
C VAL D 291 -15.31 -18.43 -54.79
N THR D 292 -15.77 -19.06 -55.87
CA THR D 292 -16.92 -19.95 -55.82
C THR D 292 -16.71 -21.16 -54.94
N GLN D 293 -15.48 -21.66 -54.89
CA GLN D 293 -15.17 -22.83 -54.08
C GLN D 293 -15.42 -22.56 -52.59
N ASN D 294 -15.06 -21.36 -52.14
CA ASN D 294 -15.27 -20.97 -50.75
C ASN D 294 -16.74 -20.80 -50.39
N ASN D 295 -17.08 -21.13 -49.15
CA ASN D 295 -18.45 -21.01 -48.67
C ASN D 295 -18.88 -19.55 -48.66
N ASN D 296 -20.14 -19.28 -48.98
CA ASN D 296 -20.64 -17.92 -49.01
C ASN D 296 -21.07 -17.42 -47.64
N SER D 297 -20.11 -17.21 -46.76
CA SER D 297 -20.34 -16.72 -45.41
C SER D 297 -19.08 -16.05 -44.92
N GLU D 298 -19.17 -15.20 -43.91
CA GLU D 298 -17.97 -14.52 -43.42
C GLU D 298 -17.34 -15.35 -42.31
N PHE D 299 -16.25 -16.02 -42.64
CA PHE D 299 -15.53 -16.86 -41.70
C PHE D 299 -14.13 -16.34 -41.42
N ALA D 300 -13.84 -15.10 -41.79
CA ALA D 300 -12.49 -14.57 -41.60
C ALA D 300 -12.07 -14.55 -40.14
N TRP D 301 -12.95 -14.08 -39.26
CA TRP D 301 -12.62 -14.07 -37.85
C TRP D 301 -13.23 -15.27 -37.13
N PRO D 302 -14.44 -15.64 -37.54
CA PRO D 302 -15.22 -16.75 -36.98
C PRO D 302 -14.57 -18.12 -37.17
N GLY D 303 -13.97 -18.37 -38.33
CA GLY D 303 -13.36 -19.66 -38.57
C GLY D 303 -11.85 -19.71 -38.52
N ALA D 304 -11.24 -18.72 -37.88
CA ALA D 304 -9.79 -18.67 -37.78
C ALA D 304 -9.30 -19.35 -36.51
N SER D 305 -8.17 -20.04 -36.63
CA SER D 305 -7.54 -20.67 -35.48
C SER D 305 -6.89 -19.61 -34.61
N SER D 306 -7.24 -19.62 -33.33
CA SER D 306 -6.84 -18.54 -32.45
C SER D 306 -6.56 -19.09 -31.07
N TRP D 307 -5.57 -18.50 -30.41
CA TRP D 307 -5.24 -18.82 -29.04
C TRP D 307 -5.60 -17.66 -28.14
N ALA D 308 -5.95 -17.97 -26.91
CA ALA D 308 -6.46 -16.98 -25.97
C ALA D 308 -5.48 -16.79 -24.84
N LEU D 309 -5.22 -15.54 -24.47
CA LEU D 309 -4.33 -15.21 -23.37
C LEU D 309 -5.01 -14.15 -22.52
N ASN D 310 -5.32 -14.51 -21.28
CA ASN D 310 -6.03 -13.62 -20.37
C ASN D 310 -7.31 -13.09 -21.02
N GLY D 311 -8.13 -13.99 -21.50
CA GLY D 311 -9.42 -13.58 -22.01
C GLY D 311 -9.42 -12.74 -23.25
N ARG D 312 -8.28 -12.60 -23.93
CA ARG D 312 -8.24 -11.98 -25.25
C ARG D 312 -7.86 -13.02 -26.28
N ASN D 313 -8.69 -13.18 -27.29
CA ASN D 313 -8.43 -14.12 -28.37
C ASN D 313 -7.50 -13.47 -29.37
N SER D 314 -6.44 -14.19 -29.74
CA SER D 314 -5.48 -13.70 -30.71
C SER D 314 -5.38 -14.69 -31.85
N LEU D 315 -5.51 -14.17 -33.07
CA LEU D 315 -5.34 -14.99 -34.26
C LEU D 315 -4.00 -15.71 -34.22
N MET D 316 -4.01 -17.00 -34.54
CA MET D 316 -2.74 -17.71 -34.62
C MET D 316 -2.11 -17.34 -35.95
N ASN D 317 -1.01 -16.62 -35.90
CA ASN D 317 -0.42 -16.10 -37.10
C ASN D 317 1.09 -15.99 -36.94
N PRO D 318 1.84 -16.41 -37.96
CA PRO D 318 1.41 -17.31 -39.02
C PRO D 318 1.14 -18.71 -38.48
N GLY D 319 1.63 -18.99 -37.28
CA GLY D 319 1.44 -20.27 -36.66
C GLY D 319 2.64 -21.16 -36.86
N PRO D 320 2.54 -22.40 -36.39
CA PRO D 320 3.68 -23.33 -36.54
C PRO D 320 4.02 -23.57 -38.00
N ALA D 321 5.24 -24.05 -38.23
CA ALA D 321 5.70 -24.29 -39.58
C ALA D 321 5.05 -25.56 -40.12
N MET D 322 4.33 -25.43 -41.22
CA MET D 322 3.62 -26.55 -41.82
C MET D 322 3.66 -26.48 -43.34
N PRO D 334 -4.33 -22.74 -45.78
CA PRO D 334 -4.00 -22.07 -44.53
C PRO D 334 -4.59 -20.68 -44.52
N LEU D 335 -5.69 -20.49 -43.79
CA LEU D 335 -6.33 -19.18 -43.73
C LEU D 335 -5.41 -18.14 -43.12
N SER D 336 -4.75 -18.51 -42.03
CA SER D 336 -3.81 -17.61 -41.35
C SER D 336 -2.40 -18.17 -41.42
N GLY D 337 -2.22 -19.22 -42.19
CA GLY D 337 -0.94 -19.91 -42.32
C GLY D 337 0.28 -19.21 -42.87
N SER D 338 0.11 -18.38 -43.89
CA SER D 338 1.26 -17.74 -44.50
C SER D 338 1.22 -16.22 -44.56
N LEU D 339 2.40 -15.63 -44.65
CA LEU D 339 2.58 -14.18 -44.71
C LEU D 339 1.99 -13.60 -45.99
N ILE D 340 1.47 -12.38 -45.88
CA ILE D 340 0.91 -11.67 -47.02
C ILE D 340 1.63 -10.34 -47.17
N PHE D 341 2.07 -10.02 -48.37
CA PHE D 341 2.79 -8.77 -48.59
C PHE D 341 1.98 -7.82 -49.46
N GLY D 342 2.46 -6.59 -49.55
CA GLY D 342 1.85 -5.62 -50.43
C GLY D 342 2.28 -5.78 -51.87
N SER D 374 -5.40 -32.63 -41.18
CA SER D 374 -5.18 -33.20 -39.85
C SER D 374 -3.83 -33.88 -39.75
N TYR D 375 -3.45 -34.20 -38.52
CA TYR D 375 -2.17 -34.86 -38.31
C TYR D 375 -2.28 -36.37 -38.54
N GLY D 376 -3.48 -36.93 -38.36
CA GLY D 376 -3.63 -38.37 -38.40
C GLY D 376 -4.85 -38.79 -37.61
N GLN D 377 -4.83 -40.03 -37.16
CA GLN D 377 -5.94 -40.58 -36.38
C GLN D 377 -5.41 -41.33 -35.17
N VAL D 378 -6.31 -41.61 -34.23
CA VAL D 378 -6.01 -42.38 -33.04
C VAL D 378 -7.20 -43.27 -32.71
N ALA D 379 -6.91 -44.36 -32.01
CA ALA D 379 -7.98 -45.23 -31.51
C ALA D 379 -8.70 -44.52 -30.37
N THR D 380 -10.02 -44.42 -30.48
CA THR D 380 -10.80 -43.75 -29.46
C THR D 380 -11.48 -44.69 -28.48
N ASN D 381 -11.34 -46.00 -28.64
CA ASN D 381 -12.04 -46.94 -27.77
C ASN D 381 -11.36 -48.30 -27.84
N HIS D 382 -11.88 -49.24 -27.05
CA HIS D 382 -11.43 -50.62 -27.08
C HIS D 382 -12.34 -51.42 -28.01
N GLN D 383 -11.73 -52.12 -28.96
CA GLN D 383 -12.51 -53.05 -29.76
C GLN D 383 -12.88 -54.27 -28.91
N SER D 384 -13.94 -54.94 -29.33
CA SER D 384 -14.42 -56.13 -28.66
C SER D 384 -15.34 -56.86 -29.62
N ALA D 385 -16.02 -57.88 -29.11
CA ALA D 385 -17.10 -58.48 -29.86
C ALA D 385 -18.14 -57.43 -30.23
N GLN D 386 -18.69 -56.72 -29.24
CA GLN D 386 -19.78 -55.79 -29.45
C GLN D 386 -19.33 -54.44 -29.97
N ALA D 387 -18.07 -54.06 -29.77
CA ALA D 387 -17.63 -52.71 -30.04
C ALA D 387 -16.62 -52.72 -31.18
N GLN D 388 -16.98 -52.09 -32.29
CA GLN D 388 -16.06 -51.96 -33.39
C GLN D 388 -14.91 -51.05 -33.01
N ALA D 389 -13.82 -51.16 -33.76
CA ALA D 389 -12.72 -50.24 -33.55
C ALA D 389 -13.12 -48.85 -34.02
N GLN D 390 -13.02 -47.87 -33.12
CA GLN D 390 -13.37 -46.50 -33.42
C GLN D 390 -12.12 -45.64 -33.42
N THR D 391 -12.05 -44.74 -34.37
CA THR D 391 -10.92 -43.85 -34.52
C THR D 391 -11.42 -42.41 -34.55
N GLY D 392 -10.49 -41.48 -34.37
CA GLY D 392 -10.83 -40.08 -34.42
C GLY D 392 -9.64 -39.28 -34.89
N TRP D 393 -9.94 -38.13 -35.47
CA TRP D 393 -8.93 -37.31 -36.11
C TRP D 393 -8.13 -36.52 -35.09
N VAL D 394 -6.93 -36.11 -35.49
CA VAL D 394 -6.06 -35.31 -34.64
C VAL D 394 -5.89 -33.95 -35.29
N GLN D 395 -6.54 -32.94 -34.70
CA GLN D 395 -6.47 -31.60 -35.24
C GLN D 395 -5.23 -30.85 -34.76
N ASN D 396 -4.83 -31.05 -33.51
CA ASN D 396 -3.66 -30.40 -32.95
C ASN D 396 -2.72 -31.44 -32.37
N GLN D 397 -1.43 -31.22 -32.50
CA GLN D 397 -0.46 -32.19 -32.01
C GLN D 397 0.78 -31.48 -31.48
N GLY D 398 1.26 -31.90 -30.32
CA GLY D 398 2.49 -31.38 -29.78
C GLY D 398 3.65 -32.32 -30.02
N ILE D 399 4.84 -31.87 -29.62
CA ILE D 399 6.07 -32.59 -29.88
C ILE D 399 6.01 -33.97 -29.25
N LEU D 400 6.67 -34.93 -29.87
CA LEU D 400 6.75 -36.29 -29.33
C LEU D 400 8.16 -36.85 -29.31
N ALA D 418 14.59 -11.14 -34.62
CA ALA D 418 13.60 -11.20 -33.54
C ALA D 418 14.26 -11.52 -32.21
N LYS D 419 13.70 -10.99 -31.14
CA LYS D 419 14.25 -11.18 -29.80
C LYS D 419 13.49 -12.29 -29.09
N ILE D 420 14.24 -13.20 -28.50
CA ILE D 420 13.61 -14.25 -27.70
C ILE D 420 13.11 -13.63 -26.39
N PRO D 421 11.82 -13.74 -26.07
CA PRO D 421 11.34 -13.16 -24.82
C PRO D 421 12.09 -13.76 -23.64
N HIS D 422 12.15 -13.01 -22.57
CA HIS D 422 12.89 -13.45 -21.39
C HIS D 422 11.90 -14.19 -20.50
N THR D 423 12.05 -15.50 -20.42
CA THR D 423 11.10 -16.34 -19.70
C THR D 423 11.83 -17.54 -19.12
N ASP D 424 11.17 -18.22 -18.19
CA ASP D 424 11.77 -19.38 -17.55
C ASP D 424 11.94 -20.52 -18.53
N GLY D 425 11.14 -20.55 -19.59
CA GLY D 425 11.24 -21.64 -20.53
C GLY D 425 10.77 -21.24 -21.91
N ASN D 426 11.31 -21.96 -22.89
CA ASN D 426 10.88 -21.88 -24.27
C ASN D 426 11.29 -23.17 -24.96
N PHE D 427 10.68 -23.44 -26.10
CA PHE D 427 11.07 -24.60 -26.87
C PHE D 427 11.25 -24.20 -28.32
N HIS D 428 12.39 -24.54 -28.89
CA HIS D 428 12.79 -24.22 -30.24
C HIS D 428 12.53 -22.74 -30.47
N PRO D 429 13.35 -21.88 -29.90
CA PRO D 429 13.06 -20.45 -29.85
C PRO D 429 12.94 -19.75 -31.19
N SER D 430 13.30 -20.41 -32.28
CA SER D 430 13.29 -19.78 -33.58
C SER D 430 11.97 -19.06 -33.82
N PRO D 431 11.98 -17.79 -34.23
CA PRO D 431 10.73 -17.04 -34.38
C PRO D 431 9.83 -17.68 -35.41
N LEU D 432 8.53 -17.50 -35.21
CA LEU D 432 7.57 -18.19 -36.07
C LEU D 432 7.43 -17.53 -37.43
N MET D 433 7.78 -16.26 -37.57
CA MET D 433 7.80 -15.64 -38.87
C MET D 433 9.12 -15.87 -39.61
N GLY D 434 10.01 -16.66 -39.04
CA GLY D 434 11.25 -17.08 -39.66
C GLY D 434 12.41 -16.19 -39.27
N GLY D 435 13.58 -16.81 -39.16
CA GLY D 435 14.81 -16.11 -38.85
C GLY D 435 15.29 -16.31 -37.43
N GLY D 437 16.35 -15.66 -34.30
CA GLY D 437 15.86 -15.41 -32.95
C GLY D 437 16.96 -15.53 -31.92
N MET D 438 17.21 -14.45 -31.19
CA MET D 438 18.35 -14.39 -30.29
C MET D 438 17.91 -13.83 -28.95
N LYS D 439 18.59 -14.25 -27.88
CA LYS D 439 18.34 -13.67 -26.57
C LYS D 439 18.98 -12.31 -26.42
N HIS D 440 19.96 -11.99 -27.26
CA HIS D 440 20.62 -10.68 -27.26
C HIS D 440 20.68 -10.20 -28.70
N PRO D 441 19.55 -9.83 -29.28
CA PRO D 441 19.54 -9.42 -30.67
C PRO D 441 20.30 -8.13 -30.87
N PRO D 442 20.46 -7.67 -32.10
CA PRO D 442 21.02 -6.35 -32.32
C PRO D 442 20.25 -5.30 -31.56
N PRO D 443 20.94 -4.40 -30.88
CA PRO D 443 20.26 -3.44 -30.01
C PRO D 443 19.46 -2.42 -30.81
N GLN D 444 18.53 -1.79 -30.12
CA GLN D 444 17.77 -0.70 -30.72
C GLN D 444 18.58 0.59 -30.68
N ILE D 445 18.29 1.49 -31.62
CA ILE D 445 19.01 2.73 -31.77
C ILE D 445 17.98 3.84 -31.73
N LEU D 446 18.16 4.80 -30.81
CA LEU D 446 17.15 5.82 -30.55
C LEU D 446 17.70 7.20 -30.87
N ILE D 447 16.86 8.02 -31.47
CA ILE D 447 17.29 9.32 -31.98
C ILE D 447 16.14 10.31 -31.87
N LYS D 448 16.46 11.56 -31.57
CA LYS D 448 15.49 12.64 -31.59
C LYS D 448 16.21 13.96 -31.77
N ASN D 449 15.45 14.98 -32.16
CA ASN D 449 16.00 16.32 -32.28
C ASN D 449 15.89 17.03 -30.95
N THR D 450 17.02 17.39 -30.37
CA THR D 450 17.03 18.13 -29.12
C THR D 450 16.20 19.40 -29.28
N PRO D 451 15.19 19.62 -28.45
CA PRO D 451 14.28 20.75 -28.66
C PRO D 451 14.98 22.07 -28.47
N VAL D 452 14.67 23.03 -29.34
CA VAL D 452 15.17 24.39 -29.23
C VAL D 452 13.96 25.30 -28.98
N PRO D 453 13.84 25.91 -27.82
CA PRO D 453 12.66 26.70 -27.54
C PRO D 453 12.66 28.04 -28.26
N ALA D 454 11.48 28.64 -28.36
CA ALA D 454 11.32 29.97 -28.95
C ALA D 454 11.60 31.03 -27.87
N ASP D 455 11.50 32.31 -28.20
CA ASP D 455 11.79 33.31 -27.19
C ASP D 455 10.80 33.25 -26.03
N PRO D 456 11.33 33.19 -24.80
CA PRO D 456 10.59 33.13 -23.54
C PRO D 456 10.11 34.50 -23.10
N PRO D 457 9.07 34.54 -22.26
CA PRO D 457 8.53 35.79 -21.73
C PRO D 457 9.56 36.44 -20.82
N THR D 458 9.64 37.77 -20.81
CA THR D 458 10.62 38.43 -19.95
C THR D 458 10.38 38.16 -18.47
N ALA D 459 9.13 38.21 -18.05
CA ALA D 459 8.78 37.94 -16.67
C ALA D 459 8.97 36.46 -16.38
N PHE D 460 9.44 36.12 -15.19
CA PHE D 460 9.63 34.72 -14.85
C PHE D 460 8.31 33.97 -14.80
N ASN D 461 8.30 32.76 -15.33
CA ASN D 461 7.12 31.91 -15.33
C ASN D 461 7.50 30.54 -14.80
N LYS D 462 6.57 29.89 -14.13
CA LYS D 462 6.84 28.58 -13.54
C LYS D 462 6.53 27.39 -14.44
N ASP D 463 5.61 27.57 -15.38
CA ASP D 463 5.22 26.47 -16.26
C ASP D 463 6.33 26.14 -17.24
N LYS D 464 6.33 24.89 -17.72
CA LYS D 464 7.32 24.49 -18.71
C LYS D 464 7.07 25.21 -20.01
N LEU D 465 8.09 25.26 -20.85
CA LEU D 465 7.98 26.00 -22.11
C LEU D 465 7.44 25.10 -23.21
N ASN D 466 6.29 25.49 -23.75
CA ASN D 466 5.67 24.76 -24.84
C ASN D 466 5.92 25.39 -26.21
N SER D 467 6.68 26.48 -26.27
CA SER D 467 6.89 27.22 -27.51
C SER D 467 8.23 26.80 -28.10
N PHE D 468 8.20 26.28 -29.33
CA PHE D 468 9.38 25.70 -29.94
C PHE D 468 9.50 26.10 -31.40
N ILE D 469 10.67 25.79 -31.96
CA ILE D 469 10.96 26.10 -33.35
C ILE D 469 10.86 24.85 -34.19
N THR D 470 10.08 24.91 -35.27
CA THR D 470 9.94 23.77 -36.16
C THR D 470 11.31 23.37 -36.69
N GLN D 471 11.52 22.07 -36.85
CA GLN D 471 12.86 21.57 -37.11
C GLN D 471 12.86 20.09 -37.52
N GLN E 228 10.12 -48.95 -8.94
CA GLN E 228 9.10 -47.98 -8.54
C GLN E 228 8.21 -47.52 -9.68
N SER E 229 7.13 -46.83 -9.32
CA SER E 229 6.22 -46.21 -10.25
C SER E 229 6.18 -44.71 -9.99
N LEU E 230 5.81 -43.95 -11.01
CA LEU E 230 5.93 -42.50 -10.92
C LEU E 230 5.03 -41.92 -9.84
N ASP E 231 3.88 -42.52 -9.58
CA ASP E 231 2.92 -41.95 -8.67
C ASP E 231 3.15 -42.35 -7.22
N ARG E 232 4.04 -43.30 -6.96
CA ARG E 232 4.25 -43.82 -5.62
C ARG E 232 5.47 -43.25 -4.90
N LEU E 233 6.15 -42.25 -5.46
CA LEU E 233 7.39 -41.74 -4.90
C LEU E 233 7.25 -41.14 -3.50
N MET E 234 6.02 -41.00 -3.01
CA MET E 234 5.76 -40.40 -1.71
C MET E 234 6.30 -41.24 -0.57
N ASN E 235 6.48 -40.60 0.59
CA ASN E 235 6.68 -41.32 1.83
C ASN E 235 5.36 -41.88 2.32
N PRO E 236 5.20 -43.20 2.41
CA PRO E 236 3.92 -43.76 2.84
C PRO E 236 3.56 -43.46 4.28
N LEU E 237 4.49 -42.96 5.09
CA LEU E 237 4.21 -42.76 6.50
C LEU E 237 3.76 -41.35 6.84
N ILE E 238 3.85 -40.40 5.93
CA ILE E 238 3.80 -38.98 6.30
C ILE E 238 2.81 -38.24 5.42
N ASP E 239 2.08 -37.31 6.03
CA ASP E 239 1.19 -36.41 5.33
C ASP E 239 1.98 -35.37 4.52
N GLN E 240 1.30 -34.75 3.57
CA GLN E 240 1.77 -33.54 2.94
C GLN E 240 1.17 -32.34 3.64
N TYR E 241 1.91 -31.23 3.67
CA TYR E 241 1.34 -30.00 4.20
C TYR E 241 0.38 -29.36 3.22
N LEU E 242 0.27 -29.90 2.01
CA LEU E 242 -0.66 -29.36 1.04
C LEU E 242 -2.08 -29.88 1.30
N TYR E 243 -3.05 -29.15 0.80
CA TYR E 243 -4.46 -29.50 0.90
C TYR E 243 -5.06 -29.69 -0.48
N TYR E 244 -6.18 -30.41 -0.52
CA TYR E 244 -6.94 -30.62 -1.74
C TYR E 244 -8.42 -30.47 -1.40
N LEU E 245 -9.26 -30.42 -2.43
CA LEU E 245 -10.67 -30.14 -2.22
C LEU E 245 -11.41 -31.46 -2.02
N SER E 246 -11.84 -31.69 -0.78
CA SER E 246 -12.46 -32.96 -0.45
C SER E 246 -13.93 -33.00 -0.83
N LYS E 247 -14.71 -32.00 -0.41
CA LYS E 247 -16.16 -32.01 -0.55
C LYS E 247 -16.64 -30.74 -1.25
N THR E 248 -17.54 -30.90 -2.20
CA THR E 248 -18.24 -29.75 -2.75
C THR E 248 -19.65 -29.57 -2.22
N ILE E 249 -20.16 -30.49 -1.40
CA ILE E 249 -21.51 -30.41 -0.87
C ILE E 249 -21.56 -31.07 0.49
N ASN E 250 -22.45 -30.56 1.34
CA ASN E 250 -22.65 -31.18 2.63
C ASN E 250 -23.33 -32.52 2.49
N GLY E 251 -24.38 -32.59 1.68
CA GLY E 251 -25.12 -33.82 1.52
C GLY E 251 -26.21 -33.64 0.50
N SER E 252 -27.14 -34.59 0.51
CA SER E 252 -28.24 -34.55 -0.45
C SER E 252 -29.25 -33.49 -0.05
N GLY E 253 -29.75 -32.78 -1.04
CA GLY E 253 -30.79 -31.80 -0.81
C GLY E 253 -30.66 -30.67 -1.79
N GLN E 254 -31.25 -29.53 -1.43
CA GLN E 254 -31.10 -28.30 -2.20
C GLN E 254 -30.12 -27.40 -1.49
N ASN E 255 -29.32 -26.68 -2.27
CA ASN E 255 -28.50 -25.60 -1.75
C ASN E 255 -27.52 -26.10 -0.71
N GLN E 256 -26.88 -27.23 -1.02
CA GLN E 256 -25.92 -27.83 -0.11
C GLN E 256 -24.48 -27.44 -0.40
N GLN E 257 -24.26 -26.51 -1.32
CA GLN E 257 -22.90 -26.16 -1.71
C GLN E 257 -22.05 -25.81 -0.50
N THR E 258 -20.84 -26.34 -0.49
CA THR E 258 -19.84 -26.01 0.52
C THR E 258 -18.49 -26.37 -0.05
N LEU E 259 -17.44 -25.87 0.57
CA LEU E 259 -16.08 -26.25 0.21
C LEU E 259 -15.38 -26.81 1.43
N LYS E 260 -14.92 -28.06 1.33
CA LYS E 260 -14.16 -28.70 2.40
C LYS E 260 -12.83 -29.13 1.82
N PHE E 261 -11.77 -28.89 2.59
CA PHE E 261 -10.43 -29.25 2.18
C PHE E 261 -9.88 -30.25 3.17
N SER E 262 -9.01 -31.14 2.71
CA SER E 262 -8.42 -32.15 3.56
C SER E 262 -6.95 -32.31 3.25
N VAL E 263 -6.20 -32.81 4.22
CA VAL E 263 -4.77 -32.98 4.07
C VAL E 263 -4.48 -34.16 3.17
N ALA E 264 -3.65 -33.95 2.16
CA ALA E 264 -3.18 -35.06 1.36
C ALA E 264 -2.25 -35.92 2.18
N GLY E 265 -2.56 -37.20 2.28
CA GLY E 265 -1.80 -38.08 3.14
C GLY E 265 -1.84 -39.53 2.71
N PRO E 266 -1.16 -40.38 3.48
CA PRO E 266 -1.11 -41.80 3.12
C PRO E 266 -2.47 -42.45 3.00
N SER E 267 -3.47 -41.90 3.68
CA SER E 267 -4.83 -42.41 3.52
C SER E 267 -5.26 -42.36 2.07
N ASN E 268 -5.14 -41.20 1.44
CA ASN E 268 -5.50 -41.00 0.04
C ASN E 268 -4.23 -40.66 -0.73
N MET E 269 -3.73 -41.62 -1.51
CA MET E 269 -2.50 -41.37 -2.25
C MET E 269 -2.77 -40.61 -3.54
N ALA E 270 -3.94 -40.82 -4.13
CA ALA E 270 -4.14 -40.38 -5.50
C ALA E 270 -4.23 -38.87 -5.61
N VAL E 271 -4.52 -38.18 -4.50
CA VAL E 271 -4.79 -36.75 -4.60
C VAL E 271 -3.56 -35.94 -4.25
N GLN E 272 -2.43 -36.59 -3.97
CA GLN E 272 -1.26 -35.85 -3.56
C GLN E 272 -0.65 -35.10 -4.73
N GLY E 273 -0.02 -33.97 -4.43
CA GLY E 273 0.65 -33.21 -5.47
C GLY E 273 1.96 -33.86 -5.85
N ARG E 274 2.26 -33.86 -7.14
CA ARG E 274 3.45 -34.51 -7.64
C ARG E 274 4.22 -33.56 -8.53
N ASN E 275 5.54 -33.63 -8.41
CA ASN E 275 6.43 -32.76 -9.18
C ASN E 275 6.61 -33.20 -10.61
N TYR E 276 6.30 -34.44 -10.94
CA TYR E 276 6.56 -34.94 -12.29
C TYR E 276 5.42 -35.81 -12.76
N ILE E 277 5.22 -35.84 -14.07
CA ILE E 277 4.08 -36.52 -14.67
C ILE E 277 4.61 -37.48 -15.72
N PRO E 278 3.86 -38.53 -16.02
CA PRO E 278 4.32 -39.51 -17.02
C PRO E 278 4.40 -38.90 -18.41
N GLY E 279 5.24 -39.52 -19.23
CA GLY E 279 5.56 -38.99 -20.54
C GLY E 279 4.39 -39.04 -21.50
N PRO E 280 4.61 -38.61 -22.73
CA PRO E 280 3.51 -38.49 -23.69
C PRO E 280 2.94 -39.84 -24.09
N SER E 281 1.73 -39.79 -24.62
CA SER E 281 1.01 -41.00 -25.01
C SER E 281 0.21 -40.73 -26.27
N TYR E 282 0.25 -41.69 -27.19
CA TYR E 282 -0.54 -41.65 -28.42
C TYR E 282 -1.21 -43.00 -28.54
N ARG E 283 -2.53 -43.05 -28.39
CA ARG E 283 -3.19 -44.35 -28.30
C ARG E 283 -3.26 -45.02 -29.66
N PRO E 369 3.20 -44.78 -19.52
CA PRO E 369 1.78 -44.85 -19.87
C PRO E 369 1.47 -46.02 -20.79
N VAL E 370 0.33 -46.66 -20.59
CA VAL E 370 -0.04 -47.81 -21.41
C VAL E 370 -0.59 -47.34 -22.74
N ALA E 371 -0.13 -47.97 -23.82
CA ALA E 371 -0.50 -47.49 -25.15
C ALA E 371 -1.91 -47.88 -25.54
N THR E 372 -2.57 -48.73 -24.76
CA THR E 372 -3.92 -49.16 -25.06
C THR E 372 -4.97 -48.36 -24.30
N GLU E 373 -4.57 -47.33 -23.56
CA GLU E 373 -5.47 -46.60 -22.68
C GLU E 373 -5.36 -45.10 -22.91
N SER E 374 -6.28 -44.37 -22.30
CA SER E 374 -6.22 -42.91 -22.36
C SER E 374 -5.19 -42.38 -21.38
N TYR E 375 -4.62 -41.23 -21.72
CA TYR E 375 -3.67 -40.60 -20.82
C TYR E 375 -4.35 -40.15 -19.54
N GLY E 376 -5.54 -39.58 -19.67
CA GLY E 376 -6.29 -39.13 -18.52
C GLY E 376 -7.50 -38.32 -18.96
N GLN E 377 -8.10 -37.63 -18.01
CA GLN E 377 -9.27 -36.81 -18.25
C GLN E 377 -8.92 -35.34 -18.08
N VAL E 378 -9.63 -34.47 -18.79
CA VAL E 378 -9.51 -33.03 -18.63
C VAL E 378 -10.91 -32.45 -18.47
N ALA E 379 -10.98 -31.27 -17.89
CA ALA E 379 -12.27 -30.60 -17.72
C ALA E 379 -12.67 -29.93 -19.03
N THR E 380 -13.93 -30.12 -19.42
CA THR E 380 -14.38 -29.57 -20.68
C THR E 380 -15.21 -28.29 -20.56
N ASN E 381 -15.53 -27.83 -19.36
CA ASN E 381 -16.38 -26.66 -19.27
C ASN E 381 -16.23 -25.98 -17.92
N HIS E 382 -16.70 -24.74 -17.85
CA HIS E 382 -16.91 -24.06 -16.59
C HIS E 382 -18.16 -24.61 -15.91
N GLN E 383 -18.01 -25.12 -14.71
CA GLN E 383 -19.20 -25.47 -13.94
C GLN E 383 -19.89 -24.20 -13.50
N SER E 384 -21.15 -24.36 -13.11
CA SER E 384 -21.89 -23.28 -12.47
C SER E 384 -23.10 -23.91 -11.82
N ALA E 385 -23.95 -23.06 -11.25
CA ALA E 385 -25.18 -23.56 -10.64
C ALA E 385 -26.02 -24.33 -11.65
N GLN E 386 -26.01 -23.89 -12.91
CA GLN E 386 -26.82 -24.55 -13.92
C GLN E 386 -26.14 -25.78 -14.49
N ALA E 387 -24.85 -25.69 -14.79
CA ALA E 387 -24.16 -26.71 -15.56
C ALA E 387 -23.29 -27.58 -14.66
N GLN E 388 -23.36 -28.89 -14.88
CA GLN E 388 -22.51 -29.81 -14.14
C GLN E 388 -21.10 -29.80 -14.69
N ALA E 389 -20.17 -30.27 -13.87
CA ALA E 389 -18.79 -30.42 -14.32
C ALA E 389 -18.69 -31.56 -15.33
N GLN E 390 -18.02 -31.28 -16.44
CA GLN E 390 -17.92 -32.24 -17.53
C GLN E 390 -16.47 -32.46 -17.89
N THR E 391 -16.09 -33.72 -18.04
CA THR E 391 -14.72 -34.10 -18.37
C THR E 391 -14.71 -34.88 -19.66
N GLY E 392 -13.54 -35.03 -20.23
CA GLY E 392 -13.37 -35.76 -21.48
C GLY E 392 -12.05 -36.49 -21.49
N TRP E 393 -11.90 -37.39 -22.46
CA TRP E 393 -10.76 -38.28 -22.46
C TRP E 393 -9.64 -37.75 -23.35
N VAL E 394 -8.41 -37.95 -22.92
CA VAL E 394 -7.24 -37.57 -23.70
C VAL E 394 -6.77 -38.81 -24.43
N GLN E 395 -6.93 -38.81 -25.75
CA GLN E 395 -6.45 -39.93 -26.54
C GLN E 395 -4.96 -39.77 -26.84
N ASN E 396 -4.54 -38.56 -27.20
CA ASN E 396 -3.15 -38.27 -27.49
C ASN E 396 -2.72 -37.07 -26.68
N GLN E 397 -1.45 -37.08 -26.26
CA GLN E 397 -0.90 -35.98 -25.46
C GLN E 397 0.52 -35.70 -25.91
N GLY E 398 0.82 -34.45 -26.23
CA GLY E 398 2.17 -34.04 -26.54
C GLY E 398 3.02 -33.89 -25.29
N ILE E 399 4.20 -33.32 -25.48
CA ILE E 399 5.11 -33.11 -24.36
C ILE E 399 4.58 -32.00 -23.47
N LEU E 400 4.73 -32.17 -22.17
CA LEU E 400 4.54 -31.11 -21.19
C LEU E 400 5.75 -31.05 -20.28
N PRO E 401 6.07 -29.88 -19.75
CA PRO E 401 7.17 -29.79 -18.79
C PRO E 401 6.88 -30.67 -17.57
N GLY E 402 7.86 -31.46 -17.18
CA GLY E 402 7.69 -32.40 -16.10
C GLY E 402 7.36 -33.81 -16.53
N MET E 403 7.30 -34.08 -17.83
CA MET E 403 7.13 -35.43 -18.31
C MET E 403 8.44 -36.20 -18.28
N VAL E 404 8.33 -37.52 -18.26
CA VAL E 404 9.50 -38.39 -18.28
C VAL E 404 9.34 -39.47 -19.35
N CYS F 28 22.27 -19.24 13.93
CA CYS F 28 21.24 -18.51 13.20
C CYS F 28 21.56 -17.07 12.94
N ASP F 29 21.51 -16.70 11.66
CA ASP F 29 21.57 -15.32 11.17
C ASP F 29 21.51 -15.35 9.66
N SER F 30 21.52 -14.18 9.03
CA SER F 30 21.67 -14.07 7.59
C SER F 30 22.65 -12.95 7.29
N GLN F 31 23.56 -13.22 6.37
CA GLN F 31 24.54 -12.22 5.94
C GLN F 31 24.20 -11.84 4.51
N TRP F 32 23.96 -10.56 4.29
CA TRP F 32 23.69 -10.04 2.96
C TRP F 32 24.96 -9.38 2.46
N LEU F 33 25.63 -10.01 1.51
CA LEU F 33 26.92 -9.55 1.04
C LEU F 33 26.83 -9.41 -0.47
N GLY F 34 26.82 -8.19 -0.96
CA GLY F 34 26.87 -7.99 -2.40
C GLY F 34 25.79 -8.74 -3.13
N ASP F 35 26.21 -9.61 -4.03
CA ASP F 35 25.34 -10.44 -4.85
C ASP F 35 25.07 -11.81 -4.24
N ARG F 36 25.49 -12.08 -3.02
CA ARG F 36 25.26 -13.37 -2.40
C ARG F 36 24.53 -13.20 -1.08
N VAL F 37 23.87 -14.26 -0.64
CA VAL F 37 23.20 -14.32 0.66
C VAL F 37 23.57 -15.62 1.32
N ILE F 38 23.87 -15.56 2.61
CA ILE F 38 24.20 -16.74 3.40
C ILE F 38 23.22 -16.80 4.55
N THR F 39 22.42 -17.86 4.58
CA THR F 39 21.47 -18.09 5.65
C THR F 39 21.96 -19.19 6.57
N THR F 40 21.65 -19.06 7.85
CA THR F 40 22.01 -20.06 8.83
C THR F 40 20.84 -20.28 9.78
N SER F 41 20.39 -21.52 9.89
CA SER F 41 19.29 -21.85 10.78
C SER F 41 19.71 -22.97 11.71
N THR F 42 19.45 -22.79 13.00
CA THR F 42 19.79 -23.76 14.03
C THR F 42 18.52 -24.19 14.75
N ARG F 43 18.25 -25.49 14.78
CA ARG F 43 17.02 -25.99 15.38
C ARG F 43 17.32 -27.15 16.32
N THR F 44 16.51 -27.24 17.37
CA THR F 44 16.56 -28.32 18.34
C THR F 44 15.54 -29.39 17.96
N TRP F 45 15.93 -30.65 18.09
CA TRP F 45 15.09 -31.76 17.67
C TRP F 45 15.01 -32.83 18.75
N ALA F 46 14.09 -33.75 18.55
CA ALA F 46 13.94 -34.92 19.41
C ALA F 46 13.59 -36.11 18.53
N LEU F 47 14.30 -37.21 18.70
CA LEU F 47 14.10 -38.42 17.91
C LEU F 47 13.51 -39.53 18.78
N PRO F 48 12.38 -40.14 18.41
CA PRO F 48 11.85 -41.31 19.10
C PRO F 48 12.64 -42.59 18.78
N GLY F 80 14.63 -42.65 10.63
CA GLY F 80 14.30 -41.24 10.55
C GLY F 80 15.20 -40.48 9.59
N TYR F 81 14.84 -39.23 9.29
CA TYR F 81 15.63 -38.42 8.37
C TYR F 81 15.35 -36.95 8.64
N PHE F 82 16.24 -36.10 8.14
CA PHE F 82 16.05 -34.66 8.23
C PHE F 82 15.58 -34.09 6.91
N ASP F 83 14.59 -33.21 6.99
CA ASP F 83 14.07 -32.53 5.81
C ASP F 83 14.03 -31.04 6.11
N PHE F 84 14.90 -30.27 5.45
CA PHE F 84 14.86 -28.82 5.49
C PHE F 84 14.30 -28.19 4.22
N ASN F 85 13.68 -28.98 3.34
CA ASN F 85 13.39 -28.60 1.96
C ASN F 85 12.41 -27.41 1.82
N ARG F 86 11.83 -26.84 2.87
CA ARG F 86 10.93 -25.70 2.70
C ARG F 86 11.65 -24.38 2.99
N PHE F 87 11.28 -23.34 2.23
CA PHE F 87 11.99 -22.07 2.30
C PHE F 87 11.99 -21.45 3.69
N HIS F 88 10.86 -21.43 4.38
CA HIS F 88 10.85 -20.71 5.64
C HIS F 88 11.77 -21.32 6.66
N CYS F 89 12.33 -22.48 6.38
CA CYS F 89 13.42 -22.98 7.20
C CYS F 89 14.59 -22.00 7.20
N HIS F 90 15.00 -21.55 6.02
CA HIS F 90 16.22 -20.78 5.88
C HIS F 90 16.04 -19.27 5.86
N PHE F 91 14.81 -18.78 5.74
CA PHE F 91 14.58 -17.35 5.61
C PHE F 91 13.57 -16.89 6.64
N SER F 92 13.83 -15.74 7.24
CA SER F 92 12.83 -15.09 8.04
C SER F 92 11.97 -14.21 7.16
N PRO F 93 10.76 -13.88 7.60
CA PRO F 93 9.90 -13.01 6.80
C PRO F 93 10.59 -11.73 6.38
N ARG F 94 11.26 -11.04 7.30
CA ARG F 94 12.00 -9.85 6.92
C ARG F 94 13.07 -10.17 5.89
N ASP F 95 13.85 -11.23 6.13
CA ASP F 95 14.82 -11.62 5.13
C ASP F 95 14.15 -11.99 3.82
N TRP F 96 13.02 -12.69 3.90
CA TRP F 96 12.29 -13.01 2.69
C TRP F 96 11.85 -11.73 1.99
N GLN F 97 11.28 -10.79 2.72
CA GLN F 97 10.93 -9.50 2.15
C GLN F 97 12.14 -8.88 1.48
N ARG F 98 13.23 -8.75 2.22
CA ARG F 98 14.44 -8.14 1.69
C ARG F 98 14.86 -8.79 0.40
N LEU F 99 14.64 -10.10 0.27
CA LEU F 99 15.00 -10.80 -0.95
C LEU F 99 14.09 -10.44 -2.11
N ILE F 100 12.78 -10.58 -1.90
CA ILE F 100 11.84 -10.54 -3.02
C ILE F 100 11.62 -9.14 -3.55
N ASN F 101 11.85 -8.11 -2.76
CA ASN F 101 11.63 -6.78 -3.25
C ASN F 101 12.77 -6.27 -4.12
N ASN F 102 13.99 -6.67 -3.83
CA ASN F 102 15.15 -6.08 -4.47
C ASN F 102 15.77 -6.93 -5.56
N ASN F 103 15.27 -8.12 -5.85
CA ASN F 103 16.01 -9.04 -6.69
C ASN F 103 15.14 -9.66 -7.76
N TRP F 104 15.74 -9.87 -8.94
CA TRP F 104 15.06 -10.53 -10.04
C TRP F 104 15.29 -12.03 -10.07
N GLY F 105 16.18 -12.56 -9.24
CA GLY F 105 16.42 -13.99 -9.28
C GLY F 105 17.34 -14.41 -8.17
N PHE F 106 17.31 -15.71 -7.88
CA PHE F 106 18.14 -16.31 -6.86
C PHE F 106 18.26 -17.79 -7.15
N ARG F 107 19.20 -18.44 -6.45
CA ARG F 107 19.40 -19.87 -6.60
C ARG F 107 20.41 -20.36 -5.57
N PRO F 108 20.33 -21.62 -5.17
CA PRO F 108 21.22 -22.13 -4.13
C PRO F 108 22.61 -22.45 -4.64
N LYS F 109 23.57 -22.33 -3.74
CA LYS F 109 24.97 -22.62 -4.02
C LYS F 109 25.51 -23.55 -2.93
N TYR F 152 14.13 -41.94 -2.59
CA TYR F 152 14.33 -40.53 -2.27
C TYR F 152 13.00 -39.83 -2.10
N VAL F 153 12.59 -39.64 -0.85
CA VAL F 153 11.25 -39.16 -0.55
C VAL F 153 11.20 -37.67 -0.26
N LEU F 154 12.33 -36.96 -0.27
CA LEU F 154 12.31 -35.55 0.11
C LEU F 154 11.45 -34.69 -0.79
N GLY F 155 11.32 -35.02 -2.06
CA GLY F 155 10.68 -34.13 -3.00
C GLY F 155 9.18 -34.30 -3.07
N SER F 156 8.59 -34.87 -2.02
CA SER F 156 7.15 -35.12 -1.99
C SER F 156 6.37 -34.08 -1.20
N ALA F 157 7.02 -33.04 -0.70
CA ALA F 157 6.34 -31.95 0.00
C ALA F 157 5.64 -32.45 1.26
N HIS F 158 6.34 -33.32 1.99
CA HIS F 158 5.80 -33.88 3.22
C HIS F 158 6.00 -32.95 4.40
N GLU F 159 5.46 -33.37 5.54
CA GLU F 159 5.56 -32.66 6.80
C GLU F 159 6.81 -33.16 7.53
N GLY F 160 7.05 -32.68 8.74
CA GLY F 160 8.21 -33.12 9.49
C GLY F 160 9.46 -32.35 9.17
N CYS F 161 9.30 -31.28 8.41
CA CYS F 161 10.42 -30.41 8.04
C CYS F 161 10.78 -29.49 9.20
N LEU F 162 11.95 -28.85 9.14
CA LEU F 162 12.37 -27.98 10.22
C LEU F 162 11.35 -26.86 10.42
N PRO F 163 11.08 -26.53 11.69
CA PRO F 163 10.08 -25.52 12.04
C PRO F 163 10.44 -24.16 11.50
N PRO F 164 9.44 -23.38 11.08
CA PRO F 164 9.65 -22.04 10.55
C PRO F 164 10.12 -21.09 11.63
N PHE F 165 9.82 -21.37 12.89
CA PHE F 165 10.26 -20.45 13.93
C PHE F 165 11.32 -21.11 14.79
N PRO F 166 12.49 -20.48 14.92
CA PRO F 166 13.64 -21.19 15.49
C PRO F 166 13.46 -21.68 16.91
N ALA F 167 12.58 -21.07 17.69
CA ALA F 167 12.42 -21.48 19.07
C ALA F 167 11.52 -22.70 19.23
N ASP F 168 11.02 -23.26 18.14
CA ASP F 168 10.24 -24.49 18.23
C ASP F 168 11.14 -25.72 18.18
N VAL F 169 10.77 -26.72 18.95
CA VAL F 169 11.47 -28.00 18.99
C VAL F 169 10.62 -29.00 18.24
N PHE F 170 11.22 -29.77 17.35
CA PHE F 170 10.43 -30.61 16.46
C PHE F 170 10.85 -32.07 16.53
N MET F 171 9.84 -32.92 16.48
CA MET F 171 10.03 -34.35 16.36
C MET F 171 10.51 -34.67 14.95
N ILE F 172 11.36 -35.69 14.84
CA ILE F 172 11.92 -36.04 13.54
C ILE F 172 11.01 -37.07 12.86
N PRO F 173 10.69 -36.92 11.59
CA PRO F 173 9.78 -37.85 10.93
C PRO F 173 10.40 -39.21 10.68
N GLN F 174 9.59 -40.24 10.84
CA GLN F 174 9.97 -41.60 10.50
C GLN F 174 10.16 -41.74 9.00
N TYR F 175 10.99 -42.68 8.58
CA TYR F 175 11.32 -42.85 7.18
C TYR F 175 10.57 -44.03 6.58
N GLY F 176 10.21 -43.91 5.30
CA GLY F 176 9.49 -44.96 4.61
C GLY F 176 9.57 -44.90 3.10
N VAL F 218 21.64 -25.26 -11.99
CA VAL F 218 20.23 -24.89 -12.16
C VAL F 218 20.09 -23.41 -12.46
N PRO F 219 19.10 -23.06 -13.26
CA PRO F 219 18.90 -21.65 -13.59
C PRO F 219 18.26 -20.88 -12.47
N PHE F 220 18.43 -19.57 -12.50
CA PHE F 220 17.79 -18.70 -11.51
C PHE F 220 16.29 -18.91 -11.52
N HIS F 221 15.69 -18.94 -10.34
CA HIS F 221 14.25 -19.03 -10.30
C HIS F 221 13.79 -17.60 -10.49
N SER F 222 13.06 -17.33 -11.55
CA SER F 222 12.61 -15.97 -11.82
C SER F 222 11.70 -15.47 -10.72
N SER F 223 11.92 -14.24 -10.29
CA SER F 223 11.08 -13.64 -9.26
C SER F 223 10.67 -12.25 -9.70
N TYR F 224 9.86 -12.20 -10.74
CA TYR F 224 9.38 -10.94 -11.27
C TYR F 224 8.13 -11.18 -12.11
N ALA F 225 7.38 -10.13 -12.35
CA ALA F 225 6.18 -10.22 -13.17
C ALA F 225 6.41 -9.33 -14.37
N HIS F 226 6.16 -9.87 -15.56
CA HIS F 226 6.36 -9.10 -16.78
C HIS F 226 5.46 -7.88 -16.87
N SER F 227 6.05 -6.76 -17.29
CA SER F 227 5.29 -5.54 -17.47
C SER F 227 4.65 -5.46 -18.84
N GLN F 228 4.76 -6.51 -19.65
CA GLN F 228 4.13 -6.60 -20.94
C GLN F 228 3.54 -7.98 -21.12
N SER F 229 2.55 -8.08 -21.99
CA SER F 229 1.90 -9.36 -22.27
C SER F 229 2.33 -9.84 -23.64
N LEU F 230 2.37 -11.16 -23.80
CA LEU F 230 2.91 -11.76 -25.01
C LEU F 230 2.25 -11.22 -26.27
N ASP F 231 1.00 -10.79 -26.18
CA ASP F 231 0.26 -10.34 -27.35
C ASP F 231 0.38 -8.86 -27.62
N ARG F 232 0.99 -8.09 -26.73
CA ARG F 232 1.14 -6.66 -26.91
C ARG F 232 2.54 -6.20 -27.31
N LEU F 233 3.46 -7.11 -27.61
CA LEU F 233 4.86 -6.73 -27.81
C LEU F 233 5.07 -5.70 -28.91
N MET F 234 4.07 -5.44 -29.73
CA MET F 234 4.17 -4.57 -30.89
C MET F 234 4.37 -3.11 -30.51
N ASN F 235 4.81 -2.34 -31.49
CA ASN F 235 4.77 -0.88 -31.43
C ASN F 235 3.36 -0.40 -31.74
N PRO F 236 2.74 0.38 -30.86
CA PRO F 236 1.37 0.85 -31.13
C PRO F 236 1.26 1.86 -32.25
N LEU F 237 2.36 2.47 -32.68
CA LEU F 237 2.25 3.58 -33.62
C LEU F 237 2.48 3.21 -35.07
N ILE F 238 2.82 1.96 -35.38
CA ILE F 238 3.28 1.62 -36.72
C ILE F 238 2.47 0.45 -37.26
N ASP F 239 2.23 0.48 -38.56
CA ASP F 239 1.62 -0.64 -39.27
C ASP F 239 2.65 -1.72 -39.52
N GLN F 240 2.22 -2.97 -39.41
CA GLN F 240 3.02 -4.05 -39.96
C GLN F 240 2.95 -4.00 -41.47
N TYR F 241 4.00 -4.50 -42.12
CA TYR F 241 3.92 -4.66 -43.56
C TYR F 241 3.17 -5.91 -43.97
N LEU F 242 2.75 -6.74 -43.02
CA LEU F 242 2.01 -7.95 -43.35
C LEU F 242 0.55 -7.63 -43.60
N TYR F 243 -0.12 -8.54 -44.30
CA TYR F 243 -1.53 -8.44 -44.62
C TYR F 243 -2.30 -9.62 -44.05
N TYR F 244 -3.58 -9.39 -43.76
CA TYR F 244 -4.48 -10.43 -43.31
C TYR F 244 -5.74 -10.33 -44.14
N LEU F 245 -6.59 -11.34 -44.01
CA LEU F 245 -7.80 -11.46 -44.82
C LEU F 245 -8.95 -10.75 -44.10
N SER F 246 -9.37 -9.60 -44.64
CA SER F 246 -10.37 -8.80 -43.96
C SER F 246 -11.81 -9.23 -44.25
N LYS F 247 -12.16 -9.50 -45.51
CA LYS F 247 -13.54 -9.73 -45.90
C LYS F 247 -13.63 -10.95 -46.81
N THR F 248 -14.45 -11.92 -46.43
CA THR F 248 -14.74 -13.04 -47.30
C THR F 248 -16.02 -12.88 -48.11
N ILE F 249 -16.86 -11.89 -47.81
CA ILE F 249 -18.06 -11.65 -48.60
C ILE F 249 -18.24 -10.16 -48.79
N ASN F 250 -18.73 -9.78 -49.95
CA ASN F 250 -19.02 -8.38 -50.22
C ASN F 250 -20.26 -7.92 -49.46
N GLY F 251 -21.03 -8.87 -48.93
CA GLY F 251 -22.26 -8.54 -48.26
C GLY F 251 -23.25 -9.68 -48.40
N SER F 252 -24.46 -9.44 -47.89
CA SER F 252 -25.49 -10.46 -47.94
C SER F 252 -25.95 -10.68 -49.38
N GLY F 253 -26.24 -11.92 -49.70
CA GLY F 253 -26.74 -12.26 -51.02
C GLY F 253 -26.26 -13.64 -51.42
N GLN F 254 -26.50 -13.96 -52.69
CA GLN F 254 -26.07 -15.22 -53.26
C GLN F 254 -24.80 -15.02 -54.07
N ASN F 255 -23.92 -16.02 -54.02
CA ASN F 255 -22.65 -16.00 -54.75
C ASN F 255 -21.86 -14.72 -54.45
N GLN F 256 -21.77 -14.38 -53.16
CA GLN F 256 -21.12 -13.17 -52.71
C GLN F 256 -19.65 -13.37 -52.34
N GLN F 257 -19.11 -14.56 -52.58
CA GLN F 257 -17.73 -14.84 -52.22
C GLN F 257 -16.79 -13.77 -52.77
N THR F 258 -15.87 -13.33 -51.93
CA THR F 258 -14.85 -12.37 -52.32
C THR F 258 -13.69 -12.51 -51.36
N LEU F 259 -12.56 -11.93 -51.73
CA LEU F 259 -11.38 -11.90 -50.88
C LEU F 259 -10.87 -10.48 -50.79
N LYS F 260 -10.87 -9.92 -49.59
CA LYS F 260 -10.29 -8.63 -49.32
C LYS F 260 -9.21 -8.77 -48.25
N PHE F 261 -8.11 -8.06 -48.45
CA PHE F 261 -6.99 -8.12 -47.53
C PHE F 261 -6.72 -6.73 -46.99
N SER F 262 -6.13 -6.70 -45.79
CA SER F 262 -5.89 -5.43 -45.11
C SER F 262 -4.56 -5.49 -44.38
N VAL F 263 -4.05 -4.32 -44.06
CA VAL F 263 -2.83 -4.19 -43.30
C VAL F 263 -3.10 -4.54 -41.85
N ALA F 264 -2.22 -5.34 -41.27
CA ALA F 264 -2.26 -5.57 -39.84
C ALA F 264 -1.61 -4.40 -39.13
N GLY F 265 -2.36 -3.70 -38.29
CA GLY F 265 -1.88 -2.47 -37.73
C GLY F 265 -2.50 -2.12 -36.40
N PRO F 266 -2.16 -0.95 -35.89
CA PRO F 266 -2.69 -0.54 -34.58
C PRO F 266 -4.20 -0.57 -34.48
N SER F 267 -4.90 -0.30 -35.58
CA SER F 267 -6.36 -0.27 -35.52
C SER F 267 -6.92 -1.61 -35.11
N ASN F 268 -6.62 -2.66 -35.86
CA ASN F 268 -7.00 -4.00 -35.49
C ASN F 268 -5.73 -4.70 -35.00
N MET F 269 -5.64 -4.82 -33.67
CA MET F 269 -4.40 -5.29 -33.06
C MET F 269 -4.35 -6.81 -32.99
N ALA F 270 -5.51 -7.46 -32.87
CA ALA F 270 -5.52 -8.87 -32.55
C ALA F 270 -4.99 -9.71 -33.70
N VAL F 271 -4.96 -9.17 -34.91
CA VAL F 271 -4.75 -10.00 -36.09
C VAL F 271 -3.29 -9.98 -36.52
N GLN F 272 -2.46 -9.21 -35.86
CA GLN F 272 -1.09 -9.06 -36.33
C GLN F 272 -0.30 -10.35 -36.21
N GLY F 273 0.77 -10.46 -36.98
CA GLY F 273 1.60 -11.65 -36.90
C GLY F 273 2.57 -11.58 -35.74
N ARG F 274 2.83 -12.73 -35.13
CA ARG F 274 3.63 -12.80 -33.92
C ARG F 274 4.63 -13.93 -34.02
N ASN F 275 5.81 -13.70 -33.48
CA ASN F 275 6.87 -14.69 -33.51
C ASN F 275 6.76 -15.71 -32.39
N TYR F 276 5.94 -15.47 -31.38
CA TYR F 276 5.91 -16.37 -30.23
C TYR F 276 4.50 -16.50 -29.72
N ILE F 277 4.23 -17.64 -29.09
CA ILE F 277 2.89 -18.01 -28.65
C ILE F 277 2.97 -18.50 -27.21
N PRO F 278 1.87 -18.39 -26.48
CA PRO F 278 1.89 -18.82 -25.08
C PRO F 278 2.09 -20.31 -24.94
N GLY F 279 2.47 -20.73 -23.73
CA GLY F 279 2.87 -22.08 -23.47
C GLY F 279 1.73 -23.06 -23.38
N PRO F 280 2.05 -24.30 -23.02
CA PRO F 280 1.04 -25.37 -23.05
C PRO F 280 0.03 -25.25 -21.92
N SER F 281 -1.08 -25.95 -22.12
CA SER F 281 -2.19 -25.89 -21.17
C SER F 281 -2.84 -27.26 -21.08
N TYR F 282 -3.24 -27.61 -19.87
CA TYR F 282 -4.03 -28.82 -19.61
C TYR F 282 -5.18 -28.37 -18.72
N ARG F 283 -6.40 -28.31 -19.25
CA ARG F 283 -7.42 -27.50 -18.59
C ARG F 283 -7.82 -28.09 -17.23
N GLN F 284 -8.05 -27.20 -16.28
CA GLN F 284 -8.54 -27.50 -14.95
C GLN F 284 -9.99 -27.05 -14.83
N GLN F 285 -10.73 -27.72 -13.95
CA GLN F 285 -12.07 -27.27 -13.64
C GLN F 285 -12.04 -26.01 -12.77
N ARG F 286 -13.03 -25.14 -12.96
CA ARG F 286 -13.07 -23.86 -12.27
C ARG F 286 -14.03 -23.93 -11.09
N VAL F 287 -13.53 -23.59 -9.91
CA VAL F 287 -14.29 -23.63 -8.68
C VAL F 287 -14.38 -22.21 -8.17
N SER F 288 -15.50 -21.86 -7.55
CA SER F 288 -15.66 -20.51 -7.03
C SER F 288 -15.57 -20.51 -5.51
N THR F 289 -15.04 -19.42 -4.95
CA THR F 289 -15.01 -19.30 -3.50
C THR F 289 -16.31 -18.75 -2.97
N THR F 290 -17.25 -18.44 -3.84
CA THR F 290 -18.60 -18.13 -3.41
C THR F 290 -19.48 -19.34 -3.70
N VAL F 291 -19.88 -20.03 -2.64
CA VAL F 291 -20.39 -21.39 -2.81
C VAL F 291 -21.69 -21.39 -3.62
N THR F 292 -22.43 -20.29 -3.57
CA THR F 292 -23.70 -20.22 -4.28
C THR F 292 -23.49 -20.22 -5.78
N GLN F 293 -22.24 -20.09 -6.20
CA GLN F 293 -21.93 -20.08 -7.63
C GLN F 293 -21.58 -21.48 -8.14
N ASN F 294 -21.63 -22.46 -7.26
CA ASN F 294 -21.33 -23.82 -7.64
C ASN F 294 -22.61 -24.62 -7.64
N ASN F 295 -22.75 -25.53 -8.60
CA ASN F 295 -23.96 -26.35 -8.68
C ASN F 295 -24.00 -27.35 -7.54
N ASN F 296 -25.22 -27.74 -7.16
CA ASN F 296 -25.44 -28.66 -6.05
C ASN F 296 -25.12 -30.12 -6.35
N SER F 297 -23.87 -30.41 -6.71
CA SER F 297 -23.46 -31.78 -6.99
C SER F 297 -22.07 -32.05 -6.44
N GLU F 298 -21.75 -33.31 -6.17
CA GLU F 298 -20.43 -33.63 -5.65
C GLU F 298 -19.53 -33.93 -6.83
N PHE F 299 -18.78 -32.93 -7.26
CA PHE F 299 -17.87 -33.06 -8.40
C PHE F 299 -16.41 -32.93 -8.01
N ALA F 300 -16.10 -33.01 -6.72
CA ALA F 300 -14.72 -32.84 -6.29
C ALA F 300 -13.77 -33.87 -6.87
N TRP F 301 -14.17 -35.15 -6.86
CA TRP F 301 -13.30 -36.17 -7.43
C TRP F 301 -13.67 -36.50 -8.86
N PRO F 302 -14.98 -36.49 -9.15
CA PRO F 302 -15.51 -36.80 -10.49
C PRO F 302 -15.12 -35.80 -11.57
N GLY F 303 -15.16 -34.51 -11.28
CA GLY F 303 -14.83 -33.49 -12.26
C GLY F 303 -13.38 -33.08 -12.39
N ALA F 304 -12.55 -33.53 -11.47
CA ALA F 304 -11.13 -33.18 -11.49
C ALA F 304 -10.36 -33.78 -12.66
N SER F 305 -9.41 -33.02 -13.18
CA SER F 305 -8.57 -33.49 -14.26
C SER F 305 -7.61 -34.50 -13.65
N SER F 306 -7.23 -35.53 -14.39
CA SER F 306 -6.36 -36.54 -13.83
C SER F 306 -5.64 -37.25 -14.95
N TRP F 307 -4.57 -37.94 -14.58
CA TRP F 307 -3.86 -38.83 -15.49
C TRP F 307 -3.82 -40.22 -14.89
N ALA F 308 -3.66 -41.21 -15.76
CA ALA F 308 -3.69 -42.61 -15.37
C ALA F 308 -2.41 -43.29 -15.80
N LEU F 309 -1.86 -44.10 -14.90
CA LEU F 309 -0.63 -44.84 -15.17
C LEU F 309 -0.85 -46.28 -14.74
N ASN F 310 -0.85 -47.20 -15.69
CA ASN F 310 -1.05 -48.62 -15.41
C ASN F 310 -2.31 -48.85 -14.59
N GLY F 311 -3.43 -48.33 -15.07
CA GLY F 311 -4.71 -48.64 -14.49
C GLY F 311 -5.02 -47.94 -13.19
N ARG F 312 -4.20 -46.99 -12.76
CA ARG F 312 -4.50 -46.18 -11.59
C ARG F 312 -4.62 -44.72 -11.99
N ASN F 313 -5.68 -44.08 -11.53
CA ASN F 313 -5.90 -42.66 -11.78
C ASN F 313 -5.14 -41.84 -10.75
N SER F 314 -4.37 -40.89 -11.23
CA SER F 314 -3.68 -39.93 -10.38
C SER F 314 -4.22 -38.54 -10.68
N LEU F 315 -4.74 -37.88 -9.65
CA LEU F 315 -5.20 -36.52 -9.80
C LEU F 315 -4.08 -35.65 -10.35
N MET F 316 -4.43 -34.68 -11.18
CA MET F 316 -3.41 -33.80 -11.74
C MET F 316 -3.24 -32.64 -10.77
N ASN F 317 -2.14 -32.67 -10.04
CA ASN F 317 -1.88 -31.69 -9.01
C ASN F 317 -0.38 -31.45 -8.92
N PRO F 318 0.03 -30.19 -8.83
CA PRO F 318 -0.70 -28.98 -9.19
C PRO F 318 -0.88 -28.88 -10.69
N GLY F 319 -0.08 -29.65 -11.43
CA GLY F 319 -0.17 -29.68 -12.86
C GLY F 319 0.74 -28.67 -13.51
N PRO F 320 0.65 -28.53 -14.83
CA PRO F 320 1.46 -27.53 -15.52
C PRO F 320 1.16 -26.15 -15.00
N ALA F 321 2.10 -25.24 -15.21
CA ALA F 321 1.97 -23.89 -14.68
C ALA F 321 1.03 -23.08 -15.56
N MET F 322 -0.07 -22.63 -15.00
CA MET F 322 -1.05 -21.88 -15.74
C MET F 322 -1.62 -20.79 -14.84
N ALA F 323 -1.94 -19.66 -15.44
CA ALA F 323 -2.51 -18.55 -14.69
C ALA F 323 -3.76 -19.01 -13.96
N SER F 324 -3.92 -18.52 -12.73
CA SER F 324 -5.01 -19.02 -11.90
C SER F 324 -6.37 -18.60 -12.42
N HIS F 325 -6.49 -17.36 -12.85
CA HIS F 325 -7.79 -16.86 -13.24
C HIS F 325 -7.62 -15.63 -14.13
N LYS F 326 -8.67 -15.29 -14.85
CA LYS F 326 -8.65 -14.09 -15.67
C LYS F 326 -8.63 -12.86 -14.79
N GLU F 327 -8.24 -11.73 -15.36
CA GLU F 327 -8.34 -10.46 -14.67
C GLU F 327 -9.77 -10.16 -14.24
N GLY F 328 -9.90 -9.50 -13.10
CA GLY F 328 -11.19 -9.16 -12.57
C GLY F 328 -11.91 -10.29 -11.88
N GLU F 329 -11.41 -11.51 -11.97
CA GLU F 329 -12.02 -12.64 -11.29
C GLU F 329 -11.03 -13.15 -10.26
N ASP F 330 -11.24 -12.76 -9.00
CA ASP F 330 -10.35 -13.25 -7.95
C ASP F 330 -10.98 -14.37 -7.15
N ARG F 331 -12.23 -14.68 -7.44
CA ARG F 331 -12.94 -15.63 -6.58
C ARG F 331 -12.93 -17.02 -7.18
N PHE F 332 -12.32 -17.19 -8.34
CA PHE F 332 -12.24 -18.51 -8.94
C PHE F 332 -10.84 -19.07 -8.78
N PHE F 333 -10.74 -20.39 -8.69
CA PHE F 333 -9.43 -21.03 -8.60
C PHE F 333 -9.50 -22.40 -9.23
N PRO F 334 -8.40 -22.84 -9.86
CA PRO F 334 -8.39 -24.15 -10.48
C PRO F 334 -8.59 -25.19 -9.40
N LEU F 335 -9.37 -26.22 -9.67
CA LEU F 335 -9.68 -27.19 -8.64
C LEU F 335 -8.44 -27.88 -8.09
N SER F 336 -7.53 -28.30 -8.95
CA SER F 336 -6.31 -28.93 -8.48
C SER F 336 -5.06 -28.25 -8.99
N GLY F 337 -5.21 -27.08 -9.58
CA GLY F 337 -4.11 -26.35 -10.16
C GLY F 337 -3.30 -25.41 -9.28
N SER F 338 -3.71 -25.23 -8.03
CA SER F 338 -2.99 -24.32 -7.15
C SER F 338 -2.62 -24.93 -5.82
N LEU F 339 -1.48 -24.52 -5.28
CA LEU F 339 -1.03 -25.01 -3.99
C LEU F 339 -1.91 -24.39 -2.93
N ILE F 340 -2.29 -25.19 -1.95
CA ILE F 340 -3.15 -24.75 -0.86
C ILE F 340 -2.47 -25.07 0.45
N PHE F 341 -2.27 -24.05 1.29
CA PHE F 341 -1.64 -24.22 2.58
C PHE F 341 -2.67 -24.06 3.67
N GLY F 342 -2.42 -24.73 4.79
CA GLY F 342 -3.28 -24.62 5.97
C GLY F 342 -2.86 -23.43 6.81
N LYS F 343 -3.83 -22.76 7.39
CA LYS F 343 -3.52 -21.77 8.40
C LYS F 343 -3.11 -22.46 9.68
N GLN F 344 -2.48 -21.72 10.58
CA GLN F 344 -2.05 -22.29 11.84
C GLN F 344 -3.21 -22.88 12.61
N GLY F 345 -3.05 -24.12 13.06
CA GLY F 345 -4.07 -24.81 13.83
C GLY F 345 -5.20 -25.44 13.04
N THR F 346 -5.08 -25.44 11.71
CA THR F 346 -6.12 -26.03 10.88
C THR F 346 -6.22 -27.53 11.13
N GLY F 347 -7.45 -28.03 11.20
CA GLY F 347 -7.71 -29.44 11.43
C GLY F 347 -7.30 -30.30 10.26
N ARG F 348 -6.97 -31.55 10.54
CA ARG F 348 -6.56 -32.48 9.50
C ARG F 348 -7.62 -32.83 8.46
N ASP F 349 -8.86 -33.03 8.89
CA ASP F 349 -9.94 -33.42 7.97
C ASP F 349 -11.15 -32.50 7.83
N ASN F 350 -11.51 -32.26 6.57
CA ASN F 350 -12.68 -31.45 6.23
C ASN F 350 -12.80 -30.09 6.90
N VAL F 351 -11.87 -29.19 6.61
CA VAL F 351 -11.91 -27.85 7.15
C VAL F 351 -12.58 -26.90 6.17
N ASP F 352 -13.11 -25.80 6.69
CA ASP F 352 -13.76 -24.79 5.88
C ASP F 352 -12.73 -23.94 5.14
N ALA F 353 -13.19 -23.27 4.08
CA ALA F 353 -12.28 -22.62 3.15
C ALA F 353 -11.50 -21.50 3.80
N ASP F 354 -12.01 -20.95 4.90
CA ASP F 354 -11.28 -19.86 5.55
C ASP F 354 -10.13 -20.39 6.38
N LYS F 355 -10.04 -21.70 6.53
CA LYS F 355 -8.97 -22.26 7.36
C LYS F 355 -7.73 -22.54 6.54
N VAL F 356 -7.81 -22.36 5.23
CA VAL F 356 -6.71 -22.70 4.33
C VAL F 356 -6.35 -21.47 3.52
N MET F 357 -5.18 -21.50 2.92
CA MET F 357 -4.72 -20.36 2.14
C MET F 357 -4.42 -20.81 0.72
N ILE F 358 -5.16 -20.27 -0.24
CA ILE F 358 -5.01 -20.64 -1.63
C ILE F 358 -4.14 -19.69 -2.43
N THR F 359 -2.99 -20.17 -2.88
CA THR F 359 -2.08 -19.37 -3.68
C THR F 359 -2.64 -19.14 -5.06
N ASN F 360 -2.27 -18.02 -5.67
CA ASN F 360 -2.72 -17.71 -7.02
C ASN F 360 -1.52 -17.41 -7.91
N GLU F 361 -1.64 -17.79 -9.17
CA GLU F 361 -0.57 -17.63 -10.15
C GLU F 361 -0.88 -16.54 -11.18
N GLU F 362 -1.58 -15.52 -10.74
CA GLU F 362 -2.00 -14.40 -11.60
C GLU F 362 -0.86 -13.63 -12.26
N GLU F 363 0.29 -13.56 -11.60
CA GLU F 363 1.45 -12.83 -12.11
C GLU F 363 1.95 -13.33 -13.46
N ILE F 364 1.88 -14.64 -13.68
CA ILE F 364 2.36 -15.26 -14.91
C ILE F 364 1.36 -15.31 -16.05
N LYS F 365 0.23 -14.63 -15.89
CA LYS F 365 -0.80 -14.64 -16.94
C LYS F 365 -0.29 -14.06 -18.26
N THR F 366 0.54 -13.03 -18.22
CA THR F 366 1.09 -12.42 -19.43
C THR F 366 1.70 -13.43 -20.41
N THR F 367 2.35 -14.48 -19.91
CA THR F 367 2.91 -15.51 -20.77
C THR F 367 2.21 -16.84 -20.72
N ASN F 368 1.20 -17.02 -19.88
CA ASN F 368 0.70 -18.38 -19.80
C ASN F 368 -0.81 -18.41 -19.97
N PRO F 369 -1.35 -19.48 -20.54
CA PRO F 369 -2.79 -19.59 -20.67
C PRO F 369 -3.44 -19.73 -19.30
N VAL F 370 -4.69 -19.30 -19.23
CA VAL F 370 -5.43 -19.42 -17.98
C VAL F 370 -5.78 -20.88 -17.77
N ALA F 371 -5.67 -21.33 -16.52
CA ALA F 371 -5.86 -22.74 -16.22
C ALA F 371 -7.27 -23.22 -16.53
N THR F 372 -8.26 -22.33 -16.43
CA THR F 372 -9.64 -22.72 -16.61
C THR F 372 -10.17 -22.45 -18.01
N GLU F 373 -9.34 -21.97 -18.92
CA GLU F 373 -9.80 -21.63 -20.25
C GLU F 373 -9.15 -22.54 -21.28
N SER F 374 -9.83 -22.69 -22.42
CA SER F 374 -9.27 -23.49 -23.49
C SER F 374 -8.10 -22.75 -24.13
N TYR F 375 -7.06 -23.50 -24.48
CA TYR F 375 -5.89 -22.89 -25.08
C TYR F 375 -6.24 -22.12 -26.33
N GLY F 376 -7.27 -22.55 -27.05
CA GLY F 376 -7.70 -21.83 -28.23
C GLY F 376 -8.60 -22.68 -29.10
N GLN F 377 -8.69 -22.29 -30.36
CA GLN F 377 -9.54 -22.96 -31.33
C GLN F 377 -8.70 -23.42 -32.51
N VAL F 378 -9.07 -24.57 -33.07
CA VAL F 378 -8.42 -25.09 -34.27
C VAL F 378 -9.48 -25.30 -35.34
N ALA F 379 -9.02 -25.37 -36.58
CA ALA F 379 -9.90 -25.70 -37.69
C ALA F 379 -10.19 -27.19 -37.69
N THR F 380 -11.47 -27.55 -37.63
CA THR F 380 -11.86 -28.94 -37.52
C THR F 380 -12.26 -29.58 -38.84
N ASN F 381 -12.31 -28.82 -39.94
CA ASN F 381 -12.81 -29.38 -41.18
C ASN F 381 -12.32 -28.55 -42.35
N HIS F 382 -12.84 -28.87 -43.53
CA HIS F 382 -12.65 -28.07 -44.74
C HIS F 382 -13.95 -27.34 -45.04
N GLN F 383 -13.89 -26.02 -45.15
CA GLN F 383 -15.05 -25.29 -45.64
C GLN F 383 -15.27 -25.63 -47.11
N SER F 384 -16.49 -25.35 -47.57
CA SER F 384 -16.82 -25.48 -48.98
C SER F 384 -18.07 -24.67 -49.23
N ALA F 385 -18.48 -24.60 -50.49
CA ALA F 385 -19.80 -24.05 -50.78
C ALA F 385 -20.88 -24.89 -50.11
N GLN F 386 -20.58 -26.18 -49.87
CA GLN F 386 -21.52 -27.09 -49.24
C GLN F 386 -21.41 -27.15 -47.72
N ALA F 387 -20.38 -26.53 -47.13
CA ALA F 387 -20.15 -26.68 -45.70
C ALA F 387 -19.59 -25.41 -45.11
N GLN F 388 -20.01 -25.10 -43.88
CA GLN F 388 -19.45 -23.97 -43.16
C GLN F 388 -18.10 -24.32 -42.56
N ALA F 389 -17.28 -23.29 -42.35
CA ALA F 389 -16.06 -23.47 -41.59
C ALA F 389 -16.40 -23.81 -40.15
N GLN F 390 -15.69 -24.77 -39.58
CA GLN F 390 -15.96 -25.21 -38.23
C GLN F 390 -14.67 -25.27 -37.42
N THR F 391 -14.79 -24.97 -36.12
CA THR F 391 -13.67 -24.95 -35.20
C THR F 391 -14.08 -25.63 -33.91
N GLY F 392 -13.07 -25.91 -33.09
CA GLY F 392 -13.31 -26.58 -31.82
C GLY F 392 -12.29 -26.11 -30.80
N TRP F 393 -12.63 -26.33 -29.53
CA TRP F 393 -11.86 -25.79 -28.44
C TRP F 393 -10.72 -26.73 -28.09
N VAL F 394 -9.56 -26.16 -27.76
CA VAL F 394 -8.38 -26.93 -27.41
C VAL F 394 -8.35 -27.05 -25.89
N GLN F 395 -8.65 -28.25 -25.38
CA GLN F 395 -8.67 -28.44 -23.95
C GLN F 395 -7.29 -28.74 -23.39
N ASN F 396 -6.52 -29.57 -24.07
CA ASN F 396 -5.14 -29.81 -23.72
C ASN F 396 -4.26 -29.40 -24.88
N GLN F 397 -3.06 -28.93 -24.59
CA GLN F 397 -2.12 -28.54 -25.63
C GLN F 397 -0.72 -28.93 -25.22
N GLY F 398 -0.01 -29.59 -26.12
CA GLY F 398 1.38 -29.94 -25.89
C GLY F 398 2.31 -28.86 -26.39
N ILE F 399 3.58 -29.05 -26.07
CA ILE F 399 4.61 -28.08 -26.46
C ILE F 399 4.59 -27.90 -27.97
N LEU F 400 4.71 -26.65 -28.41
CA LEU F 400 4.91 -26.38 -29.81
C LEU F 400 6.17 -25.53 -29.96
N PRO F 401 6.89 -25.66 -31.08
CA PRO F 401 7.99 -24.75 -31.33
C PRO F 401 7.50 -23.31 -31.30
N GLY F 402 8.20 -22.48 -30.54
CA GLY F 402 7.81 -21.10 -30.40
C GLY F 402 6.94 -20.81 -29.20
N MET F 403 6.87 -21.70 -28.22
CA MET F 403 6.18 -21.41 -26.98
C MET F 403 7.15 -20.89 -25.94
N VAL F 404 6.67 -19.92 -25.16
CA VAL F 404 7.39 -19.43 -24.00
C VAL F 404 6.44 -19.48 -22.81
N TRP F 405 6.99 -19.66 -21.62
CA TRP F 405 6.15 -19.77 -20.45
C TRP F 405 6.97 -19.47 -19.21
N GLN F 406 6.28 -19.17 -18.13
CA GLN F 406 6.87 -19.02 -16.81
C GLN F 406 6.57 -20.26 -15.99
N ASP F 407 7.54 -20.68 -15.21
CA ASP F 407 7.28 -21.79 -14.30
C ASP F 407 6.49 -21.29 -13.10
N ARG F 408 6.12 -22.20 -12.23
CA ARG F 408 5.33 -21.85 -11.06
C ARG F 408 6.18 -21.09 -10.06
N ASP F 409 5.55 -20.17 -9.34
CA ASP F 409 6.24 -19.36 -8.35
C ASP F 409 6.58 -20.19 -7.13
N VAL F 410 7.52 -19.69 -6.33
CA VAL F 410 7.88 -20.31 -5.07
C VAL F 410 7.39 -19.43 -3.94
N TYR F 411 7.13 -20.04 -2.80
CA TYR F 411 6.53 -19.36 -1.67
C TYR F 411 7.38 -19.56 -0.43
N LEU F 412 7.13 -18.73 0.57
CA LEU F 412 7.85 -18.86 1.83
C LEU F 412 7.65 -20.25 2.42
N GLN F 413 6.48 -20.83 2.19
CA GLN F 413 6.13 -22.13 2.75
C GLN F 413 6.48 -23.29 1.85
N GLY F 414 6.85 -23.03 0.60
CA GLY F 414 6.88 -24.06 -0.40
C GLY F 414 8.17 -24.85 -0.41
N PRO F 415 8.21 -25.89 -1.23
CA PRO F 415 9.43 -26.69 -1.36
C PRO F 415 10.50 -25.95 -2.13
N ILE F 416 11.73 -26.43 -1.99
CA ILE F 416 12.88 -25.77 -2.58
C ILE F 416 13.38 -26.56 -3.78
N TRP F 417 13.83 -27.79 -3.55
CA TRP F 417 14.34 -28.61 -4.65
C TRP F 417 13.55 -29.90 -4.74
N ALA F 418 13.70 -30.55 -5.89
CA ALA F 418 13.17 -31.88 -6.10
C ALA F 418 14.16 -32.68 -6.94
N LYS F 419 14.13 -33.99 -6.77
CA LYS F 419 15.00 -34.87 -7.53
C LYS F 419 14.33 -35.24 -8.85
N ILE F 420 15.09 -35.19 -9.92
CA ILE F 420 14.57 -35.59 -11.22
C ILE F 420 14.61 -37.11 -11.33
N PRO F 421 13.51 -37.78 -11.70
CA PRO F 421 13.45 -39.23 -11.77
C PRO F 421 14.52 -39.87 -12.67
N ASN F 426 13.18 -36.94 -20.33
CA ASN F 426 12.30 -35.94 -19.72
C ASN F 426 12.29 -34.65 -20.52
N PHE F 427 11.46 -33.69 -20.09
CA PHE F 427 11.47 -32.37 -20.68
C PHE F 427 11.23 -31.32 -19.61
N HIS F 428 12.01 -30.25 -19.66
CA HIS F 428 11.97 -29.11 -18.74
C HIS F 428 11.81 -29.62 -17.31
N PRO F 429 12.86 -30.17 -16.75
CA PRO F 429 12.74 -30.91 -15.49
C PRO F 429 12.23 -30.11 -14.30
N SER F 430 12.12 -28.80 -14.44
CA SER F 430 11.69 -27.96 -13.33
C SER F 430 10.40 -28.51 -12.71
N PRO F 431 10.39 -28.78 -11.42
CA PRO F 431 9.26 -29.52 -10.83
C PRO F 431 7.98 -28.70 -10.88
N LEU F 432 6.86 -29.41 -10.73
CA LEU F 432 5.57 -28.78 -10.88
C LEU F 432 5.13 -28.01 -9.65
N MET F 433 5.58 -28.41 -8.48
CA MET F 433 5.24 -27.64 -7.29
C MET F 433 6.19 -26.48 -7.09
N GLY F 434 7.12 -26.27 -7.99
CA GLY F 434 8.03 -25.14 -7.93
C GLY F 434 9.39 -25.55 -7.40
N GLY F 435 10.34 -24.64 -7.53
CA GLY F 435 11.68 -24.88 -7.05
C GLY F 435 12.63 -25.32 -8.13
N PHE F 436 13.71 -25.96 -7.70
CA PHE F 436 14.84 -26.30 -8.54
C PHE F 436 14.93 -27.81 -8.69
N GLY F 437 15.44 -28.27 -9.84
CA GLY F 437 15.62 -29.69 -10.07
C GLY F 437 17.01 -30.17 -9.71
N TYR F 472 14.91 -42.39 23.76
CA TYR F 472 14.81 -41.31 22.78
C TYR F 472 16.01 -40.40 22.90
N SER F 473 16.39 -39.75 21.80
CA SER F 473 17.55 -38.88 21.79
C SER F 473 17.17 -37.50 21.28
N THR F 474 18.02 -36.54 21.58
CA THR F 474 17.81 -35.16 21.15
C THR F 474 19.15 -34.59 20.73
N GLY F 475 19.10 -33.42 20.10
CA GLY F 475 20.33 -32.75 19.69
C GLY F 475 20.04 -31.49 18.92
N GLN F 476 21.09 -30.87 18.41
CA GLN F 476 20.98 -29.62 17.69
C GLN F 476 21.23 -29.87 16.21
N VAL F 477 20.55 -29.13 15.37
CA VAL F 477 20.79 -29.16 13.93
C VAL F 477 20.88 -27.73 13.42
N SER F 478 21.97 -27.45 12.74
CA SER F 478 22.15 -26.17 12.07
C SER F 478 22.52 -26.43 10.63
N VAL F 479 21.92 -25.66 9.73
CA VAL F 479 22.16 -25.79 8.30
C VAL F 479 22.39 -24.41 7.72
N GLU F 480 23.28 -24.32 6.74
CA GLU F 480 23.73 -23.06 6.19
C GLU F 480 23.76 -23.15 4.69
N ILE F 481 22.99 -22.30 4.02
CA ILE F 481 22.89 -22.31 2.57
C ILE F 481 23.43 -21.00 2.02
N GLU F 482 24.13 -21.08 0.90
CA GLU F 482 24.57 -19.90 0.18
C GLU F 482 23.67 -19.68 -1.02
N TRP F 483 23.18 -18.46 -1.17
CA TRP F 483 22.26 -18.10 -2.23
C TRP F 483 22.92 -17.08 -3.13
N GLU F 484 22.79 -17.27 -4.44
CA GLU F 484 23.28 -16.31 -5.40
C GLU F 484 22.12 -15.44 -5.86
N LEU F 485 22.38 -14.15 -6.04
CA LEU F 485 21.34 -13.18 -6.31
C LEU F 485 21.49 -12.62 -7.72
N GLN F 486 20.38 -12.12 -8.26
CA GLN F 486 20.37 -11.43 -9.55
C GLN F 486 19.76 -10.06 -9.33
N LYS F 487 20.57 -9.02 -9.51
CA LYS F 487 20.15 -7.68 -9.15
C LYS F 487 19.15 -7.11 -10.13
N GLU F 488 18.42 -6.10 -9.68
CA GLU F 488 17.42 -5.43 -10.49
C GLU F 488 18.05 -4.29 -11.28
N ASN F 489 17.99 -4.41 -12.61
CA ASN F 489 18.67 -3.50 -13.52
C ASN F 489 17.75 -2.44 -14.13
N SER F 490 16.47 -2.42 -13.76
CA SER F 490 15.46 -1.74 -14.57
C SER F 490 15.66 -0.23 -14.62
N LYS F 491 15.29 0.35 -15.77
CA LYS F 491 15.21 1.78 -15.99
C LYS F 491 13.80 2.32 -15.80
N ARG F 492 12.87 1.50 -15.36
CA ARG F 492 11.49 1.92 -15.19
C ARG F 492 11.38 3.19 -14.37
N TRP F 493 10.55 4.12 -14.83
CA TRP F 493 10.47 5.42 -14.17
C TRP F 493 9.59 5.38 -12.93
N ASN F 494 8.39 4.84 -13.03
CA ASN F 494 7.46 4.94 -11.92
C ASN F 494 7.81 3.92 -10.85
N PRO F 495 7.33 4.12 -9.63
CA PRO F 495 7.68 3.21 -8.54
C PRO F 495 7.05 1.83 -8.66
N GLU F 496 7.78 0.85 -8.14
CA GLU F 496 7.40 -0.56 -8.17
C GLU F 496 6.32 -0.89 -7.15
N ILE F 497 5.68 -2.03 -7.37
CA ILE F 497 4.94 -2.71 -6.31
C ILE F 497 5.92 -3.42 -5.40
N GLN F 498 5.72 -3.29 -4.10
CA GLN F 498 6.59 -3.93 -3.13
C GLN F 498 5.75 -4.73 -2.16
N TYR F 499 6.39 -5.63 -1.44
CA TYR F 499 5.68 -6.32 -0.37
C TYR F 499 5.82 -5.51 0.91
N THR F 500 4.71 -5.22 1.55
CA THR F 500 4.73 -4.33 2.70
C THR F 500 3.78 -4.84 3.78
N SER F 501 4.00 -4.36 4.99
CA SER F 501 3.14 -4.70 6.10
C SER F 501 2.20 -3.53 6.25
N ASN F 502 0.90 -3.79 6.24
CA ASN F 502 -0.07 -2.71 6.36
C ASN F 502 0.04 -2.04 7.71
N TYR F 503 -0.02 -0.72 7.72
CA TYR F 503 0.04 0.00 8.98
C TYR F 503 -1.38 0.20 9.48
N TYR F 504 -1.85 -0.77 10.25
CA TYR F 504 -3.17 -0.66 10.83
C TYR F 504 -3.13 -1.37 12.17
N LYS F 505 -3.90 -0.89 13.13
CA LYS F 505 -3.90 -1.48 14.44
C LYS F 505 -4.63 -2.82 14.49
N SER F 506 -3.87 -3.89 14.72
CA SER F 506 -4.46 -5.21 14.85
C SER F 506 -4.28 -5.69 16.29
N ASN F 507 -4.94 -6.79 16.62
CA ASN F 507 -4.78 -7.36 17.95
C ASN F 507 -3.39 -7.94 18.15
N ASN F 508 -2.75 -8.39 17.08
CA ASN F 508 -1.39 -8.89 17.21
C ASN F 508 -0.68 -8.83 15.88
N VAL F 509 0.65 -8.88 15.95
CA VAL F 509 1.49 -8.61 14.81
C VAL F 509 1.55 -9.84 13.91
N GLU F 510 1.60 -9.60 12.60
CA GLU F 510 1.72 -10.70 11.66
C GLU F 510 3.14 -11.23 11.64
N PHE F 511 3.25 -12.56 11.55
CA PHE F 511 4.52 -13.27 11.62
C PHE F 511 5.16 -13.10 12.99
N ALA F 512 4.34 -13.16 14.03
CA ALA F 512 4.85 -13.16 15.39
C ALA F 512 3.90 -13.97 16.23
N VAL F 513 4.36 -14.34 17.43
CA VAL F 513 3.58 -15.21 18.30
C VAL F 513 2.38 -14.44 18.84
N ASN F 514 1.38 -15.18 19.29
CA ASN F 514 0.25 -14.58 19.99
C ASN F 514 0.46 -14.70 21.49
N THR F 515 -0.59 -14.38 22.24
CA THR F 515 -0.50 -14.44 23.70
C THR F 515 -0.19 -15.86 24.18
N GLU F 516 -0.66 -16.86 23.44
CA GLU F 516 -0.44 -18.23 23.89
C GLU F 516 0.97 -18.71 23.56
N GLY F 517 1.74 -17.90 22.85
CA GLY F 517 3.05 -18.30 22.40
C GLY F 517 3.06 -19.10 21.13
N VAL F 518 2.10 -18.88 20.23
CA VAL F 518 2.02 -19.68 19.03
C VAL F 518 2.43 -18.84 17.83
N TYR F 519 3.49 -19.26 17.15
CA TYR F 519 3.96 -18.61 15.94
C TYR F 519 2.99 -18.96 14.81
N SER F 520 2.75 -18.01 13.93
CA SER F 520 1.76 -18.19 12.89
C SER F 520 2.17 -17.43 11.64
N GLU F 521 1.75 -17.93 10.49
CA GLU F 521 1.98 -17.28 9.22
C GLU F 521 0.64 -16.88 8.62
N PRO F 522 0.34 -15.58 8.60
CA PRO F 522 -0.94 -15.07 8.10
C PRO F 522 -1.25 -15.37 6.64
N ARG F 523 -0.31 -15.13 5.74
CA ARG F 523 -0.56 -15.36 4.32
C ARG F 523 0.63 -15.96 3.59
N PRO F 524 0.37 -16.60 2.44
CA PRO F 524 1.43 -17.18 1.63
C PRO F 524 2.11 -16.05 0.87
N ILE F 525 3.42 -15.94 0.99
CA ILE F 525 4.15 -14.85 0.33
C ILE F 525 4.93 -15.26 -0.91
N GLY F 526 4.31 -15.17 -2.08
CA GLY F 526 4.96 -15.50 -3.33
C GLY F 526 6.01 -14.49 -3.71
N THR F 527 7.09 -14.93 -4.35
CA THR F 527 8.17 -14.03 -4.76
C THR F 527 8.09 -13.39 -6.14
N ARG F 528 7.05 -12.60 -6.42
CA ARG F 528 6.98 -11.94 -7.74
C ARG F 528 6.47 -10.52 -7.75
N TYR F 529 7.25 -9.59 -7.20
CA TYR F 529 6.84 -8.19 -7.17
C TYR F 529 7.51 -7.27 -8.20
N LEU F 530 8.79 -7.49 -8.46
CA LEU F 530 9.52 -6.69 -9.44
C LEU F 530 9.12 -7.09 -10.84
N THR F 531 9.28 -6.19 -11.81
CA THR F 531 8.92 -6.50 -13.18
C THR F 531 10.07 -6.41 -14.19
N ARG F 532 9.80 -6.87 -15.40
CA ARG F 532 10.72 -6.87 -16.51
C ARG F 532 9.94 -6.72 -17.80
N ASN F 533 10.56 -6.06 -18.76
CA ASN F 533 10.03 -6.07 -20.11
C ASN F 533 10.01 -7.50 -20.63
N LEU F 534 9.03 -7.80 -21.46
CA LEU F 534 8.90 -9.15 -21.99
C LEU F 534 9.84 -9.34 -23.17
N GLN G 1 -11.83 11.81 -14.15
CA GLN G 1 -13.00 10.95 -14.06
C GLN G 1 -12.95 10.07 -12.83
N VAL G 2 -14.07 9.98 -12.14
CA VAL G 2 -14.19 9.17 -10.94
C VAL G 2 -15.38 8.26 -11.10
N GLN G 3 -15.16 6.97 -10.95
CA GLN G 3 -16.23 6.00 -11.03
C GLN G 3 -16.23 5.16 -9.77
N LEU G 4 -17.40 5.04 -9.15
CA LEU G 4 -17.58 4.31 -7.91
C LEU G 4 -18.45 3.10 -8.19
N GLN G 5 -18.06 1.95 -7.67
CA GLN G 5 -18.88 0.76 -7.81
C GLN G 5 -18.83 -0.05 -6.52
N GLU G 6 -20.00 -0.37 -5.99
CA GLU G 6 -20.13 -1.17 -4.78
C GLU G 6 -20.25 -2.62 -5.19
N SER G 7 -19.70 -3.51 -4.39
CA SER G 7 -19.84 -4.94 -4.61
C SER G 7 -20.08 -5.59 -3.27
N GLY G 8 -20.89 -6.64 -3.26
CA GLY G 8 -21.16 -7.35 -2.04
C GLY G 8 -22.22 -8.40 -2.22
N PRO G 9 -22.30 -9.34 -1.29
CA PRO G 9 -23.29 -10.41 -1.40
C PRO G 9 -24.69 -9.83 -1.38
N GLY G 10 -25.51 -10.24 -2.35
CA GLY G 10 -26.85 -9.69 -2.44
C GLY G 10 -27.74 -10.15 -1.32
N LEU G 11 -27.36 -11.24 -0.67
CA LEU G 11 -28.19 -11.90 0.34
C LEU G 11 -27.36 -12.15 1.58
N VAL G 12 -27.95 -11.90 2.74
CA VAL G 12 -27.27 -12.06 4.01
C VAL G 12 -28.24 -12.66 5.01
N LYS G 13 -27.81 -13.70 5.71
CA LYS G 13 -28.68 -14.31 6.70
C LYS G 13 -28.75 -13.44 7.95
N PRO G 14 -29.90 -13.41 8.62
CA PRO G 14 -30.04 -12.57 9.81
C PRO G 14 -28.97 -12.88 10.84
N SER G 15 -28.54 -11.84 11.54
CA SER G 15 -27.54 -11.95 12.60
C SER G 15 -26.18 -12.40 12.06
N GLU G 16 -25.91 -12.08 10.79
CA GLU G 16 -24.61 -12.30 10.21
C GLU G 16 -23.99 -10.96 9.88
N THR G 17 -22.67 -10.91 9.82
CA THR G 17 -22.00 -9.66 9.49
C THR G 17 -22.17 -9.36 8.01
N LEU G 18 -22.49 -8.12 7.71
CA LEU G 18 -22.64 -7.65 6.34
C LEU G 18 -21.33 -7.05 5.89
N SER G 19 -20.98 -7.25 4.62
CA SER G 19 -19.70 -6.80 4.10
C SER G 19 -19.89 -6.21 2.72
N LEU G 20 -19.37 -5.01 2.53
CA LEU G 20 -19.40 -4.35 1.23
C LEU G 20 -18.05 -3.72 0.97
N THR G 21 -17.69 -3.64 -0.30
CA THR G 21 -16.50 -2.90 -0.70
C THR G 21 -16.87 -1.99 -1.84
N CYS G 22 -16.23 -0.84 -1.89
CA CYS G 22 -16.39 0.12 -2.96
C CYS G 22 -15.04 0.35 -3.60
N THR G 23 -14.92 0.02 -4.87
CA THR G 23 -13.66 0.20 -5.59
C THR G 23 -13.80 1.39 -6.51
N VAL G 24 -13.13 2.48 -6.17
CA VAL G 24 -13.11 3.66 -7.01
C VAL G 24 -12.09 3.43 -8.10
N SER G 25 -12.43 3.84 -9.32
CA SER G 25 -11.54 3.66 -10.45
C SER G 25 -11.40 4.96 -11.22
N GLY G 26 -10.24 5.10 -11.85
CA GLY G 26 -9.95 6.26 -12.66
C GLY G 26 -9.31 7.41 -11.92
N ASP G 27 -9.58 7.53 -10.62
CA ASP G 27 -9.01 8.57 -9.79
C ASP G 27 -8.64 8.02 -8.42
N SER G 28 -7.62 8.61 -7.81
CA SER G 28 -7.17 8.17 -6.50
C SER G 28 -8.12 8.59 -5.39
N ILE G 29 -8.00 7.92 -4.24
CA ILE G 29 -8.84 8.23 -3.09
C ILE G 29 -8.20 9.27 -2.19
N ARG G 30 -7.01 9.70 -2.54
CA ARG G 30 -6.28 10.66 -1.74
C ARG G 30 -6.97 12.02 -1.61
N SER G 31 -6.81 12.62 -0.44
CA SER G 31 -7.33 13.95 -0.09
C SER G 31 -8.84 14.12 -0.21
N TYR G 32 -9.61 13.08 0.11
CA TYR G 32 -11.05 13.17 0.02
C TYR G 32 -11.74 12.27 1.01
N TYR G 33 -12.74 12.76 1.73
CA TYR G 33 -13.49 11.86 2.57
C TYR G 33 -14.42 11.00 1.71
N TRP G 34 -14.78 9.83 2.22
CA TRP G 34 -15.65 8.90 1.52
C TRP G 34 -16.70 8.38 2.49
N SER G 35 -17.95 8.31 2.06
CA SER G 35 -19.04 7.99 2.96
C SER G 35 -19.95 6.92 2.38
N TRP G 36 -20.56 6.15 3.26
CA TRP G 36 -21.62 5.20 2.93
C TRP G 36 -22.93 5.82 3.33
N ILE G 37 -23.86 5.89 2.43
CA ILE G 37 -25.22 6.26 2.82
C ILE G 37 -26.15 5.15 2.39
N ARG G 38 -27.18 4.92 3.18
CA ARG G 38 -28.05 3.77 3.04
C ARG G 38 -29.44 4.23 2.67
N GLN G 39 -30.13 3.44 1.88
CA GLN G 39 -31.54 3.74 1.72
C GLN G 39 -32.38 2.47 1.76
N PRO G 40 -33.43 2.44 2.58
CA PRO G 40 -34.33 1.31 2.55
C PRO G 40 -35.28 1.44 1.36
N PRO G 41 -35.88 0.36 0.91
CA PRO G 41 -36.76 0.44 -0.27
C PRO G 41 -37.93 1.37 0.00
N GLY G 42 -38.13 2.31 -0.91
CA GLY G 42 -39.21 3.27 -0.78
C GLY G 42 -39.16 4.08 0.50
N LYS G 43 -37.96 4.43 0.96
CA LYS G 43 -37.83 5.20 2.18
C LYS G 43 -36.69 6.20 2.03
N GLY G 44 -36.58 7.08 3.01
CA GLY G 44 -35.60 8.13 2.94
C GLY G 44 -34.17 7.62 3.06
N LEU G 45 -33.24 8.56 3.18
CA LEU G 45 -31.83 8.20 3.19
C LEU G 45 -31.25 8.33 4.60
N GLU G 46 -30.40 7.39 4.94
CA GLU G 46 -29.60 7.51 6.14
C GLU G 46 -28.13 7.57 5.76
N TRP G 47 -27.39 8.31 6.54
CA TRP G 47 -25.96 8.40 6.38
C TRP G 47 -25.31 7.46 7.38
N ILE G 48 -24.56 6.49 6.88
CA ILE G 48 -23.93 5.51 7.76
C ILE G 48 -22.76 6.13 8.50
N GLY G 49 -21.87 6.76 7.75
CA GLY G 49 -20.59 7.18 8.28
C GLY G 49 -19.66 7.50 7.14
N HIS G 50 -18.51 8.07 7.48
CA HIS G 50 -17.54 8.33 6.44
C HIS G 50 -16.15 8.16 7.00
N ILE G 51 -15.20 7.98 6.10
CA ILE G 51 -13.81 7.77 6.46
C ILE G 51 -12.96 8.68 5.60
N TYR G 52 -11.85 9.14 6.16
CA TYR G 52 -10.93 10.01 5.46
C TYR G 52 -9.76 9.18 4.97
N TYR G 53 -9.21 9.56 3.82
CA TYR G 53 -8.33 8.66 3.10
C TYR G 53 -7.22 8.16 3.98
N SER G 54 -6.88 8.91 5.03
CA SER G 54 -5.82 8.46 5.91
C SER G 54 -6.35 7.61 7.05
N GLY G 55 -7.65 7.38 7.08
CA GLY G 55 -8.18 6.43 8.05
C GLY G 55 -9.00 7.02 9.17
N SER G 56 -9.05 8.34 9.28
CA SER G 56 -9.93 8.94 10.27
C SER G 56 -11.38 8.59 9.95
N THR G 57 -12.14 8.26 10.99
CA THR G 57 -13.43 7.62 10.82
C THR G 57 -14.48 8.30 11.67
N ASN G 58 -15.66 8.46 11.10
CA ASN G 58 -16.79 9.04 11.81
C ASN G 58 -18.05 8.26 11.45
N TYR G 59 -18.95 8.10 12.41
CA TYR G 59 -20.11 7.25 12.25
C TYR G 59 -21.38 7.99 12.63
N LYS G 60 -22.50 7.44 12.23
CA LYS G 60 -23.76 7.91 12.76
C LYS G 60 -23.93 7.38 14.18
N PRO G 61 -24.26 8.23 15.14
CA PRO G 61 -24.16 7.83 16.55
C PRO G 61 -24.95 6.59 16.90
N SER G 62 -26.20 6.51 16.47
CA SER G 62 -26.99 5.32 16.78
C SER G 62 -26.36 4.09 16.16
N LEU G 63 -25.64 4.26 15.09
CA LEU G 63 -25.22 3.13 14.28
C LEU G 63 -23.79 2.70 14.60
N LYS G 64 -23.13 3.35 15.54
CA LYS G 64 -21.85 2.85 16.02
C LYS G 64 -22.03 1.51 16.69
N SER G 65 -20.93 0.79 16.82
CA SER G 65 -20.79 -0.47 17.52
C SER G 65 -21.36 -1.61 16.71
N ARG G 66 -22.21 -1.35 15.73
CA ARG G 66 -22.53 -2.35 14.73
C ARG G 66 -21.79 -2.18 13.42
N ALA G 67 -21.06 -1.10 13.22
CA ALA G 67 -20.52 -0.76 11.92
C ALA G 67 -19.03 -0.49 12.01
N THR G 68 -18.35 -0.71 10.91
CA THR G 68 -16.92 -0.45 10.81
C THR G 68 -16.61 -0.10 9.37
N ILE G 69 -15.69 0.84 9.17
CA ILE G 69 -15.31 1.26 7.84
C ILE G 69 -13.80 1.22 7.74
N LEU G 70 -13.29 0.61 6.70
CA LEU G 70 -11.86 0.54 6.48
C LEU G 70 -11.54 1.14 5.12
N VAL G 71 -10.28 1.46 4.92
CA VAL G 71 -9.83 2.01 3.65
C VAL G 71 -8.52 1.35 3.28
N ASP G 72 -8.38 0.98 2.03
CA ASP G 72 -7.12 0.45 1.52
C ASP G 72 -6.65 1.35 0.40
N THR G 73 -5.59 2.11 0.67
CA THR G 73 -5.11 3.03 -0.33
C THR G 73 -4.34 2.31 -1.43
N SER G 74 -3.72 1.18 -1.09
CA SER G 74 -2.99 0.43 -2.09
C SER G 74 -3.93 -0.09 -3.17
N LYS G 75 -4.97 -0.80 -2.78
CA LYS G 75 -5.96 -1.28 -3.73
C LYS G 75 -6.92 -0.20 -4.17
N ASN G 76 -6.84 0.99 -3.57
CA ASN G 76 -7.71 2.11 -3.91
C ASN G 76 -9.16 1.73 -3.70
N GLN G 77 -9.42 0.84 -2.76
CA GLN G 77 -10.77 0.41 -2.49
C GLN G 77 -11.09 0.68 -1.03
N PHE G 78 -12.37 0.66 -0.74
CA PHE G 78 -12.94 1.25 0.46
C PHE G 78 -14.15 0.45 0.92
N SER G 79 -14.21 0.16 2.21
CA SER G 79 -15.04 -0.94 2.72
C SER G 79 -15.99 -0.49 3.81
N LEU G 80 -17.12 -1.17 3.89
CA LEU G 80 -18.04 -1.08 5.01
C LEU G 80 -18.25 -2.48 5.56
N LYS G 81 -18.43 -2.58 6.86
CA LYS G 81 -18.76 -3.84 7.49
C LYS G 81 -19.74 -3.58 8.61
N LEU G 82 -20.81 -4.35 8.64
CA LEU G 82 -21.95 -4.09 9.51
C LEU G 82 -22.36 -5.41 10.15
N ARG G 83 -22.66 -5.38 11.43
CA ARG G 83 -22.84 -6.62 12.16
C ARG G 83 -24.27 -6.78 12.65
N SER G 84 -24.55 -7.97 13.17
CA SER G 84 -25.84 -8.29 13.78
C SER G 84 -27.00 -7.79 12.93
N VAL G 85 -26.97 -8.10 11.64
CA VAL G 85 -27.95 -7.51 10.74
C VAL G 85 -29.32 -8.06 11.04
N THR G 86 -30.34 -7.29 10.70
CA THR G 86 -31.73 -7.66 10.85
C THR G 86 -32.48 -7.21 9.61
N ALA G 87 -33.74 -7.62 9.52
CA ALA G 87 -34.57 -7.18 8.41
C ALA G 87 -34.59 -5.67 8.30
N ALA G 88 -34.36 -4.96 9.40
CA ALA G 88 -34.28 -3.52 9.35
C ALA G 88 -33.11 -3.02 8.53
N ASP G 89 -32.13 -3.86 8.26
CA ASP G 89 -30.97 -3.44 7.50
C ASP G 89 -31.09 -3.71 6.02
N THR G 90 -32.20 -4.29 5.57
CA THR G 90 -32.37 -4.50 4.15
C THR G 90 -32.56 -3.16 3.46
N ALA G 91 -31.70 -2.85 2.51
CA ALA G 91 -31.69 -1.51 1.97
C ALA G 91 -30.78 -1.50 0.74
N VAL G 92 -30.67 -0.34 0.10
CA VAL G 92 -29.70 -0.11 -0.95
C VAL G 92 -28.60 0.76 -0.38
N TYR G 93 -27.38 0.28 -0.44
CA TYR G 93 -26.24 0.96 0.15
C TYR G 93 -25.47 1.70 -0.93
N TYR G 94 -25.19 2.97 -0.70
CA TYR G 94 -24.48 3.78 -1.67
C TYR G 94 -23.09 4.12 -1.18
N CYS G 95 -22.18 4.24 -2.14
CA CYS G 95 -20.83 4.71 -1.93
C CYS G 95 -20.73 6.10 -2.57
N ALA G 96 -20.42 7.12 -1.77
CA ALA G 96 -20.37 8.48 -2.27
C ALA G 96 -19.07 9.13 -1.88
N ARG G 97 -18.68 10.16 -2.62
CA ARG G 97 -17.49 10.92 -2.30
C ARG G 97 -17.86 12.29 -1.75
N GLU G 98 -17.26 12.64 -0.62
CA GLU G 98 -17.44 13.96 -0.04
C GLU G 98 -16.86 15.02 -0.97
N MET G 99 -17.35 16.24 -0.82
CA MET G 99 -17.13 17.27 -1.81
C MET G 99 -15.91 18.10 -1.50
N THR G 100 -15.22 18.55 -2.55
CA THR G 100 -14.11 19.49 -2.54
C THR G 100 -13.06 19.22 -1.48
N GLY G 101 -12.77 17.94 -1.24
CA GLY G 101 -11.75 17.53 -0.29
C GLY G 101 -12.02 17.86 1.16
N VAL G 102 -13.18 18.42 1.45
CA VAL G 102 -13.52 18.77 2.82
C VAL G 102 -14.79 18.09 3.28
N ALA G 103 -14.74 17.49 4.46
CA ALA G 103 -15.91 16.81 5.02
C ALA G 103 -16.95 17.81 5.47
N GLY G 104 -18.20 17.39 5.52
CA GLY G 104 -19.28 18.24 5.95
C GLY G 104 -20.04 19.08 4.93
N ARG G 105 -19.71 18.95 3.65
CA ARG G 105 -20.45 19.72 2.66
C ARG G 105 -20.94 18.96 1.43
N GLY G 106 -21.88 18.04 1.65
CA GLY G 106 -22.46 17.29 0.56
C GLY G 106 -21.57 16.20 -0.02
N TRP G 107 -22.03 15.63 -1.13
CA TRP G 107 -21.29 14.58 -1.81
C TRP G 107 -21.26 14.94 -3.28
N ASP G 108 -20.08 14.87 -3.88
CA ASP G 108 -19.93 15.23 -5.28
C ASP G 108 -20.38 14.11 -6.20
N HIS G 109 -19.88 12.90 -5.99
CA HIS G 109 -20.15 11.77 -6.85
C HIS G 109 -20.81 10.66 -6.06
N TRP G 110 -21.50 9.78 -6.77
CA TRP G 110 -22.29 8.73 -6.16
C TRP G 110 -22.05 7.42 -6.88
N GLY G 111 -21.91 6.36 -6.11
CA GLY G 111 -21.87 5.04 -6.69
C GLY G 111 -23.23 4.64 -7.24
N GLN G 112 -23.23 3.55 -7.99
CA GLN G 112 -24.48 3.05 -8.55
C GLN G 112 -25.39 2.53 -7.45
N GLY G 113 -24.82 2.09 -6.35
CA GLY G 113 -25.61 1.50 -5.29
C GLY G 113 -25.85 0.03 -5.53
N THR G 114 -26.01 -0.72 -4.44
CA THR G 114 -26.30 -2.13 -4.52
C THR G 114 -27.37 -2.48 -3.50
N LEU G 115 -28.22 -3.43 -3.85
CA LEU G 115 -29.27 -3.90 -2.98
C LEU G 115 -28.76 -5.06 -2.15
N VAL G 116 -29.02 -5.01 -0.85
CA VAL G 116 -28.71 -6.08 0.05
C VAL G 116 -29.98 -6.50 0.76
N THR G 117 -30.27 -7.79 0.75
CA THR G 117 -31.47 -8.32 1.36
C THR G 117 -31.09 -9.24 2.50
N VAL G 118 -31.73 -9.06 3.65
CA VAL G 118 -31.51 -9.92 4.80
C VAL G 118 -32.69 -10.88 4.88
N SER G 119 -32.44 -12.14 4.55
CA SER G 119 -33.47 -13.16 4.52
C SER G 119 -32.83 -14.53 4.62
N SER G 120 -33.64 -15.54 4.90
CA SER G 120 -33.17 -16.91 4.94
C SER G 120 -33.98 -17.79 4.00
N ALA H 1 -33.82 13.88 11.94
CA ALA H 1 -34.24 14.22 10.58
C ALA H 1 -34.54 15.69 10.45
N LEU H 2 -34.93 16.10 9.25
CA LEU H 2 -35.26 17.49 8.95
C LEU H 2 -36.68 17.53 8.43
N THR H 3 -37.56 18.20 9.16
CA THR H 3 -38.95 18.30 8.74
C THR H 3 -39.04 18.89 7.35
N GLN H 4 -39.71 18.18 6.46
CA GLN H 4 -39.81 18.56 5.06
C GLN H 4 -41.19 18.15 4.57
N PRO H 5 -41.81 18.94 3.72
CA PRO H 5 -43.18 18.64 3.29
C PRO H 5 -43.23 17.34 2.50
N PRO H 6 -44.27 16.54 2.69
CA PRO H 6 -44.32 15.24 2.01
C PRO H 6 -44.32 15.34 0.51
N SER H 7 -45.11 16.24 -0.05
CA SER H 7 -45.15 16.38 -1.49
C SER H 7 -45.55 17.81 -1.85
N ALA H 8 -44.99 18.28 -2.95
CA ALA H 8 -45.38 19.54 -3.54
C ALA H 8 -45.67 19.27 -5.01
N SER H 9 -46.46 20.14 -5.64
CA SER H 9 -46.92 19.87 -6.98
C SER H 9 -47.30 21.16 -7.68
N GLY H 10 -47.37 21.10 -9.00
CA GLY H 10 -47.80 22.25 -9.78
C GLY H 10 -47.85 21.89 -11.25
N THR H 11 -48.59 22.70 -11.99
CA THR H 11 -48.62 22.58 -13.43
C THR H 11 -47.32 23.11 -14.02
N PRO H 12 -47.02 22.78 -15.28
CA PRO H 12 -45.76 23.24 -15.84
C PRO H 12 -45.71 24.75 -16.00
N GLY H 13 -44.59 25.33 -15.58
CA GLY H 13 -44.37 26.75 -15.68
C GLY H 13 -44.48 27.52 -14.38
N GLN H 14 -45.05 26.92 -13.34
CA GLN H 14 -45.30 27.61 -12.09
C GLN H 14 -44.14 27.38 -11.14
N ARG H 15 -43.84 28.40 -10.34
CA ARG H 15 -42.77 28.30 -9.36
C ARG H 15 -43.22 27.44 -8.19
N VAL H 16 -42.42 26.43 -7.86
CA VAL H 16 -42.71 25.49 -6.78
C VAL H 16 -41.66 25.67 -5.71
N THR H 17 -42.09 25.66 -4.45
CA THR H 17 -41.22 25.92 -3.32
C THR H 17 -41.23 24.73 -2.37
N ILE H 18 -40.05 24.15 -2.15
CA ILE H 18 -39.85 23.13 -1.12
C ILE H 18 -39.02 23.76 -0.02
N SER H 19 -39.46 23.61 1.23
CA SER H 19 -38.75 24.20 2.35
C SER H 19 -38.65 23.19 3.47
N CYS H 20 -37.44 22.97 3.97
CA CYS H 20 -37.22 22.08 5.10
C CYS H 20 -36.72 22.88 6.27
N SER H 21 -36.96 22.37 7.48
CA SER H 21 -36.73 23.12 8.71
C SER H 21 -35.96 22.26 9.70
N GLY H 22 -35.18 22.91 10.57
CA GLY H 22 -34.41 22.19 11.56
C GLY H 22 -34.04 23.09 12.72
N SER H 23 -33.36 22.48 13.70
CA SER H 23 -32.94 23.21 14.88
C SER H 23 -31.73 24.08 14.56
N SER H 24 -31.50 25.05 15.44
CA SER H 24 -30.38 25.97 15.28
C SER H 24 -29.06 25.22 15.25
N SER H 25 -28.89 24.26 16.16
CA SER H 25 -27.67 23.46 16.16
C SER H 25 -27.55 22.64 14.90
N ASN H 26 -28.59 22.64 14.08
CA ASN H 26 -28.61 21.73 12.95
C ASN H 26 -28.45 22.48 11.64
N ILE H 27 -29.53 23.05 11.13
CA ILE H 27 -29.48 23.84 9.91
C ILE H 27 -29.15 25.29 10.21
N GLY H 28 -29.54 25.77 11.40
CA GLY H 28 -29.20 27.13 11.76
C GLY H 28 -27.72 27.38 11.69
N SER H 29 -26.95 26.57 12.40
CA SER H 29 -25.52 26.47 12.11
C SER H 29 -25.32 25.70 10.82
N ASN H 30 -24.10 25.79 10.30
CA ASN H 30 -23.70 25.10 9.09
C ASN H 30 -24.55 25.51 7.89
N THR H 31 -24.80 24.57 6.99
CA THR H 31 -25.44 24.88 5.73
C THR H 31 -26.25 23.69 5.26
N VAL H 32 -26.96 23.89 4.16
CA VAL H 32 -27.88 22.92 3.59
C VAL H 32 -27.44 22.67 2.17
N ASN H 33 -27.93 21.60 1.56
CA ASN H 33 -27.83 21.44 0.13
C ASN H 33 -28.84 20.39 -0.34
N TRP H 34 -29.16 20.42 -1.62
CA TRP H 34 -30.31 19.72 -2.15
C TRP H 34 -29.91 18.65 -3.15
N TYR H 35 -30.49 17.46 -2.99
CA TYR H 35 -30.29 16.38 -3.93
C TYR H 35 -31.60 16.00 -4.59
N GLN H 36 -31.53 15.67 -5.88
CA GLN H 36 -32.72 15.25 -6.60
C GLN H 36 -32.51 13.81 -7.02
N GLN H 37 -33.40 12.93 -6.60
CA GLN H 37 -33.27 11.52 -6.95
C GLN H 37 -34.38 10.97 -7.83
N LEU H 38 -34.05 10.67 -9.08
CA LEU H 38 -35.00 10.08 -10.01
C LEU H 38 -35.26 8.64 -9.55
N PRO H 39 -36.47 8.15 -9.77
CA PRO H 39 -36.76 6.79 -9.31
C PRO H 39 -35.87 5.74 -9.96
N GLY H 40 -35.39 4.81 -9.15
CA GLY H 40 -34.55 3.72 -9.62
C GLY H 40 -33.08 4.03 -9.80
N THR H 41 -32.65 5.23 -9.44
CA THR H 41 -31.25 5.61 -9.58
C THR H 41 -30.73 6.34 -8.36
N ALA H 42 -29.43 6.61 -8.35
CA ALA H 42 -28.82 7.33 -7.25
C ALA H 42 -29.20 8.81 -7.25
N PRO H 43 -28.95 9.52 -6.13
CA PRO H 43 -29.35 10.92 -6.06
C PRO H 43 -28.41 11.78 -6.88
N LYS H 44 -28.86 12.99 -7.19
CA LYS H 44 -28.08 13.92 -8.00
C LYS H 44 -28.11 15.28 -7.31
N LEU H 45 -27.04 16.05 -7.48
CA LEU H 45 -26.86 17.26 -6.68
C LEU H 45 -27.43 18.48 -7.37
N LEU H 46 -28.48 19.04 -6.80
CA LEU H 46 -29.07 20.24 -7.39
C LEU H 46 -28.38 21.49 -6.87
N ILE H 47 -28.65 21.81 -5.61
CA ILE H 47 -28.11 22.99 -4.95
C ILE H 47 -27.22 22.63 -3.76
N PHE H 48 -26.05 23.24 -3.66
CA PHE H 48 -25.16 22.98 -2.53
C PHE H 48 -24.69 24.28 -1.88
N ILE H 49 -24.34 24.20 -0.60
CA ILE H 49 -23.89 25.37 0.16
C ILE H 49 -24.91 26.51 0.12
N ASN H 50 -26.17 26.12 0.34
CA ASN H 50 -27.37 26.96 0.41
C ASN H 50 -27.90 27.61 -0.87
N ASN H 51 -27.12 28.48 -1.49
CA ASN H 51 -27.61 29.14 -2.70
C ASN H 51 -26.86 28.89 -3.99
N GLN H 52 -25.77 28.14 -3.92
CA GLN H 52 -25.00 27.88 -5.12
C GLN H 52 -25.41 26.59 -5.77
N ARG H 53 -25.05 26.41 -7.03
CA ARG H 53 -25.38 25.15 -7.69
C ARG H 53 -24.35 24.79 -8.76
N PRO H 54 -24.28 23.50 -9.10
CA PRO H 54 -23.38 22.87 -10.07
C PRO H 54 -23.65 23.33 -11.49
N SER H 55 -22.64 23.23 -12.34
CA SER H 55 -22.74 23.66 -13.73
C SER H 55 -23.78 22.87 -14.52
N GLY H 56 -23.86 21.56 -14.26
CA GLY H 56 -24.80 20.72 -14.96
C GLY H 56 -26.24 21.13 -14.70
N VAL H 57 -26.53 21.49 -13.46
CA VAL H 57 -27.88 21.89 -13.08
C VAL H 57 -28.32 23.15 -13.83
N PRO H 58 -29.59 23.20 -14.20
CA PRO H 58 -30.25 24.30 -14.92
C PRO H 58 -30.41 25.54 -14.05
N ASP H 59 -30.51 26.69 -14.69
CA ASP H 59 -30.66 27.98 -14.02
C ASP H 59 -31.92 28.12 -13.17
N ARG H 60 -33.02 27.51 -13.60
CA ARG H 60 -34.27 27.66 -12.88
C ARG H 60 -34.21 27.19 -11.43
N PHE H 61 -33.53 26.09 -11.16
CA PHE H 61 -33.44 25.62 -9.78
C PHE H 61 -32.74 26.69 -8.95
N SER H 62 -33.26 26.95 -7.76
CA SER H 62 -32.68 27.96 -6.88
C SER H 62 -32.69 27.52 -5.41
N GLY H 63 -31.76 28.07 -4.63
CA GLY H 63 -31.67 27.73 -3.23
C GLY H 63 -31.59 28.95 -2.33
N SER H 64 -31.90 28.78 -1.05
CA SER H 64 -31.86 29.87 -0.09
C SER H 64 -31.82 29.30 1.32
N LYS H 65 -31.33 30.09 2.26
CA LYS H 65 -31.36 29.71 3.67
C LYS H 65 -31.63 30.95 4.51
N SER H 66 -32.59 30.85 5.41
CA SER H 66 -32.91 31.95 6.33
C SER H 66 -33.08 31.38 7.72
N GLY H 67 -32.20 31.79 8.62
CA GLY H 67 -32.31 31.32 9.99
C GLY H 67 -32.22 29.82 10.05
N THR H 68 -33.21 29.20 10.68
CA THR H 68 -33.27 27.74 10.80
C THR H 68 -34.11 27.08 9.72
N SER H 69 -34.56 27.83 8.71
CA SER H 69 -35.33 27.23 7.62
C SER H 69 -34.66 27.56 6.30
N ALA H 70 -34.48 26.55 5.47
CA ALA H 70 -33.95 26.72 4.13
C ALA H 70 -35.01 26.25 3.14
N SER H 71 -34.94 26.76 1.92
CA SER H 71 -35.96 26.50 0.92
C SER H 71 -35.32 26.35 -0.45
N LEU H 72 -35.78 25.35 -1.19
CA LEU H 72 -35.43 25.17 -2.59
C LEU H 72 -36.50 25.82 -3.44
N ALA H 73 -36.10 26.43 -4.53
CA ALA H 73 -37.02 27.10 -5.43
C ALA H 73 -36.84 26.59 -6.85
N ILE H 74 -37.94 26.17 -7.47
CA ILE H 74 -37.96 25.75 -8.85
C ILE H 74 -38.81 26.74 -9.63
N SER H 75 -38.19 27.40 -10.60
CA SER H 75 -38.92 28.28 -11.49
C SER H 75 -39.17 27.56 -12.79
N GLY H 76 -40.32 27.83 -13.40
CA GLY H 76 -40.61 27.25 -14.69
C GLY H 76 -40.66 25.73 -14.65
N LEU H 77 -41.50 25.19 -13.78
CA LEU H 77 -41.58 23.75 -13.58
C LEU H 77 -41.80 23.02 -14.90
N GLN H 78 -41.17 21.87 -15.05
CA GLN H 78 -41.27 21.08 -16.26
C GLN H 78 -41.55 19.63 -15.89
N SER H 79 -41.91 18.84 -16.90
CA SER H 79 -42.20 17.43 -16.66
C SER H 79 -40.96 16.67 -16.21
N GLU H 80 -39.79 17.11 -16.66
CA GLU H 80 -38.55 16.43 -16.28
C GLU H 80 -38.25 16.62 -14.81
N ASP H 81 -38.94 17.55 -14.16
CA ASP H 81 -38.62 17.89 -12.79
C ASP H 81 -39.40 17.04 -11.79
N GLU H 82 -40.13 16.05 -12.28
CA GLU H 82 -40.88 15.19 -11.37
C GLU H 82 -39.97 14.13 -10.81
N ALA H 83 -39.73 14.18 -9.51
CA ALA H 83 -38.71 13.38 -8.87
C ALA H 83 -38.82 13.52 -7.36
N ASP H 84 -37.87 12.92 -6.67
CA ASP H 84 -37.78 13.07 -5.23
C ASP H 84 -36.69 14.07 -4.85
N TYR H 85 -36.91 14.78 -3.76
CA TYR H 85 -36.02 15.85 -3.34
C TYR H 85 -35.71 15.76 -1.87
N TYR H 86 -34.44 15.86 -1.53
CA TYR H 86 -33.97 15.81 -0.17
C TYR H 86 -33.12 17.05 0.11
N CYS H 87 -33.19 17.56 1.34
CA CYS H 87 -32.24 18.58 1.77
C CYS H 87 -31.36 17.93 2.83
N THR H 88 -30.08 18.21 2.76
CA THR H 88 -29.09 17.54 3.60
C THR H 88 -28.25 18.59 4.31
N THR H 89 -27.88 18.30 5.56
CA THR H 89 -27.02 19.20 6.30
C THR H 89 -26.22 18.44 7.32
N TRP H 90 -25.08 19.01 7.69
CA TRP H 90 -24.33 18.53 8.83
C TRP H 90 -25.08 18.88 10.10
N ASP H 91 -24.78 18.16 11.18
CA ASP H 91 -25.39 18.45 12.46
C ASP H 91 -24.33 18.46 13.54
N GLY H 92 -24.18 19.58 14.22
CA GLY H 92 -23.15 19.69 15.24
C GLY H 92 -23.44 18.83 16.45
N SER H 93 -24.73 18.65 16.76
CA SER H 93 -25.07 17.82 17.90
C SER H 93 -24.74 16.37 17.64
N LEU H 94 -25.12 15.86 16.47
CA LEU H 94 -24.88 14.47 16.16
C LEU H 94 -23.49 14.25 15.60
N ASN H 95 -22.82 15.32 15.20
CA ASN H 95 -21.52 15.22 14.54
C ASN H 95 -21.60 14.35 13.30
N GLY H 96 -22.55 14.66 12.43
CA GLY H 96 -22.72 13.91 11.20
C GLY H 96 -23.76 14.55 10.32
N TYR H 97 -24.06 13.90 9.21
CA TYR H 97 -25.05 14.41 8.29
C TYR H 97 -26.45 13.99 8.68
N VAL H 98 -27.43 14.79 8.29
CA VAL H 98 -28.82 14.51 8.59
C VAL H 98 -29.62 14.70 7.31
N PHE H 99 -30.49 13.74 7.00
CA PHE H 99 -31.27 13.83 5.79
C PHE H 99 -32.72 14.15 6.09
N GLY H 100 -33.25 15.15 5.39
CA GLY H 100 -34.64 15.53 5.53
C GLY H 100 -35.52 14.49 4.87
N THR H 101 -36.77 14.37 5.32
CA THR H 101 -37.67 13.40 4.72
C THR H 101 -37.90 13.78 3.27
N ARG H 102 -37.97 12.78 2.40
CA ARG H 102 -38.13 13.03 0.96
C ARG H 102 -39.43 13.71 0.58
N THR H 103 -39.33 14.61 -0.39
CA THR H 103 -40.48 15.34 -0.91
C THR H 103 -40.64 15.00 -2.38
N GLU H 104 -41.85 14.64 -2.78
CA GLU H 104 -42.11 14.28 -4.17
C GLU H 104 -42.70 15.44 -4.96
N VAL H 105 -42.28 15.56 -6.22
CA VAL H 105 -42.78 16.61 -7.08
C VAL H 105 -43.61 15.99 -8.18
N THR H 106 -44.85 16.45 -8.30
CA THR H 106 -45.76 15.92 -9.29
C THR H 106 -46.31 17.02 -10.19
N VAL H 107 -46.10 16.87 -11.49
CA VAL H 107 -46.58 17.85 -12.45
C VAL H 107 -48.08 17.64 -12.67
N LEU H 108 -48.84 18.73 -12.64
CA LEU H 108 -50.28 18.63 -12.86
C LEU H 108 -50.66 19.15 -14.24
#